data_3Q5X
# 
_entry.id   3Q5X 
# 
_audit_conform.dict_name       mmcif_pdbx.dic 
_audit_conform.dict_version    5.379 
_audit_conform.dict_location   http://mmcif.pdb.org/dictionaries/ascii/mmcif_pdbx.dic 
# 
loop_
_database_2.database_id 
_database_2.database_code 
_database_2.pdbx_database_accession 
_database_2.pdbx_DOI 
PDB   3Q5X         pdb_00003q5x 10.2210/pdb3q5x/pdb 
RCSB  RCSB063234   ?            ?                   
WWPDB D_1000063234 ?            ?                   
# 
_pdbx_database_related.db_name        PDB 
_pdbx_database_related.db_id          3Q5W 
_pdbx_database_related.details        'cut8 tether P1 space group' 
_pdbx_database_related.content_type   unspecified 
# 
_pdbx_database_status.status_code                     REL 
_pdbx_database_status.entry_id                        3Q5X 
_pdbx_database_status.recvd_initial_deposition_date   2010-12-30 
_pdbx_database_status.deposit_site                    RCSB 
_pdbx_database_status.process_site                    RCSB 
_pdbx_database_status.status_code_sf                  REL 
_pdbx_database_status.status_code_mr                  ? 
_pdbx_database_status.SG_entry                        ? 
_pdbx_database_status.status_code_cs                  ? 
_pdbx_database_status.pdb_format_compatible           Y 
_pdbx_database_status.status_code_nmr_data            ? 
_pdbx_database_status.methods_development_category    ? 
# 
_audit_author.name           'Schumacher, M.A.' 
_audit_author.pdbx_ordinal   1 
# 
_citation.id                        primary 
_citation.title                     'Structure of Proteasome Tether' 
_citation.journal_abbrev            'To be Published' 
_citation.journal_volume            ? 
_citation.page_first                ? 
_citation.page_last                 ? 
_citation.year                      ? 
_citation.journal_id_ASTM           ? 
_citation.country                   ? 
_citation.journal_id_ISSN           ? 
_citation.journal_id_CSD            0353 
_citation.book_publisher            ? 
_citation.pdbx_database_id_PubMed   ? 
_citation.pdbx_database_id_DOI      ? 
# 
loop_
_citation_author.citation_id 
_citation_author.name 
_citation_author.ordinal 
_citation_author.identifier_ORCID 
primary 'Schumacher, M.A.' 1 ? 
primary 'Glover, T.'       2 ? 
primary 'Weijun, X.'       3 ? 
# 
_cell.entry_id           3Q5X 
_cell.length_a           143.440 
_cell.length_b           36.200 
_cell.length_c           53.990 
_cell.angle_alpha        90.00 
_cell.angle_beta         108.17 
_cell.angle_gamma        90.00 
_cell.Z_PDB              4 
_cell.pdbx_unique_axis   ? 
_cell.length_a_esd       ? 
_cell.length_b_esd       ? 
_cell.length_c_esd       ? 
_cell.angle_alpha_esd    ? 
_cell.angle_beta_esd     ? 
_cell.angle_gamma_esd    ? 
# 
_symmetry.entry_id                         3Q5X 
_symmetry.space_group_name_H-M             'C 1 2 1' 
_symmetry.pdbx_full_space_group_name_H-M   ? 
_symmetry.cell_setting                     ? 
_symmetry.Int_Tables_number                5 
_symmetry.space_group_name_Hall            ? 
# 
loop_
_entity.id 
_entity.type 
_entity.src_method 
_entity.pdbx_description 
_entity.formula_weight 
_entity.pdbx_number_of_molecules 
_entity.pdbx_ec 
_entity.pdbx_mutation 
_entity.pdbx_fragment 
_entity.details 
1 polymer man 'Protein cut8' 28463.439 1 ? ? 'UNP residues 1-225' ? 
2 water   nat water          18.015    1 ? ? ?                    ? 
# 
_entity_name_com.entity_id   1 
_entity_name_com.name        'Cell untimely torn protein 8' 
# 
_entity_poly.entity_id                      1 
_entity_poly.type                           'polypeptide(L)' 
_entity_poly.nstd_linkage                   no 
_entity_poly.nstd_monomer                   no 
_entity_poly.pdbx_seq_one_letter_code       
;MGSSHHHHHHSSGLVPRGSHMETLSYSQIKKRKADFDEDISKRARQLPVGEQLPLSRLLQYSDKQQLFTILLQCVEKHPD
LARDIRGILPAPSMDTCVETLRKLLINLNDSFPYGGDKRGDYAFNRIREKYMAVLHALNDMVPCYLPPYSTCFEKNITFL
DAATNVVHELPEFHNPNHNVYKSQAYYELTGAWLVVLRQLEDRPVVPLLPLEELEEHNKTSQNRMEEALNYLKQLQKNEP
LVHER
;
_entity_poly.pdbx_seq_one_letter_code_can   
;MGSSHHHHHHSSGLVPRGSHMETLSYSQIKKRKADFDEDISKRARQLPVGEQLPLSRLLQYSDKQQLFTILLQCVEKHPD
LARDIRGILPAPSMDTCVETLRKLLINLNDSFPYGGDKRGDYAFNRIREKYMAVLHALNDMVPCYLPPYSTCFEKNITFL
DAATNVVHELPEFHNPNHNVYKSQAYYELTGAWLVVLRQLEDRPVVPLLPLEELEEHNKTSQNRMEEALNYLKQLQKNEP
LVHER
;
_entity_poly.pdbx_strand_id                 A 
_entity_poly.pdbx_target_identifier         ? 
# 
loop_
_entity_poly_seq.entity_id 
_entity_poly_seq.num 
_entity_poly_seq.mon_id 
_entity_poly_seq.hetero 
1 1   MET n 
1 2   GLY n 
1 3   SER n 
1 4   SER n 
1 5   HIS n 
1 6   HIS n 
1 7   HIS n 
1 8   HIS n 
1 9   HIS n 
1 10  HIS n 
1 11  SER n 
1 12  SER n 
1 13  GLY n 
1 14  LEU n 
1 15  VAL n 
1 16  PRO n 
1 17  ARG n 
1 18  GLY n 
1 19  SER n 
1 20  HIS n 
1 21  MET n 
1 22  GLU n 
1 23  THR n 
1 24  LEU n 
1 25  SER n 
1 26  TYR n 
1 27  SER n 
1 28  GLN n 
1 29  ILE n 
1 30  LYS n 
1 31  LYS n 
1 32  ARG n 
1 33  LYS n 
1 34  ALA n 
1 35  ASP n 
1 36  PHE n 
1 37  ASP n 
1 38  GLU n 
1 39  ASP n 
1 40  ILE n 
1 41  SER n 
1 42  LYS n 
1 43  ARG n 
1 44  ALA n 
1 45  ARG n 
1 46  GLN n 
1 47  LEU n 
1 48  PRO n 
1 49  VAL n 
1 50  GLY n 
1 51  GLU n 
1 52  GLN n 
1 53  LEU n 
1 54  PRO n 
1 55  LEU n 
1 56  SER n 
1 57  ARG n 
1 58  LEU n 
1 59  LEU n 
1 60  GLN n 
1 61  TYR n 
1 62  SER n 
1 63  ASP n 
1 64  LYS n 
1 65  GLN n 
1 66  GLN n 
1 67  LEU n 
1 68  PHE n 
1 69  THR n 
1 70  ILE n 
1 71  LEU n 
1 72  LEU n 
1 73  GLN n 
1 74  CYS n 
1 75  VAL n 
1 76  GLU n 
1 77  LYS n 
1 78  HIS n 
1 79  PRO n 
1 80  ASP n 
1 81  LEU n 
1 82  ALA n 
1 83  ARG n 
1 84  ASP n 
1 85  ILE n 
1 86  ARG n 
1 87  GLY n 
1 88  ILE n 
1 89  LEU n 
1 90  PRO n 
1 91  ALA n 
1 92  PRO n 
1 93  SER n 
1 94  MET n 
1 95  ASP n 
1 96  THR n 
1 97  CYS n 
1 98  VAL n 
1 99  GLU n 
1 100 THR n 
1 101 LEU n 
1 102 ARG n 
1 103 LYS n 
1 104 LEU n 
1 105 LEU n 
1 106 ILE n 
1 107 ASN n 
1 108 LEU n 
1 109 ASN n 
1 110 ASP n 
1 111 SER n 
1 112 PHE n 
1 113 PRO n 
1 114 TYR n 
1 115 GLY n 
1 116 GLY n 
1 117 ASP n 
1 118 LYS n 
1 119 ARG n 
1 120 GLY n 
1 121 ASP n 
1 122 TYR n 
1 123 ALA n 
1 124 PHE n 
1 125 ASN n 
1 126 ARG n 
1 127 ILE n 
1 128 ARG n 
1 129 GLU n 
1 130 LYS n 
1 131 TYR n 
1 132 MET n 
1 133 ALA n 
1 134 VAL n 
1 135 LEU n 
1 136 HIS n 
1 137 ALA n 
1 138 LEU n 
1 139 ASN n 
1 140 ASP n 
1 141 MET n 
1 142 VAL n 
1 143 PRO n 
1 144 CYS n 
1 145 TYR n 
1 146 LEU n 
1 147 PRO n 
1 148 PRO n 
1 149 TYR n 
1 150 SER n 
1 151 THR n 
1 152 CYS n 
1 153 PHE n 
1 154 GLU n 
1 155 LYS n 
1 156 ASN n 
1 157 ILE n 
1 158 THR n 
1 159 PHE n 
1 160 LEU n 
1 161 ASP n 
1 162 ALA n 
1 163 ALA n 
1 164 THR n 
1 165 ASN n 
1 166 VAL n 
1 167 VAL n 
1 168 HIS n 
1 169 GLU n 
1 170 LEU n 
1 171 PRO n 
1 172 GLU n 
1 173 PHE n 
1 174 HIS n 
1 175 ASN n 
1 176 PRO n 
1 177 ASN n 
1 178 HIS n 
1 179 ASN n 
1 180 VAL n 
1 181 TYR n 
1 182 LYS n 
1 183 SER n 
1 184 GLN n 
1 185 ALA n 
1 186 TYR n 
1 187 TYR n 
1 188 GLU n 
1 189 LEU n 
1 190 THR n 
1 191 GLY n 
1 192 ALA n 
1 193 TRP n 
1 194 LEU n 
1 195 VAL n 
1 196 VAL n 
1 197 LEU n 
1 198 ARG n 
1 199 GLN n 
1 200 LEU n 
1 201 GLU n 
1 202 ASP n 
1 203 ARG n 
1 204 PRO n 
1 205 VAL n 
1 206 VAL n 
1 207 PRO n 
1 208 LEU n 
1 209 LEU n 
1 210 PRO n 
1 211 LEU n 
1 212 GLU n 
1 213 GLU n 
1 214 LEU n 
1 215 GLU n 
1 216 GLU n 
1 217 HIS n 
1 218 ASN n 
1 219 LYS n 
1 220 THR n 
1 221 SER n 
1 222 GLN n 
1 223 ASN n 
1 224 ARG n 
1 225 MET n 
1 226 GLU n 
1 227 GLU n 
1 228 ALA n 
1 229 LEU n 
1 230 ASN n 
1 231 TYR n 
1 232 LEU n 
1 233 LYS n 
1 234 GLN n 
1 235 LEU n 
1 236 GLN n 
1 237 LYS n 
1 238 ASN n 
1 239 GLU n 
1 240 PRO n 
1 241 LEU n 
1 242 VAL n 
1 243 HIS n 
1 244 GLU n 
1 245 ARG n 
# 
_entity_src_gen.entity_id                          1 
_entity_src_gen.pdbx_src_id                        1 
_entity_src_gen.pdbx_alt_source_flag               sample 
_entity_src_gen.pdbx_seq_type                      ? 
_entity_src_gen.pdbx_beg_seq_num                   ? 
_entity_src_gen.pdbx_end_seq_num                   ? 
_entity_src_gen.gene_src_common_name               'Fission yeast' 
_entity_src_gen.gene_src_genus                     ? 
_entity_src_gen.pdbx_gene_src_gene                 'cut8, SPAC17C9.13c' 
_entity_src_gen.gene_src_species                   ? 
_entity_src_gen.gene_src_strain                    ? 
_entity_src_gen.gene_src_tissue                    ? 
_entity_src_gen.gene_src_tissue_fraction           ? 
_entity_src_gen.gene_src_details                   ? 
_entity_src_gen.pdbx_gene_src_fragment             ? 
_entity_src_gen.pdbx_gene_src_scientific_name      'Schizosaccharomyces pombe' 
_entity_src_gen.pdbx_gene_src_ncbi_taxonomy_id     4896 
_entity_src_gen.pdbx_gene_src_variant              ? 
_entity_src_gen.pdbx_gene_src_cell_line            ? 
_entity_src_gen.pdbx_gene_src_atcc                 ? 
_entity_src_gen.pdbx_gene_src_organ                ? 
_entity_src_gen.pdbx_gene_src_organelle            ? 
_entity_src_gen.pdbx_gene_src_cell                 ? 
_entity_src_gen.pdbx_gene_src_cellular_location    ? 
_entity_src_gen.host_org_common_name               ? 
_entity_src_gen.pdbx_host_org_scientific_name      'Escherichia coli' 
_entity_src_gen.pdbx_host_org_ncbi_taxonomy_id     469008 
_entity_src_gen.host_org_genus                     ? 
_entity_src_gen.pdbx_host_org_gene                 ? 
_entity_src_gen.pdbx_host_org_organ                ? 
_entity_src_gen.host_org_species                   ? 
_entity_src_gen.pdbx_host_org_tissue               ? 
_entity_src_gen.pdbx_host_org_tissue_fraction      ? 
_entity_src_gen.pdbx_host_org_strain               'BL21(DE3)' 
_entity_src_gen.pdbx_host_org_variant              ? 
_entity_src_gen.pdbx_host_org_cell_line            ? 
_entity_src_gen.pdbx_host_org_atcc                 ? 
_entity_src_gen.pdbx_host_org_culture_collection   ? 
_entity_src_gen.pdbx_host_org_cell                 ? 
_entity_src_gen.pdbx_host_org_organelle            ? 
_entity_src_gen.pdbx_host_org_cellular_location    ? 
_entity_src_gen.pdbx_host_org_vector_type          PLASMID 
_entity_src_gen.pdbx_host_org_vector               ? 
_entity_src_gen.host_org_details                   ? 
_entity_src_gen.expression_system_id               ? 
_entity_src_gen.plasmid_name                       PET15B 
_entity_src_gen.plasmid_details                    ? 
_entity_src_gen.pdbx_description                   ? 
# 
_struct_ref.id                         1 
_struct_ref.db_name                    UNP 
_struct_ref.db_code                    CUT8_SCHPO 
_struct_ref.pdbx_db_accession          P38937 
_struct_ref.entity_id                  1 
_struct_ref.pdbx_seq_one_letter_code   
;METLSYSQIKKRKADFDEDISKRARQLPVGEQLPLSRLLQYSDKQQLFTILLQCVEKHPDLARDIRGILPAPSMDTCVET
LRKLLINLNDSFPYGGDKRGDYAFNRIREKYMAVLHALNDMVPCYLPPYSTCFEKNITFLDAATNVVHELPEFHNPNHNV
YKSQAYYELTGAWLVVLRQLEDRPVVPLLPLEELEEHNKTSQNRMEEALNYLKQLQKNEPLVHER
;
_struct_ref.pdbx_align_begin           1 
_struct_ref.pdbx_db_isoform            ? 
# 
_struct_ref_seq.align_id                      1 
_struct_ref_seq.ref_id                        1 
_struct_ref_seq.pdbx_PDB_id_code              3Q5X 
_struct_ref_seq.pdbx_strand_id                A 
_struct_ref_seq.seq_align_beg                 21 
_struct_ref_seq.pdbx_seq_align_beg_ins_code   ? 
_struct_ref_seq.seq_align_end                 245 
_struct_ref_seq.pdbx_seq_align_end_ins_code   ? 
_struct_ref_seq.pdbx_db_accession             P38937 
_struct_ref_seq.db_align_beg                  1 
_struct_ref_seq.pdbx_db_align_beg_ins_code    ? 
_struct_ref_seq.db_align_end                  225 
_struct_ref_seq.pdbx_db_align_end_ins_code    ? 
_struct_ref_seq.pdbx_auth_seq_align_beg       1 
_struct_ref_seq.pdbx_auth_seq_align_end       225 
# 
loop_
_struct_ref_seq_dif.align_id 
_struct_ref_seq_dif.pdbx_pdb_id_code 
_struct_ref_seq_dif.mon_id 
_struct_ref_seq_dif.pdbx_pdb_strand_id 
_struct_ref_seq_dif.seq_num 
_struct_ref_seq_dif.pdbx_pdb_ins_code 
_struct_ref_seq_dif.pdbx_seq_db_name 
_struct_ref_seq_dif.pdbx_seq_db_accession_code 
_struct_ref_seq_dif.db_mon_id 
_struct_ref_seq_dif.pdbx_seq_db_seq_num 
_struct_ref_seq_dif.details 
_struct_ref_seq_dif.pdbx_auth_seq_num 
_struct_ref_seq_dif.pdbx_ordinal 
1 3Q5X MET A 1  ? UNP P38937 ? ? 'expression tag' -19 1  
1 3Q5X GLY A 2  ? UNP P38937 ? ? 'expression tag' -18 2  
1 3Q5X SER A 3  ? UNP P38937 ? ? 'expression tag' -17 3  
1 3Q5X SER A 4  ? UNP P38937 ? ? 'expression tag' -16 4  
1 3Q5X HIS A 5  ? UNP P38937 ? ? 'expression tag' -15 5  
1 3Q5X HIS A 6  ? UNP P38937 ? ? 'expression tag' -14 6  
1 3Q5X HIS A 7  ? UNP P38937 ? ? 'expression tag' -13 7  
1 3Q5X HIS A 8  ? UNP P38937 ? ? 'expression tag' -12 8  
1 3Q5X HIS A 9  ? UNP P38937 ? ? 'expression tag' -11 9  
1 3Q5X HIS A 10 ? UNP P38937 ? ? 'expression tag' -10 10 
1 3Q5X SER A 11 ? UNP P38937 ? ? 'expression tag' -9  11 
1 3Q5X SER A 12 ? UNP P38937 ? ? 'expression tag' -8  12 
1 3Q5X GLY A 13 ? UNP P38937 ? ? 'expression tag' -7  13 
1 3Q5X LEU A 14 ? UNP P38937 ? ? 'expression tag' -6  14 
1 3Q5X VAL A 15 ? UNP P38937 ? ? 'expression tag' -5  15 
1 3Q5X PRO A 16 ? UNP P38937 ? ? 'expression tag' -4  16 
1 3Q5X ARG A 17 ? UNP P38937 ? ? 'expression tag' -3  17 
1 3Q5X GLY A 18 ? UNP P38937 ? ? 'expression tag' -2  18 
1 3Q5X SER A 19 ? UNP P38937 ? ? 'expression tag' -1  19 
1 3Q5X HIS A 20 ? UNP P38937 ? ? 'expression tag' 0   20 
# 
loop_
_chem_comp.id 
_chem_comp.type 
_chem_comp.mon_nstd_flag 
_chem_comp.name 
_chem_comp.pdbx_synonyms 
_chem_comp.formula 
_chem_comp.formula_weight 
ALA 'L-peptide linking' y ALANINE         ? 'C3 H7 N O2'     89.093  
ARG 'L-peptide linking' y ARGININE        ? 'C6 H15 N4 O2 1' 175.209 
ASN 'L-peptide linking' y ASPARAGINE      ? 'C4 H8 N2 O3'    132.118 
ASP 'L-peptide linking' y 'ASPARTIC ACID' ? 'C4 H7 N O4'     133.103 
CYS 'L-peptide linking' y CYSTEINE        ? 'C3 H7 N O2 S'   121.158 
GLN 'L-peptide linking' y GLUTAMINE       ? 'C5 H10 N2 O3'   146.144 
GLU 'L-peptide linking' y 'GLUTAMIC ACID' ? 'C5 H9 N O4'     147.129 
GLY 'peptide linking'   y GLYCINE         ? 'C2 H5 N O2'     75.067  
HIS 'L-peptide linking' y HISTIDINE       ? 'C6 H10 N3 O2 1' 156.162 
HOH non-polymer         . WATER           ? 'H2 O'           18.015  
ILE 'L-peptide linking' y ISOLEUCINE      ? 'C6 H13 N O2'    131.173 
LEU 'L-peptide linking' y LEUCINE         ? 'C6 H13 N O2'    131.173 
LYS 'L-peptide linking' y LYSINE          ? 'C6 H15 N2 O2 1' 147.195 
MET 'L-peptide linking' y METHIONINE      ? 'C5 H11 N O2 S'  149.211 
PHE 'L-peptide linking' y PHENYLALANINE   ? 'C9 H11 N O2'    165.189 
PRO 'L-peptide linking' y PROLINE         ? 'C5 H9 N O2'     115.130 
SER 'L-peptide linking' y SERINE          ? 'C3 H7 N O3'     105.093 
THR 'L-peptide linking' y THREONINE       ? 'C4 H9 N O3'     119.119 
TRP 'L-peptide linking' y TRYPTOPHAN      ? 'C11 H12 N2 O2'  204.225 
TYR 'L-peptide linking' y TYROSINE        ? 'C9 H11 N O3'    181.189 
VAL 'L-peptide linking' y VALINE          ? 'C5 H11 N O2'    117.146 
# 
_exptl.entry_id          3Q5X 
_exptl.method            'X-RAY DIFFRACTION' 
_exptl.crystals_number   1 
# 
_exptl_crystal.id                    1 
_exptl_crystal.density_meas          ? 
_exptl_crystal.density_Matthews      2.24 
_exptl_crystal.density_percent_sol   45.05 
_exptl_crystal.description           ? 
_exptl_crystal.F_000                 ? 
_exptl_crystal.preparation           ? 
# 
_exptl_crystal_grow.crystal_id      1 
_exptl_crystal_grow.method          'VAPOR DIFFUSION, HANGING DROP' 
_exptl_crystal_grow.temp            298 
_exptl_crystal_grow.temp_details    ? 
_exptl_crystal_grow.pH              7.0 
_exptl_crystal_grow.pdbx_pH_range   ? 
_exptl_crystal_grow.pdbx_details    '2 M AMMONIUM SULFATE, PH 7.0, VAPOR DIFFUSION, HANGING DROP, TEMPERATURE 298K' 
# 
_diffrn.id                     1 
_diffrn.ambient_temp           ? 
_diffrn.ambient_temp_details   ? 
_diffrn.crystal_id             1 
# 
_diffrn_detector.diffrn_id              1 
_diffrn_detector.detector               'IMAGE PLATE' 
_diffrn_detector.type                   'RIGAKU RAXIS HTC' 
_diffrn_detector.pdbx_collection_date   2007-04-12 
_diffrn_detector.details                MIRRORS 
# 
_diffrn_radiation.diffrn_id                        1 
_diffrn_radiation.wavelength_id                    1 
_diffrn_radiation.pdbx_monochromatic_or_laue_m_l   M 
_diffrn_radiation.monochromator                    GRAPOHITE 
_diffrn_radiation.pdbx_diffrn_protocol             'SINGLE WAVELENGTH' 
_diffrn_radiation.pdbx_scattering_type             x-ray 
# 
loop_
_diffrn_radiation_wavelength.id 
_diffrn_radiation_wavelength.wavelength 
_diffrn_radiation_wavelength.wt 
1 1.5418 1.0 
2 0.98   1.0 
# 
_diffrn_source.diffrn_id                   1 
_diffrn_source.source                      'ROTATING ANODE' 
_diffrn_source.type                        'RIGAKU FR-E SUPERBRIGHT' 
_diffrn_source.pdbx_synchrotron_site       ? 
_diffrn_source.pdbx_synchrotron_beamline   ? 
_diffrn_source.pdbx_wavelength             1.5418 
_diffrn_source.pdbx_wavelength_list        0.98 
# 
_reflns.pdbx_diffrn_id               1 
_reflns.pdbx_ordinal                 1 
_reflns.entry_id                     3Q5X 
_reflns.observed_criterion_sigma_I   0.000 
_reflns.observed_criterion_sigma_F   0 
_reflns.d_resolution_low             49.000 
_reflns.d_resolution_high            2.980 
_reflns.number_obs                   5346 
_reflns.number_all                   ? 
_reflns.percent_possible_obs         95.6 
_reflns.pdbx_Rmerge_I_obs            0.07000 
_reflns.pdbx_Rsym_value              0.06000 
_reflns.pdbx_netI_over_sigmaI        10.0000 
_reflns.B_iso_Wilson_estimate        1.2 
_reflns.pdbx_redundancy              2.000 
_reflns.R_free_details               ? 
_reflns.limit_h_max                  ? 
_reflns.limit_h_min                  ? 
_reflns.limit_k_max                  ? 
_reflns.limit_k_min                  ? 
_reflns.limit_l_max                  ? 
_reflns.limit_l_min                  ? 
_reflns.observed_criterion_F_max     ? 
_reflns.observed_criterion_F_min     ? 
_reflns.pdbx_chi_squared             ? 
_reflns.pdbx_scaling_rejects         ? 
# 
_refine.pdbx_refine_id                           'X-RAY DIFFRACTION' 
_refine.entry_id                                 3Q5X 
_refine.pdbx_diffrn_id                           1 
_refine.pdbx_TLS_residual_ADP_flag               ? 
_refine.ls_number_reflns_obs                     5346 
_refine.ls_number_reflns_all                     5586 
_refine.pdbx_ls_sigma_I                          ? 
_refine.pdbx_ls_sigma_F                          0.0 
_refine.pdbx_data_cutoff_high_absF               783903.60 
_refine.pdbx_data_cutoff_low_absF                0.000000 
_refine.pdbx_data_cutoff_high_rms_absF           ? 
_refine.ls_d_res_low                             34.99 
_refine.ls_d_res_high                            2.98 
_refine.ls_percent_reflns_obs                    95.7 
_refine.ls_R_factor_obs                          0.262 
_refine.ls_R_factor_all                          ? 
_refine.ls_R_factor_R_work                       0.262 
_refine.ls_R_factor_R_free                       0.295 
_refine.ls_R_factor_R_free_error                 0.013 
_refine.ls_R_factor_R_free_error_details         ? 
_refine.ls_percent_reflns_R_free                 13.9 
_refine.ls_number_reflns_R_free                  742 
_refine.ls_number_parameters                     ? 
_refine.ls_number_restraints                     ? 
_refine.occupancy_min                            ? 
_refine.occupancy_max                            ? 
_refine.correlation_coeff_Fo_to_Fc               ? 
_refine.correlation_coeff_Fo_to_Fc_free          ? 
_refine.B_iso_mean                               74.0 
_refine.aniso_B[1][1]                            -25.73 
_refine.aniso_B[2][2]                            36.74 
_refine.aniso_B[3][3]                            -11.01 
_refine.aniso_B[1][2]                            0.00 
_refine.aniso_B[1][3]                            3.60 
_refine.aniso_B[2][3]                            0.00 
_refine.solvent_model_details                    'FLAT MODEL' 
_refine.solvent_model_param_ksol                 0.35 
_refine.solvent_model_param_bsol                 48.2785 
_refine.pdbx_solvent_vdw_probe_radii             ? 
_refine.pdbx_solvent_ion_probe_radii             ? 
_refine.pdbx_solvent_shrinkage_radii             ? 
_refine.pdbx_ls_cross_valid_method               THROUGHOUT 
_refine.details                                  
;BULK SOLVENT MODEL USED. THE AUTHORS USED A SIGMA CUTOFF FOR REFINEMENT OF (3 TIMES RES RANGE 40-2.98), WHICH AIDED IN DIMINISHING AFFECTS FROM ANISTOTROPY. THE DATA WERE QUITE WEAK (COLLECTED IN HOUSE) BUT THE REFLECTIONS AT THIS SIGMA WERE QUITE STRONG.
;
_refine.pdbx_starting_model                      'PDB entry 3KRH' 
_refine.pdbx_method_to_determine_struct          'MOLECULAR REPLACEMENT' 
_refine.pdbx_isotropic_thermal_model             RESTRAINED 
_refine.pdbx_stereochemistry_target_values       'Engh & Huber' 
_refine.pdbx_stereochem_target_val_spec_case     ? 
_refine.pdbx_R_Free_selection_details            RANDOM 
_refine.pdbx_overall_ESU_R_Free                  ? 
_refine.overall_SU_ML                            ? 
_refine.pdbx_overall_phase_error                 ? 
_refine.overall_SU_B                             ? 
_refine.overall_SU_R_Cruickshank_DPI             ? 
_refine.pdbx_overall_SU_R_free_Cruickshank_DPI   ? 
_refine.pdbx_overall_SU_R_Blow_DPI               ? 
_refine.pdbx_overall_SU_R_free_Blow_DPI          ? 
_refine.ls_redundancy_reflns_obs                 ? 
_refine.B_iso_min                                ? 
_refine.B_iso_max                                ? 
_refine.overall_SU_R_free                        ? 
_refine.ls_wR_factor_R_free                      ? 
_refine.ls_wR_factor_R_work                      ? 
_refine.overall_FOM_free_R_set                   ? 
_refine.overall_FOM_work_R_set                   ? 
_refine.pdbx_overall_ESU_R                       ? 
# 
_refine_analyze.pdbx_refine_id                  'X-RAY DIFFRACTION' 
_refine_analyze.entry_id                        3Q5X 
_refine_analyze.Luzzati_coordinate_error_obs    0.59 
_refine_analyze.Luzzati_sigma_a_obs             0.53 
_refine_analyze.Luzzati_d_res_low_obs           5.00 
_refine_analyze.Luzzati_coordinate_error_free   0.68 
_refine_analyze.Luzzati_sigma_a_free            0.37 
_refine_analyze.Luzzati_d_res_low_free          ? 
_refine_analyze.number_disordered_residues      ? 
_refine_analyze.occupancy_sum_hydrogen          ? 
_refine_analyze.occupancy_sum_non_hydrogen      ? 
_refine_analyze.pdbx_Luzzati_d_res_high_obs     ? 
# 
_refine_hist.pdbx_refine_id                   'X-RAY DIFFRACTION' 
_refine_hist.cycle_id                         LAST 
_refine_hist.pdbx_number_atoms_protein        1569 
_refine_hist.pdbx_number_atoms_nucleic_acid   0 
_refine_hist.pdbx_number_atoms_ligand         0 
_refine_hist.number_atoms_solvent             1 
_refine_hist.number_atoms_total               1570 
_refine_hist.d_res_high                       2.98 
_refine_hist.d_res_low                        34.99 
# 
loop_
_refine_ls_restr.type 
_refine_ls_restr.dev_ideal 
_refine_ls_restr.dev_ideal_target 
_refine_ls_restr.weight 
_refine_ls_restr.number 
_refine_ls_restr.pdbx_refine_id 
_refine_ls_restr.pdbx_restraint_function 
c_bond_d                0.020 ? ? ? 'X-RAY DIFFRACTION' ? 
c_bond_d_na             ?     ? ? ? 'X-RAY DIFFRACTION' ? 
c_bond_d_prot           ?     ? ? ? 'X-RAY DIFFRACTION' ? 
c_angle_d               ?     ? ? ? 'X-RAY DIFFRACTION' ? 
c_angle_d_na            ?     ? ? ? 'X-RAY DIFFRACTION' ? 
c_angle_d_prot          ?     ? ? ? 'X-RAY DIFFRACTION' ? 
c_angle_deg             3.0   ? ? ? 'X-RAY DIFFRACTION' ? 
c_angle_deg_na          ?     ? ? ? 'X-RAY DIFFRACTION' ? 
c_angle_deg_prot        ?     ? ? ? 'X-RAY DIFFRACTION' ? 
c_dihedral_angle_d      22.2  ? ? ? 'X-RAY DIFFRACTION' ? 
c_dihedral_angle_d_na   ?     ? ? ? 'X-RAY DIFFRACTION' ? 
c_dihedral_angle_d_prot ?     ? ? ? 'X-RAY DIFFRACTION' ? 
c_improper_angle_d      2.32  ? ? ? 'X-RAY DIFFRACTION' ? 
c_improper_angle_d_na   ?     ? ? ? 'X-RAY DIFFRACTION' ? 
c_improper_angle_d_prot ?     ? ? ? 'X-RAY DIFFRACTION' ? 
c_mcbond_it             ?     ? ? ? 'X-RAY DIFFRACTION' ? 
c_mcangle_it            ?     ? ? ? 'X-RAY DIFFRACTION' ? 
c_scbond_it             ?     ? ? ? 'X-RAY DIFFRACTION' ? 
c_scangle_it            ?     ? ? ? 'X-RAY DIFFRACTION' ? 
# 
_refine_ls_restr_ncs.pdbx_refine_id      'X-RAY DIFFRACTION' 
_refine_ls_restr_ncs.dom_id              1 
_refine_ls_restr_ncs.ncs_model_details   NONE 
_refine_ls_restr_ncs.rms_dev_position    ? 
_refine_ls_restr_ncs.weight_position     ? 
_refine_ls_restr_ncs.rms_dev_B_iso       ? 
_refine_ls_restr_ncs.weight_B_iso        ? 
_refine_ls_restr_ncs.pdbx_ordinal        1 
_refine_ls_restr_ncs.pdbx_type           . 
_refine_ls_restr_ncs.pdbx_auth_asym_id   . 
_refine_ls_restr_ncs.pdbx_ens_id         1 
_refine_ls_restr_ncs.pdbx_number         ? 
_refine_ls_restr_ncs.pdbx_asym_id        ? 
_refine_ls_restr_ncs.pdbx_rms            ? 
_refine_ls_restr_ncs.pdbx_weight         ? 
# 
_refine_ls_shell.pdbx_refine_id                   'X-RAY DIFFRACTION' 
_refine_ls_shell.pdbx_total_number_of_bins_used   6 
_refine_ls_shell.d_res_high                       2.98 
_refine_ls_shell.d_res_low                        3.17 
_refine_ls_shell.number_reflns_R_work             770 
_refine_ls_shell.R_factor_R_work                  0.377 
_refine_ls_shell.percent_reflns_obs               96.8 
_refine_ls_shell.R_factor_R_free                  0.354 
_refine_ls_shell.R_factor_R_free_error            0.034 
_refine_ls_shell.percent_reflns_R_free            12.4 
_refine_ls_shell.number_reflns_R_free             109 
_refine_ls_shell.number_reflns_all                ? 
_refine_ls_shell.R_factor_all                     ? 
_refine_ls_shell.redundancy_reflns_obs            ? 
_refine_ls_shell.number_reflns_obs                ? 
# 
loop_
_pdbx_xplor_file.pdbx_refine_id 
_pdbx_xplor_file.serial_no 
_pdbx_xplor_file.param_file 
_pdbx_xplor_file.topol_file 
'X-RAY DIFFRACTION' 1 protein_rep.param protein.top 
'X-RAY DIFFRACTION' 2 water_rep.param   water.top   
'X-RAY DIFFRACTION' 3 ion.param         ion.top     
'X-RAY DIFFRACTION' 4 dna-rna_rep.param dna-rna.top 
# 
_struct_ncs_dom.id            1 
_struct_ncs_dom.details       ? 
_struct_ncs_dom.pdbx_ens_id   1 
# 
_struct_ncs_ens.id        1 
_struct_ncs_ens.details   ? 
# 
_struct.entry_id                  3Q5X 
_struct.title                     'Structure of proteasome tether' 
_struct.pdbx_model_details        ? 
_struct.pdbx_CASP_flag            ? 
_struct.pdbx_model_type_details   ? 
# 
_struct_keywords.entry_id        3Q5X 
_struct_keywords.pdbx_keywords   'CELL CYCLE' 
_struct_keywords.text            'nuclear proteasome tether, 26S, CELL CYCLE, novel fold, dimer' 
# 
loop_
_struct_asym.id 
_struct_asym.pdbx_blank_PDB_chainid_flag 
_struct_asym.pdbx_modified 
_struct_asym.entity_id 
_struct_asym.details 
A N N 1 ? 
B N N 2 ? 
# 
_struct_biol.id        1 
_struct_biol.details   ? 
# 
loop_
_struct_conf.conf_type_id 
_struct_conf.id 
_struct_conf.pdbx_PDB_helix_id 
_struct_conf.beg_label_comp_id 
_struct_conf.beg_label_asym_id 
_struct_conf.beg_label_seq_id 
_struct_conf.pdbx_beg_PDB_ins_code 
_struct_conf.end_label_comp_id 
_struct_conf.end_label_asym_id 
_struct_conf.end_label_seq_id 
_struct_conf.pdbx_end_PDB_ins_code 
_struct_conf.beg_auth_comp_id 
_struct_conf.beg_auth_asym_id 
_struct_conf.beg_auth_seq_id 
_struct_conf.end_auth_comp_id 
_struct_conf.end_auth_asym_id 
_struct_conf.end_auth_seq_id 
_struct_conf.pdbx_PDB_helix_class 
_struct_conf.details 
_struct_conf.pdbx_PDB_helix_length 
HELX_P HELX_P1  1  PRO A 54  ? GLN A 60  ? PRO A 34  GLN A 40  1 ? 7  
HELX_P HELX_P2  2  ASP A 63  ? HIS A 78  ? ASP A 43  HIS A 58  1 ? 16 
HELX_P HELX_P3  3  ASP A 80  ? LEU A 89  ? ASP A 60  LEU A 69  1 ? 10 
HELX_P HELX_P4  4  SER A 93  ? SER A 111 ? SER A 73  SER A 91  1 ? 19 
HELX_P HELX_P5  5  GLY A 120 ? TYR A 145 ? GLY A 100 TYR A 125 1 ? 26 
HELX_P HELX_P6  6  CYS A 152 ? GLU A 169 ? CYS A 132 GLU A 149 1 ? 18 
HELX_P HELX_P7  7  ASN A 175 ? HIS A 178 ? ASN A 155 HIS A 158 5 ? 4  
HELX_P HELX_P8  8  ASN A 179 ? GLN A 199 ? ASN A 159 GLN A 179 1 ? 21 
HELX_P HELX_P9  9  PRO A 210 ? SER A 221 ? PRO A 190 SER A 201 1 ? 12 
HELX_P HELX_P10 10 MET A 225 ? GLN A 234 ? MET A 205 GLN A 214 1 ? 10 
# 
_struct_conf_type.id          HELX_P 
_struct_conf_type.criteria    ? 
_struct_conf_type.reference   ? 
# 
_atom_sites.entry_id                    3Q5X 
_atom_sites.fract_transf_matrix[1][1]   0.00369645 
_atom_sites.fract_transf_matrix[1][2]   -0.00585899 
_atom_sites.fract_transf_matrix[1][3]   0.00241913 
_atom_sites.fract_transf_matrix[2][1]   0.01273368 
_atom_sites.fract_transf_matrix[2][2]   0.01577960 
_atom_sites.fract_transf_matrix[2][3]   0.01876014 
_atom_sites.fract_transf_matrix[3][1]   -0.01046987 
_atom_sites.fract_transf_matrix[3][2]   -0.00837519 
_atom_sites.fract_transf_matrix[3][3]   0.01415112 
_atom_sites.fract_transf_vector[1]      0.396144 
_atom_sites.fract_transf_vector[2]      0.041859 
_atom_sites.fract_transf_vector[3]      0.116314 
# 
loop_
_atom_type.symbol 
C 
N 
O 
S 
# 
loop_
_atom_site.group_PDB 
_atom_site.id 
_atom_site.type_symbol 
_atom_site.label_atom_id 
_atom_site.label_alt_id 
_atom_site.label_comp_id 
_atom_site.label_asym_id 
_atom_site.label_entity_id 
_atom_site.label_seq_id 
_atom_site.pdbx_PDB_ins_code 
_atom_site.Cartn_x 
_atom_site.Cartn_y 
_atom_site.Cartn_z 
_atom_site.occupancy 
_atom_site.B_iso_or_equiv 
_atom_site.pdbx_formal_charge 
_atom_site.auth_seq_id 
_atom_site.auth_comp_id 
_atom_site.auth_asym_id 
_atom_site.auth_atom_id 
_atom_site.pdbx_PDB_model_num 
ATOM   1    N N   . ALA A 1 44  ? -1.551  -36.131 54.161  1.00 90.62  ? 24  ALA A N   1 
ATOM   2    C CA  . ALA A 1 44  ? -2.662  -36.758 53.459  1.00 92.23  ? 24  ALA A CA  1 
ATOM   3    C C   . ALA A 1 44  ? -2.687  -36.384 52.018  1.00 95.38  ? 24  ALA A C   1 
ATOM   4    O O   . ALA A 1 44  ? -2.003  -37.011 51.209  1.00 91.39  ? 24  ALA A O   1 
ATOM   5    C CB  . ALA A 1 44  ? -3.978  -36.388 54.101  1.00 90.47  ? 24  ALA A CB  1 
ATOM   6    N N   . ARG A 1 45  ? -3.431  -35.382 51.659  1.00 93.55  ? 25  ARG A N   1 
ATOM   7    C CA  . ARG A 1 45  ? -3.449  -35.149 50.251  1.00 88.66  ? 25  ARG A CA  1 
ATOM   8    C C   . ARG A 1 45  ? -3.786  -33.737 49.941  1.00 86.64  ? 25  ARG A C   1 
ATOM   9    O O   . ARG A 1 45  ? -4.586  -33.108 50.624  1.00 80.11  ? 25  ARG A O   1 
ATOM   10   C CB  . ARG A 1 45  ? -4.469  -36.069 49.606  1.00 86.86  ? 25  ARG A CB  1 
ATOM   11   C CG  . ARG A 1 45  ? -5.711  -36.266 50.456  1.00 78.53  ? 25  ARG A CG  1 
ATOM   12   C CD  . ARG A 1 45  ? -6.946  -36.519 49.617  1.00 79.11  ? 25  ARG A CD  1 
ATOM   13   N NE  . ARG A 1 45  ? -6.717  -36.397 48.178  1.00 77.12  ? 25  ARG A NE  1 
ATOM   14   C CZ  . ARG A 1 45  ? -7.373  -37.140 47.290  1.00 80.83  ? 25  ARG A CZ  1 
ATOM   15   N NH1 . ARG A 1 45  ? -8.262  -38.026 47.691  1.00 83.21  ? 25  ARG A NH1 1 
ATOM   16   N NH2 . ARG A 1 45  ? -7.112  -36.978 46.001  1.00 73.25  ? 25  ARG A NH2 1 
ATOM   17   N N   . GLN A 1 46  ? -3.164  -33.257 48.910  1.00 84.63  ? 26  GLN A N   1 
ATOM   18   C CA  . GLN A 1 46  ? -3.416  -31.924 48.514  1.00 81.28  ? 26  GLN A CA  1 
ATOM   19   C C   . GLN A 1 46  ? -4.729  -31.866 47.775  1.00 79.79  ? 26  GLN A C   1 
ATOM   20   O O   . GLN A 1 46  ? -5.009  -32.686 46.898  1.00 79.34  ? 26  GLN A O   1 
ATOM   21   C CB  . GLN A 1 46  ? -2.265  -31.379 47.655  1.00 83.56  ? 26  GLN A CB  1 
ATOM   22   C CG  . GLN A 1 46  ? -0.858  -31.840 48.090  1.00 81.16  ? 26  GLN A CG  1 
ATOM   23   C CD  . GLN A 1 46  ? 0.264   -31.441 47.119  1.00 84.81  ? 26  GLN A CD  1 
ATOM   24   O OE1 . GLN A 1 46  ? 1.446   -31.427 47.480  1.00 85.19  ? 26  GLN A OE1 1 
ATOM   25   N NE2 . GLN A 1 46  ? -0.109  -31.111 45.885  1.00 82.69  ? 26  GLN A NE2 1 
ATOM   26   N N   . LEU A 1 47  ? -5.552  -30.885 48.124  1.00 76.78  ? 27  LEU A N   1 
ATOM   27   C CA  . LEU A 1 47  ? -6.822  -30.701 47.435  1.00 72.47  ? 27  LEU A CA  1 
ATOM   28   C C   . LEU A 1 47  ? -6.692  -29.446 46.570  1.00 73.06  ? 27  LEU A C   1 
ATOM   29   O O   . LEU A 1 47  ? -6.353  -28.369 47.064  1.00 72.23  ? 27  LEU A O   1 
ATOM   30   C CB  . LEU A 1 47  ? -7.988  -30.558 48.419  1.00 69.09  ? 27  LEU A CB  1 
ATOM   31   C CG  . LEU A 1 47  ? -8.599  -31.871 48.927  1.00 62.95  ? 27  LEU A CG  1 
ATOM   32   C CD1 . LEU A 1 47  ? -7.734  -32.488 50.005  1.00 64.07  ? 27  LEU A CD1 1 
ATOM   33   C CD2 . LEU A 1 47  ? -10.028 -31.633 49.423  1.00 61.66  ? 27  LEU A CD2 1 
ATOM   34   N N   . PRO A 1 48  ? -6.972  -29.569 45.264  1.00 72.70  ? 28  PRO A N   1 
ATOM   35   C CA  . PRO A 1 48  ? -6.881  -28.458 44.311  1.00 69.81  ? 28  PRO A CA  1 
ATOM   36   C C   . PRO A 1 48  ? -7.589  -27.187 44.763  1.00 72.22  ? 28  PRO A C   1 
ATOM   37   O O   . PRO A 1 48  ? -8.613  -27.240 45.444  1.00 71.77  ? 28  PRO A O   1 
ATOM   38   C CB  . PRO A 1 48  ? -7.542  -29.004 43.043  1.00 70.10  ? 28  PRO A CB  1 
ATOM   39   C CG  . PRO A 1 48  ? -8.516  -30.005 43.560  1.00 69.96  ? 28  PRO A CG  1 
ATOM   40   C CD  . PRO A 1 48  ? -7.806  -30.664 44.712  1.00 71.92  ? 28  PRO A CD  1 
ATOM   41   N N   . VAL A 1 49  ? -7.023  -26.049 44.369  1.00 71.72  ? 29  VAL A N   1 
ATOM   42   C CA  . VAL A 1 49  ? -7.557  -24.721 44.691  1.00 71.47  ? 29  VAL A CA  1 
ATOM   43   C C   . VAL A 1 49  ? -8.017  -24.081 43.383  1.00 71.44  ? 29  VAL A C   1 
ATOM   44   O O   . VAL A 1 49  ? -7.201  -23.778 42.525  1.00 72.10  ? 29  VAL A O   1 
ATOM   45   C CB  . VAL A 1 49  ? -6.464  -23.804 45.302  1.00 70.79  ? 29  VAL A CB  1 
ATOM   46   C CG1 . VAL A 1 49  ? -7.113  -22.653 46.056  1.00 73.34  ? 29  VAL A CG1 1 
ATOM   47   C CG2 . VAL A 1 49  ? -5.540  -24.612 46.210  1.00 75.05  ? 29  VAL A CG2 1 
ATOM   48   N N   . GLY A 1 50  ? -9.311  -23.858 43.224  1.00 69.88  ? 30  GLY A N   1 
ATOM   49   C CA  . GLY A 1 50  ? -9.783  -23.255 41.990  1.00 67.27  ? 30  GLY A CA  1 
ATOM   50   C C   . GLY A 1 50  ? -9.198  -21.894 41.645  1.00 66.69  ? 30  GLY A C   1 
ATOM   51   O O   . GLY A 1 50  ? -8.737  -21.167 42.522  1.00 67.87  ? 30  GLY A O   1 
ATOM   52   N N   . GLU A 1 51  ? -9.221  -21.552 40.357  1.00 67.99  ? 31  GLU A N   1 
ATOM   53   C CA  . GLU A 1 51  ? -8.723  -20.263 39.868  1.00 70.17  ? 31  GLU A CA  1 
ATOM   54   C C   . GLU A 1 51  ? -9.184  -20.004 38.436  1.00 71.39  ? 31  GLU A C   1 
ATOM   55   O O   . GLU A 1 51  ? -9.620  -20.916 37.740  1.00 74.78  ? 31  GLU A O   1 
ATOM   56   C CB  . GLU A 1 51  ? -7.197  -20.217 39.888  1.00 69.28  ? 31  GLU A CB  1 
ATOM   57   C CG  . GLU A 1 51  ? -6.311  -21.272 39.181  1.00 72.20  ? 31  GLU A CG  1 
ATOM   58   C CD  . GLU A 1 51  ? -4.886  -20.780 39.379  1.00 71.43  ? 31  GLU A CD  1 
ATOM   59   O OE1 . GLU A 1 51  ? -4.637  -19.576 39.163  1.00 73.26  ? 31  GLU A OE1 1 
ATOM   60   O OE2 . GLU A 1 51  ? -4.019  -21.603 39.752  1.00 72.41  ? 31  GLU A OE2 1 
ATOM   61   N N   . GLN A 1 52  ? -9.087  -18.751 38.004  1.00 71.14  ? 32  GLN A N   1 
ATOM   62   C CA  . GLN A 1 52  ? -9.429  -18.381 36.654  1.00 69.13  ? 32  GLN A CA  1 
ATOM   63   C C   . GLN A 1 52  ? -8.590  -19.223 35.730  1.00 69.67  ? 32  GLN A C   1 
ATOM   64   O O   . GLN A 1 52  ? -7.592  -19.790 36.176  1.00 66.48  ? 32  GLN A O   1 
ATOM   65   C CB  . GLN A 1 52  ? -9.139  -16.896 36.439  1.00 68.16  ? 32  GLN A CB  1 
ATOM   66   C CG  . GLN A 1 52  ? -7.702  -16.499 36.753  1.00 70.22  ? 32  GLN A CG  1 
ATOM   67   C CD  . GLN A 1 52  ? -7.419  -15.016 36.600  1.00 72.37  ? 32  GLN A CD  1 
ATOM   68   O OE1 . GLN A 1 52  ? -6.262  -14.610 36.454  1.00 73.59  ? 32  GLN A OE1 1 
ATOM   69   N NE2 . GLN A 1 52  ? -8.474  -14.200 36.626  1.00 72.66  ? 32  GLN A NE2 1 
ATOM   70   N N   . LEU A 1 53  ? -8.995  -19.363 34.473  1.00 69.78  ? 33  LEU A N   1 
ATOM   71   C CA  . LEU A 1 53  ? -8.182  -20.127 33.571  1.00 70.56  ? 33  LEU A CA  1 
ATOM   72   C C   . LEU A 1 53  ? -7.075  -19.215 33.053  1.00 69.29  ? 33  LEU A C   1 
ATOM   73   O O   . LEU A 1 53  ? -7.198  -18.001 32.966  1.00 74.16  ? 33  LEU A O   1 
ATOM   74   C CB  . LEU A 1 53  ? -9.006  -20.717 32.397  1.00 68.46  ? 33  LEU A CB  1 
ATOM   75   C CG  . LEU A 1 53  ? -9.798  -19.767 31.500  1.00 70.29  ? 33  LEU A CG  1 
ATOM   76   C CD1 . LEU A 1 53  ? -10.203 -20.446 30.200  1.00 70.59  ? 33  LEU A CD1 1 
ATOM   77   C CD2 . LEU A 1 53  ? -11.006 -19.240 32.249  1.00 69.23  ? 33  LEU A CD2 1 
ATOM   78   N N   . PRO A 1 54  ? -5.976  -19.856 32.713  1.00 66.37  ? 34  PRO A N   1 
ATOM   79   C CA  . PRO A 1 54  ? -4.762  -19.296 32.096  1.00 65.46  ? 34  PRO A CA  1 
ATOM   80   C C   . PRO A 1 54  ? -4.989  -18.463 30.803  1.00 62.97  ? 34  PRO A C   1 
ATOM   81   O O   . PRO A 1 54  ? -5.795  -18.838 29.946  1.00 61.51  ? 34  PRO A O   1 
ATOM   82   C CB  . PRO A 1 54  ? -3.926  -20.549 31.776  1.00 65.04  ? 34  PRO A CB  1 
ATOM   83   C CG  . PRO A 1 54  ? -4.853  -21.713 31.891  1.00 67.74  ? 34  PRO A CG  1 
ATOM   84   C CD  . PRO A 1 54  ? -5.817  -21.312 32.976  1.00 65.24  ? 34  PRO A CD  1 
ATOM   85   N N   . LEU A 1 55  ? -4.288  -17.335 30.726  1.00 62.40  ? 35  LEU A N   1 
ATOM   86   C CA  . LEU A 1 55  ? -4.391  -16.394 29.610  1.00 63.71  ? 35  LEU A CA  1 
ATOM   87   C C   . LEU A 1 55  ? -4.404  -17.100 28.230  1.00 64.35  ? 35  LEU A C   1 
ATOM   88   O O   . LEU A 1 55  ? -5.249  -16.798 27.379  1.00 66.74  ? 35  LEU A O   1 
ATOM   89   C CB  . LEU A 1 55  ? -3.216  -15.394 29.673  1.00 62.60  ? 35  LEU A CB  1 
ATOM   90   C CG  . LEU A 1 55  ? -3.559  -13.956 29.262  1.00 63.75  ? 35  LEU A CG  1 
ATOM   91   C CD1 . LEU A 1 55  ? -3.740  -13.868 27.757  1.00 59.07  ? 35  LEU A CD1 1 
ATOM   92   C CD2 . LEU A 1 55  ? -4.798  -13.481 29.986  1.00 63.73  ? 35  LEU A CD2 1 
ATOM   93   N N   . SER A 1 56  ? -3.469  -18.023 28.033  1.00 64.68  ? 36  SER A N   1 
ATOM   94   C CA  . SER A 1 56  ? -3.373  -18.747 26.760  1.00 64.38  ? 36  SER A CA  1 
ATOM   95   C C   . SER A 1 56  ? -4.681  -19.440 26.407  1.00 65.13  ? 36  SER A C   1 
ATOM   96   O O   . SER A 1 56  ? -5.208  -19.297 25.304  1.00 65.73  ? 36  SER A O   1 
ATOM   97   C CB  . SER A 1 56  ? -2.242  -19.777 26.835  1.00 68.25  ? 36  SER A CB  1 
ATOM   98   O OG  . SER A 1 56  ? -1.527  -19.647 28.044  1.00 68.48  ? 36  SER A OG  1 
ATOM   99   N N   . ARG A 1 57  ? -5.219  -20.213 27.342  1.00 64.59  ? 37  ARG A N   1 
ATOM   100  C CA  . ARG A 1 57  ? -6.461  -20.927 27.129  1.00 63.02  ? 37  ARG A CA  1 
ATOM   101  C C   . ARG A 1 57  ? -7.589  -19.982 26.768  1.00 61.71  ? 37  ARG A C   1 
ATOM   102  O O   . ARG A 1 57  ? -8.497  -20.321 26.009  1.00 63.09  ? 37  ARG A O   1 
ATOM   103  C CB  . ARG A 1 57  ? -6.828  -21.718 28.384  1.00 61.32  ? 37  ARG A CB  1 
ATOM   104  C CG  . ARG A 1 57  ? -8.175  -22.406 28.256  1.00 59.86  ? 37  ARG A CG  1 
ATOM   105  C CD  . ARG A 1 57  ? -8.183  -23.399 27.111  1.00 58.21  ? 37  ARG A CD  1 
ATOM   106  N NE  . ARG A 1 57  ? -7.024  -24.286 27.172  1.00 55.78  ? 37  ARG A NE  1 
ATOM   107  C CZ  . ARG A 1 57  ? -6.833  -25.322 26.357  1.00 52.81  ? 37  ARG A CZ  1 
ATOM   108  N NH1 . ARG A 1 57  ? -7.719  -25.572 25.411  1.00 52.31  ? 37  ARG A NH1 1 
ATOM   109  N NH2 . ARG A 1 57  ? -5.765  -26.087 26.492  1.00 53.36  ? 37  ARG A NH2 1 
ATOM   110  N N   . LEU A 1 58  ? -7.532  -18.779 27.317  1.00 58.53  ? 38  LEU A N   1 
ATOM   111  C CA  . LEU A 1 58  ? -8.561  -17.783 27.059  1.00 62.53  ? 38  LEU A CA  1 
ATOM   112  C C   . LEU A 1 58  ? -8.450  -17.137 25.689  1.00 65.54  ? 38  LEU A C   1 
ATOM   113  O O   . LEU A 1 58  ? -9.453  -16.707 25.094  1.00 68.51  ? 38  LEU A O   1 
ATOM   114  C CB  . LEU A 1 58  ? -8.543  -16.689 28.113  1.00 64.18  ? 38  LEU A CB  1 
ATOM   115  C CG  . LEU A 1 58  ? -9.805  -15.859 28.248  1.00 62.78  ? 38  LEU A CG  1 
ATOM   116  C CD1 . LEU A 1 58  ? -9.728  -14.634 27.349  1.00 58.24  ? 38  LEU A CD1 1 
ATOM   117  C CD2 . LEU A 1 58  ? -11.049 -16.691 27.935  1.00 66.79  ? 38  LEU A CD2 1 
ATOM   118  N N   . LEU A 1 59  ? -7.230  -17.064 25.175  1.00 65.60  ? 39  LEU A N   1 
ATOM   119  C CA  . LEU A 1 59  ? -6.967  -16.457 23.857  1.00 67.11  ? 39  LEU A CA  1 
ATOM   120  C C   . LEU A 1 59  ? -7.370  -17.363 22.704  1.00 70.38  ? 39  LEU A C   1 
ATOM   121  O O   . LEU A 1 59  ? -7.555  -16.890 21.581  1.00 74.10  ? 39  LEU A O   1 
ATOM   122  C CB  . LEU A 1 59  ? -5.485  -16.088 23.735  1.00 60.15  ? 39  LEU A CB  1 
ATOM   123  C CG  . LEU A 1 59  ? -5.103  -14.727 24.342  1.00 55.42  ? 39  LEU A CG  1 
ATOM   124  C CD1 . LEU A 1 59  ? -3.651  -14.384 23.995  1.00 58.46  ? 39  LEU A CD1 1 
ATOM   125  C CD2 . LEU A 1 59  ? -6.061  -13.629 23.874  1.00 66.98  ? 39  LEU A CD2 1 
ATOM   126  N N   . GLN A 1 60  ? -7.491  -18.662 22.961  1.00 70.58  ? 40  GLN A N   1 
ATOM   127  C CA  . GLN A 1 60  ? -7.879  -19.595 21.917  1.00 71.57  ? 40  GLN A CA  1 
ATOM   128  C C   . GLN A 1 60  ? -9.249  -19.244 21.371  1.00 71.49  ? 40  GLN A C   1 
ATOM   129  O O   . GLN A 1 60  ? -9.540  -19.452 20.187  1.00 70.06  ? 40  GLN A O   1 
ATOM   130  C CB  . GLN A 1 60  ? -7.897  -21.035 22.437  1.00 74.57  ? 40  GLN A CB  1 
ATOM   131  C CG  . GLN A 1 60  ? -6.505  -21.534 22.838  1.00 75.23  ? 40  GLN A CG  1 
ATOM   132  N N   . TYR A 1 61  ? -10.084 -18.681 22.242  1.00 72.68  ? 41  TYR A N   1 
ATOM   133  C CA  . TYR A 1 61  ? -11.435 -18.288 21.864  1.00 74.12  ? 41  TYR A CA  1 
ATOM   134  C C   . TYR A 1 61  ? -11.383 -16.870 21.293  1.00 71.44  ? 41  TYR A C   1 
ATOM   135  O O   . TYR A 1 61  ? -12.401 -16.140 21.301  1.00 72.42  ? 41  TYR A O   1 
ATOM   136  C CB  . TYR A 1 61  ? -12.350 -18.341 23.076  1.00 75.44  ? 41  TYR A CB  1 
ATOM   137  C CG  . TYR A 1 61  ? -12.399 -19.714 23.711  1.00 75.93  ? 41  TYR A CG  1 
ATOM   138  C CD1 . TYR A 1 61  ? -11.279 -20.250 24.360  1.00 72.28  ? 41  TYR A CD1 1 
ATOM   139  C CD2 . TYR A 1 61  ? -13.560 -20.493 23.637  1.00 74.94  ? 41  TYR A CD2 1 
ATOM   140  C CE1 . TYR A 1 61  ? -11.311 -21.518 24.907  1.00 70.22  ? 41  TYR A CE1 1 
ATOM   141  C CE2 . TYR A 1 61  ? -13.603 -21.774 24.196  1.00 73.04  ? 41  TYR A CE2 1 
ATOM   142  C CZ  . TYR A 1 61  ? -12.476 -22.274 24.823  1.00 68.50  ? 41  TYR A CZ  1 
ATOM   143  O OH  . TYR A 1 61  ? -12.504 -23.547 25.362  1.00 67.09  ? 41  TYR A OH  1 
ATOM   144  N N   . SER A 1 62  ? -10.198 -16.485 20.787  1.00 71.23  ? 42  SER A N   1 
ATOM   145  C CA  . SER A 1 62  ? -10.024 -15.183 20.180  1.00 71.16  ? 42  SER A CA  1 
ATOM   146  C C   . SER A 1 62  ? -9.498  -15.456 18.767  1.00 70.55  ? 42  SER A C   1 
ATOM   147  O O   . SER A 1 62  ? -8.539  -16.210 18.566  1.00 66.50  ? 42  SER A O   1 
ATOM   148  C CB  . SER A 1 62  ? -8.997  -14.373 20.951  1.00 75.60  ? 42  SER A CB  1 
ATOM   149  O OG  . SER A 1 62  ? -9.540  -13.110 21.388  1.00 82.29  ? 42  SER A OG  1 
ATOM   150  N N   . ASP A 1 63  ? -10.104 -14.808 17.779  1.00 72.24  ? 43  ASP A N   1 
ATOM   151  C CA  . ASP A 1 63  ? -9.717  -15.013 16.382  1.00 72.66  ? 43  ASP A CA  1 
ATOM   152  C C   . ASP A 1 63  ? -8.628  -14.023 15.928  1.00 72.95  ? 43  ASP A C   1 
ATOM   153  O O   . ASP A 1 63  ? -8.360  -13.040 16.620  1.00 70.70  ? 43  ASP A O   1 
ATOM   154  C CB  . ASP A 1 63  ? -10.933 -14.843 15.458  1.00 74.38  ? 43  ASP A CB  1 
ATOM   155  C CG  . ASP A 1 63  ? -11.593 -13.495 15.603  1.00 76.85  ? 43  ASP A CG  1 
ATOM   156  O OD1 . ASP A 1 63  ? -12.134 -13.210 16.659  1.00 81.04  ? 43  ASP A OD1 1 
ATOM   157  O OD2 . ASP A 1 63  ? -11.580 -12.744 14.629  1.00 81.81  ? 43  ASP A OD2 1 
ATOM   158  N N   . LYS A 1 64  ? -8.033  -14.287 14.775  1.00 72.52  ? 44  LYS A N   1 
ATOM   159  C CA  . LYS A 1 64  ? -6.993  -13.452 14.203  1.00 73.10  ? 44  LYS A CA  1 
ATOM   160  C C   . LYS A 1 64  ? -7.234  -11.953 14.376  1.00 73.36  ? 44  LYS A C   1 
ATOM   161  O O   . LYS A 1 64  ? -6.381  -11.249 14.927  1.00 72.29  ? 44  LYS A O   1 
ATOM   162  C CB  . LYS A 1 64  ? -6.808  -13.797 12.724  1.00 74.90  ? 44  LYS A CB  1 
ATOM   163  C CG  . LYS A 1 64  ? -5.998  -12.754 11.974  1.00 75.39  ? 44  LYS A CG  1 
ATOM   164  C CD  . LYS A 1 64  ? -4.661  -13.249 11.462  1.00 79.26  ? 44  LYS A CD  1 
ATOM   165  C CE  . LYS A 1 64  ? -4.759  -14.021 10.176  1.00 79.31  ? 44  LYS A CE  1 
ATOM   166  N NZ  . LYS A 1 64  ? -3.409  -14.217 9.563   1.00 81.70  ? 44  LYS A NZ  1 
ATOM   167  N N   . GLN A 1 65  ? -8.381  -11.466 13.889  1.00 73.49  ? 45  GLN A N   1 
ATOM   168  C CA  . GLN A 1 65  ? -8.697  -10.052 14.030  1.00 71.25  ? 45  GLN A CA  1 
ATOM   169  C C   . GLN A 1 65  ? -8.722  -9.661  15.508  1.00 68.24  ? 45  GLN A C   1 
ATOM   170  O O   . GLN A 1 65  ? -8.240  -8.594  15.872  1.00 65.16  ? 45  GLN A O   1 
ATOM   171  C CB  . GLN A 1 65  ? -10.038 -9.723  13.409  1.00 71.26  ? 45  GLN A CB  1 
ATOM   172  C CG  . GLN A 1 65  ? -9.984  -9.148  11.989  1.00 80.17  ? 45  GLN A CG  1 
ATOM   173  C CD  . GLN A 1 65  ? -8.944  -8.052  11.860  1.00 82.56  ? 45  GLN A CD  1 
ATOM   174  O OE1 . GLN A 1 65  ? -7.859  -8.278  11.379  1.00 82.09  ? 45  GLN A OE1 1 
ATOM   175  N NE2 . GLN A 1 65  ? -9.288  -6.873  12.317  1.00 82.16  ? 45  GLN A NE2 1 
ATOM   176  N N   . GLN A 1 66  ? -9.260  -10.548 16.351  1.00 70.08  ? 46  GLN A N   1 
ATOM   177  C CA  . GLN A 1 66  ? -9.340  -10.310 17.760  1.00 71.56  ? 46  GLN A CA  1 
ATOM   178  C C   . GLN A 1 66  ? -8.000  -10.184 18.425  1.00 69.15  ? 46  GLN A C   1 
ATOM   179  O O   . GLN A 1 66  ? -7.798  -9.353  19.297  1.00 70.41  ? 46  GLN A O   1 
ATOM   180  C CB  . GLN A 1 66  ? -10.137 -11.418 18.457  1.00 71.98  ? 46  GLN A CB  1 
ATOM   181  C CG  . GLN A 1 66  ? -11.606 -11.101 18.667  1.00 75.39  ? 46  GLN A CG  1 
ATOM   182  C CD  . GLN A 1 66  ? -12.226 -12.005 19.715  1.00 80.58  ? 46  GLN A CD  1 
ATOM   183  O OE1 . GLN A 1 66  ? -12.152 -11.716 20.895  1.00 78.28  ? 46  GLN A OE1 1 
ATOM   184  N NE2 . GLN A 1 66  ? -12.833 -13.080 19.282  1.00 82.91  ? 46  GLN A NE2 1 
ATOM   185  N N   . LEU A 1 67  ? -7.064  -11.047 18.055  1.00 63.93  ? 47  LEU A N   1 
ATOM   186  C CA  . LEU A 1 67  ? -5.710  -11.001 18.635  1.00 62.35  ? 47  LEU A CA  1 
ATOM   187  C C   . LEU A 1 67  ? -4.993  -9.828  17.994  1.00 62.02  ? 47  LEU A C   1 
ATOM   188  O O   . LEU A 1 67  ? -4.375  -9.007  18.696  1.00 64.45  ? 47  LEU A O   1 
ATOM   189  C CB  . LEU A 1 67  ? -4.978  -12.301 18.327  1.00 63.82  ? 47  LEU A CB  1 
ATOM   190  C CG  . LEU A 1 67  ? -5.474  -13.539 19.064  1.00 66.01  ? 47  LEU A CG  1 
ATOM   191  C CD1 . LEU A 1 67  ? -5.135  -14.806 18.295  1.00 62.43  ? 47  LEU A CD1 1 
ATOM   192  C CD2 . LEU A 1 67  ? -4.870  -13.580 20.472  1.00 63.15  ? 47  LEU A CD2 1 
ATOM   193  N N   . PHE A 1 68  ? -5.104  -9.729  16.667  1.00 62.87  ? 48  PHE A N   1 
ATOM   194  C CA  . PHE A 1 68  ? -4.473  -8.637  15.919  1.00 61.13  ? 48  PHE A CA  1 
ATOM   195  C C   . PHE A 1 68  ? -4.882  -7.306  16.525  1.00 61.17  ? 48  PHE A C   1 
ATOM   196  O O   . PHE A 1 68  ? -4.053  -6.399  16.685  1.00 61.38  ? 48  PHE A O   1 
ATOM   197  C CB  . PHE A 1 68  ? -4.935  -8.680  14.465  1.00 63.47  ? 48  PHE A CB  1 
ATOM   198  C CG  . PHE A 1 68  ? -4.478  -7.519  13.644  1.00 64.24  ? 48  PHE A CG  1 
ATOM   199  C CD1 . PHE A 1 68  ? -3.276  -7.558  12.948  1.00 66.06  ? 48  PHE A CD1 1 
ATOM   200  C CD2 . PHE A 1 68  ? -5.239  -6.361  13.595  1.00 63.58  ? 48  PHE A CD2 1 
ATOM   201  C CE1 . PHE A 1 68  ? -2.837  -6.454  12.222  1.00 68.96  ? 48  PHE A CE1 1 
ATOM   202  C CE2 . PHE A 1 68  ? -4.817  -5.242  12.873  1.00 64.08  ? 48  PHE A CE2 1 
ATOM   203  C CZ  . PHE A 1 68  ? -3.608  -5.287  12.174  1.00 67.67  ? 48  PHE A CZ  1 
ATOM   204  N N   . THR A 1 69  ? -6.175  -7.185  16.806  1.00 60.70  ? 49  THR A N   1 
ATOM   205  C CA  . THR A 1 69  ? -6.740  -5.939  17.375  1.00 63.97  ? 49  THR A CA  1 
ATOM   206  C C   . THR A 1 69  ? -6.283  -5.696  18.809  1.00 66.62  ? 49  THR A C   1 
ATOM   207  O O   . THR A 1 69  ? -5.796  -4.609  19.133  1.00 70.79  ? 49  THR A O   1 
ATOM   208  C CB  . THR A 1 69  ? -8.274  -5.960  17.345  1.00 66.23  ? 49  THR A CB  1 
ATOM   209  O OG1 . THR A 1 69  ? -8.717  -5.923  15.985  1.00 65.37  ? 49  THR A OG1 1 
ATOM   210  C CG2 . THR A 1 69  ? -8.849  -4.789  18.100  1.00 67.93  ? 49  THR A CG2 1 
ATOM   211  N N   . ILE A 1 70  ? -6.433  -6.694  19.671  1.00 66.84  ? 50  ILE A N   1 
ATOM   212  C CA  . ILE A 1 70  ? -6.013  -6.515  21.051  1.00 67.53  ? 50  ILE A CA  1 
ATOM   213  C C   . ILE A 1 70  ? -4.503  -6.490  21.229  1.00 67.13  ? 50  ILE A C   1 
ATOM   214  O O   . ILE A 1 70  ? -4.028  -6.184  22.333  1.00 68.68  ? 50  ILE A O   1 
ATOM   215  C CB  . ILE A 1 70  ? -6.624  -7.635  21.952  1.00 68.03  ? 50  ILE A CB  1 
ATOM   216  C CG1 . ILE A 1 70  ? -5.952  -8.987  21.657  1.00 68.93  ? 50  ILE A CG1 1 
ATOM   217  C CG2 . ILE A 1 70  ? -8.129  -7.725  21.727  1.00 71.37  ? 50  ILE A CG2 1 
ATOM   218  C CD1 . ILE A 1 70  ? -4.821  -9.355  22.603  1.00 74.23  ? 50  ILE A CD1 1 
ATOM   219  N N   . LEU A 1 71  ? -3.766  -6.790  20.159  1.00 67.80  ? 51  LEU A N   1 
ATOM   220  C CA  . LEU A 1 71  ? -2.303  -6.782  20.249  1.00 67.63  ? 51  LEU A CA  1 
ATOM   221  C C   . LEU A 1 71  ? -1.820  -5.340  20.077  1.00 68.08  ? 51  LEU A C   1 
ATOM   222  O O   . LEU A 1 71  ? -0.919  -4.899  20.775  1.00 68.20  ? 51  LEU A O   1 
ATOM   223  C CB  . LEU A 1 71  ? -1.708  -7.683  19.173  1.00 67.07  ? 51  LEU A CB  1 
ATOM   224  C CG  . LEU A 1 71  ? -0.422  -8.445  19.493  1.00 66.81  ? 51  LEU A CG  1 
ATOM   225  C CD1 . LEU A 1 71  ? -0.457  -9.801  18.804  1.00 69.01  ? 51  LEU A CD1 1 
ATOM   226  C CD2 . LEU A 1 71  ? 0.806   -7.642  19.108  1.00 65.28  ? 51  LEU A CD2 1 
ATOM   227  N N   . LEU A 1 72  ? -2.478  -4.605  19.169  1.00 68.76  ? 52  LEU A N   1 
ATOM   228  C CA  . LEU A 1 72  ? -2.134  -3.234  18.894  1.00 68.44  ? 52  LEU A CA  1 
ATOM   229  C C   . LEU A 1 72  ? -2.279  -2.386  20.168  1.00 69.74  ? 52  LEU A C   1 
ATOM   230  O O   . LEU A 1 72  ? -1.384  -1.584  20.503  1.00 69.64  ? 52  LEU A O   1 
ATOM   231  C CB  . LEU A 1 72  ? -3.054  -2.652  17.810  1.00 68.36  ? 52  LEU A CB  1 
ATOM   232  C CG  . LEU A 1 72  ? -2.587  -2.664  16.351  1.00 72.45  ? 52  LEU A CG  1 
ATOM   233  C CD1 . LEU A 1 72  ? -1.253  -1.967  16.212  1.00 74.54  ? 52  LEU A CD1 1 
ATOM   234  C CD2 . LEU A 1 72  ? -2.486  -4.120  15.869  1.00 75.65  ? 52  LEU A CD2 1 
ATOM   235  N N   . GLN A 1 73  ? -3.401  -2.550  20.874  1.00 72.56  ? 53  GLN A N   1 
ATOM   236  C CA  . GLN A 1 73  ? -3.658  -1.810  22.114  1.00 73.54  ? 53  GLN A CA  1 
ATOM   237  C C   . GLN A 1 73  ? -2.492  -1.974  23.085  1.00 74.37  ? 53  GLN A C   1 
ATOM   238  O O   . GLN A 1 73  ? -2.263  -1.103  23.920  1.00 73.77  ? 53  GLN A O   1 
ATOM   239  C CB  . GLN A 1 73  ? -4.971  -2.323  22.755  1.00 71.60  ? 53  GLN A CB  1 
ATOM   240  C CG  . GLN A 1 73  ? -6.211  -1.915  22.000  1.00 73.81  ? 53  GLN A CG  1 
ATOM   241  C CD  . GLN A 1 73  ? -6.526  -0.484  22.110  1.00 77.07  ? 53  GLN A CD  1 
ATOM   242  O OE1 . GLN A 1 73  ? -5.878  0.251   21.498  1.00 74.59  ? 53  GLN A OE1 1 
ATOM   243  N NE2 . GLN A 1 73  ? -7.575  -0.105  22.838  1.00 80.78  ? 53  GLN A NE2 1 
ATOM   244  N N   . CYS A 1 74  ? -1.787  -3.101  22.975  1.00 74.12  ? 54  CYS A N   1 
ATOM   245  C CA  . CYS A 1 74  ? -0.673  -3.392  23.862  1.00 73.05  ? 54  CYS A CA  1 
ATOM   246  C C   . CYS A 1 74  ? 0.483   -2.430  23.542  1.00 75.07  ? 54  CYS A C   1 
ATOM   247  O O   . CYS A 1 74  ? 1.076   -1.834  24.444  1.00 76.36  ? 54  CYS A O   1 
ATOM   248  C CB  . CYS A 1 74  ? -0.219  -4.828  23.671  1.00 70.29  ? 54  CYS A CB  1 
ATOM   249  S SG  . CYS A 1 74  ? -1.427  -6.082  24.114  1.00 64.95  ? 54  CYS A SG  1 
ATOM   250  N N   . VAL A 1 75  ? 0.786   -2.291  22.256  1.00 75.92  ? 55  VAL A N   1 
ATOM   251  C CA  . VAL A 1 75  ? 1.844   -1.414  21.803  1.00 77.17  ? 55  VAL A CA  1 
ATOM   252  C C   . VAL A 1 75  ? 1.628   -0.006  22.303  1.00 78.76  ? 55  VAL A C   1 
ATOM   253  O O   . VAL A 1 75  ? 2.574   0.712   22.624  1.00 81.96  ? 55  VAL A O   1 
ATOM   254  C CB  . VAL A 1 75  ? 1.937   -1.394  20.268  1.00 78.22  ? 55  VAL A CB  1 
ATOM   255  C CG1 . VAL A 1 75  ? 3.116   -0.503  19.834  1.00 78.02  ? 55  VAL A CG1 1 
ATOM   256  C CG2 . VAL A 1 75  ? 2.128   -2.796  19.727  1.00 74.16  ? 55  VAL A CG2 1 
ATOM   257  N N   . GLU A 1 76  ? 0.364   0.412   22.331  1.00 78.66  ? 56  GLU A N   1 
ATOM   258  C CA  . GLU A 1 76  ? 0.013   1.753   22.809  1.00 80.64  ? 56  GLU A CA  1 
ATOM   259  C C   . GLU A 1 76  ? 0.377   1.987   24.248  1.00 80.38  ? 56  GLU A C   1 
ATOM   260  O O   . GLU A 1 76  ? 0.921   3.011   24.623  1.00 80.13  ? 56  GLU A O   1 
ATOM   261  C CB  . GLU A 1 76  ? -1.488  2.024   22.626  1.00 84.89  ? 56  GLU A CB  1 
ATOM   262  C CG  . GLU A 1 76  ? -1.829  2.841   21.383  1.00 87.07  ? 56  GLU A CG  1 
ATOM   263  C CD  . GLU A 1 76  ? -2.700  3.969   21.572  1.00 91.69  ? 56  GLU A CD  1 
ATOM   264  O OE1 . GLU A 1 76  ? -2.421  4.798   22.382  1.00 94.45  ? 56  GLU A OE1 1 
ATOM   265  O OE2 . GLU A 1 76  ? -3.684  4.046   20.891  1.00 94.20  ? 56  GLU A OE2 1 
ATOM   266  N N   . LYS A 1 77  ? 0.053   0.996   25.082  1.00 80.90  ? 57  LYS A N   1 
ATOM   267  C CA  . LYS A 1 77  ? 0.362   1.070   26.513  1.00 81.45  ? 57  LYS A CA  1 
ATOM   268  C C   . LYS A 1 77  ? 1.865   0.939   26.786  1.00 82.21  ? 57  LYS A C   1 
ATOM   269  O O   . LYS A 1 77  ? 2.373   1.561   27.713  1.00 81.81  ? 57  LYS A O   1 
ATOM   270  C CB  . LYS A 1 77  ? -0.362  -0.049  27.310  1.00 80.16  ? 57  LYS A CB  1 
ATOM   271  C CG  . LYS A 1 77  ? -0.895  0.404   28.614  1.00 82.49  ? 57  LYS A CG  1 
ATOM   272  C CD  . LYS A 1 77  ? -1.830  -0.632  29.219  1.00 83.97  ? 57  LYS A CD  1 
ATOM   273  C CE  . LYS A 1 77  ? -1.891  -0.603  30.689  1.00 87.55  ? 57  LYS A CE  1 
ATOM   274  N NZ  . LYS A 1 77  ? -0.725  -1.234  31.256  1.00 88.11  ? 57  LYS A NZ  1 
ATOM   275  N N   . HIS A 1 78  ? 2.553   0.114   26.004  1.00 83.28  ? 58  HIS A N   1 
ATOM   276  C CA  . HIS A 1 78  ? 3.977   -0.094  26.185  1.00 84.54  ? 58  HIS A CA  1 
ATOM   277  C C   . HIS A 1 78  ? 4.694   -0.021  24.842  1.00 83.60  ? 58  HIS A C   1 
ATOM   278  O O   . HIS A 1 78  ? 5.251   -1.022  24.356  1.00 83.74  ? 58  HIS A O   1 
ATOM   279  C CB  . HIS A 1 78  ? 4.207   -1.449  26.819  1.00 84.84  ? 58  HIS A CB  1 
ATOM   280  C CG  . HIS A 1 78  ? 3.452   -1.656  28.105  1.00 82.80  ? 58  HIS A CG  1 
ATOM   281  N ND1 . HIS A 1 78  ? 3.948   -1.283  29.345  1.00 82.13  ? 58  HIS A ND1 1 
ATOM   282  C CD2 . HIS A 1 78  ? 2.216   -2.140  28.339  1.00 84.09  ? 58  HIS A CD2 1 
ATOM   283  C CE1 . HIS A 1 78  ? 3.039   -1.526  30.280  1.00 83.35  ? 58  HIS A CE1 1 
ATOM   284  N NE2 . HIS A 1 78  ? 1.972   -2.049  29.688  1.00 82.59  ? 58  HIS A NE2 1 
ATOM   285  N N   . PRO A 1 79  ? 4.702   1.170   24.212  1.00 82.19  ? 59  PRO A N   1 
ATOM   286  C CA  . PRO A 1 79  ? 5.325   1.479   22.922  1.00 80.78  ? 59  PRO A CA  1 
ATOM   287  C C   . PRO A 1 79  ? 6.617   0.730   22.615  1.00 80.36  ? 59  PRO A C   1 
ATOM   288  O O   . PRO A 1 79  ? 6.926   0.466   21.469  1.00 78.23  ? 59  PRO A O   1 
ATOM   289  C CB  . PRO A 1 79  ? 5.538   2.983   22.992  1.00 81.33  ? 59  PRO A CB  1 
ATOM   290  C CG  . PRO A 1 79  ? 4.298   3.418   23.716  1.00 81.58  ? 59  PRO A CG  1 
ATOM   291  C CD  . PRO A 1 79  ? 4.179   2.408   24.836  1.00 80.81  ? 59  PRO A CD  1 
ATOM   292  N N   . ASP A 1 80  ? 7.362   0.376   23.653  1.00 79.36  ? 60  ASP A N   1 
ATOM   293  C CA  . ASP A 1 80  ? 8.625   -0.332  23.479  1.00 80.52  ? 60  ASP A CA  1 
ATOM   294  C C   . ASP A 1 80  ? 8.417   -1.630  22.727  1.00 80.64  ? 60  ASP A C   1 
ATOM   295  O O   . ASP A 1 80  ? 9.350   -2.169  22.139  1.00 80.67  ? 60  ASP A O   1 
ATOM   296  C CB  . ASP A 1 80  ? 9.268   -0.601  24.852  1.00 82.31  ? 60  ASP A CB  1 
ATOM   297  C CG  . ASP A 1 80  ? 8.531   -1.640  25.648  1.00 87.39  ? 60  ASP A CG  1 
ATOM   298  O OD1 . ASP A 1 80  ? 7.787   -1.269  26.555  1.00 86.92  ? 60  ASP A OD1 1 
ATOM   299  O OD2 . ASP A 1 80  ? 8.712   -2.838  25.388  1.00 92.44  ? 60  ASP A OD2 1 
ATOM   300  N N   . LEU A 1 81  ? 7.188   -2.137  22.754  1.00 79.60  ? 61  LEU A N   1 
ATOM   301  C CA  . LEU A 1 81  ? 6.875   -3.400  22.071  1.00 75.35  ? 61  LEU A CA  1 
ATOM   302  C C   . LEU A 1 81  ? 7.173   -3.352  20.571  1.00 74.77  ? 61  LEU A C   1 
ATOM   303  O O   . LEU A 1 81  ? 7.450   -4.376  19.963  1.00 72.30  ? 61  LEU A O   1 
ATOM   304  C CB  . LEU A 1 81  ? 5.396   -3.764  22.292  1.00 72.22  ? 61  LEU A CB  1 
ATOM   305  C CG  . LEU A 1 81  ? 5.155   -4.546  23.577  1.00 69.97  ? 61  LEU A CG  1 
ATOM   306  C CD1 . LEU A 1 81  ? 3.645   -4.564  23.888  1.00 70.39  ? 61  LEU A CD1 1 
ATOM   307  C CD2 . LEU A 1 81  ? 5.671   -5.966  23.423  1.00 72.25  ? 61  LEU A CD2 1 
ATOM   308  N N   . ALA A 1 82  ? 7.117   -2.146  19.998  1.00 76.07  ? 62  ALA A N   1 
ATOM   309  C CA  . ALA A 1 82  ? 7.364   -1.966  18.590  1.00 78.09  ? 62  ALA A CA  1 
ATOM   310  C C   . ALA A 1 82  ? 8.702   -2.560  18.174  1.00 78.37  ? 62  ALA A C   1 
ATOM   311  O O   . ALA A 1 82  ? 8.784   -3.334  17.229  1.00 74.90  ? 62  ALA A O   1 
ATOM   312  C CB  . ALA A 1 82  ? 7.323   -0.494  18.230  1.00 78.41  ? 62  ALA A CB  1 
ATOM   313  N N   . ARG A 1 83  ? 9.772   -2.194  18.884  1.00 79.18  ? 63  ARG A N   1 
ATOM   314  C CA  . ARG A 1 83  ? 11.099  -2.689  18.579  1.00 79.08  ? 63  ARG A CA  1 
ATOM   315  C C   . ARG A 1 83  ? 11.137  -4.196  18.624  1.00 77.40  ? 63  ARG A C   1 
ATOM   316  O O   . ARG A 1 83  ? 11.548  -4.859  17.677  1.00 76.63  ? 63  ARG A O   1 
ATOM   317  C CB  . ARG A 1 83  ? 12.119  -2.134  19.591  1.00 82.10  ? 63  ARG A CB  1 
ATOM   318  C CG  . ARG A 1 83  ? 13.419  -1.771  19.029  1.00 79.30  ? 63  ARG A CG  1 
ATOM   319  C CD  . ARG A 1 83  ? 14.156  -0.771  19.934  1.00 80.58  ? 63  ARG A CD  1 
ATOM   320  N NE  . ARG A 1 83  ? 13.315  0.381   20.195  1.00 88.01  ? 63  ARG A NE  1 
ATOM   321  C CZ  . ARG A 1 83  ? 12.542  0.503   21.277  1.00 91.59  ? 63  ARG A CZ  1 
ATOM   322  N NH1 . ARG A 1 83  ? 12.531  -0.457  22.166  1.00 91.57  ? 63  ARG A NH1 1 
ATOM   323  N NH2 . ARG A 1 83  ? 11.785  1.568   21.423  1.00 89.44  ? 63  ARG A NH2 1 
ATOM   324  N N   . ASP A 1 84  ? 10.690  -4.736  19.753  1.00 74.32  ? 64  ASP A N   1 
ATOM   325  C CA  . ASP A 1 84  ? 10.658  -6.195  19.979  1.00 70.68  ? 64  ASP A CA  1 
ATOM   326  C C   . ASP A 1 84  ? 9.964   -6.956  18.824  1.00 68.60  ? 64  ASP A C   1 
ATOM   327  O O   . ASP A 1 84  ? 10.572  -7.863  18.242  1.00 66.67  ? 64  ASP A O   1 
ATOM   328  C CB  . ASP A 1 84  ? 9.898   -6.507  21.255  1.00 70.81  ? 64  ASP A CB  1 
ATOM   329  C CG  . ASP A 1 84  ? 10.527  -5.848  22.472  1.00 74.63  ? 64  ASP A CG  1 
ATOM   330  O OD1 . ASP A 1 84  ? 11.736  -5.570  22.477  1.00 74.07  ? 64  ASP A OD1 1 
ATOM   331  O OD2 . ASP A 1 84  ? 9.786   -5.592  23.428  1.00 71.26  ? 64  ASP A OD2 1 
ATOM   332  N N   . ILE A 1 85  ? 8.744   -6.572  18.480  1.00 69.83  ? 65  ILE A N   1 
ATOM   333  C CA  . ILE A 1 85  ? 7.995   -7.223  17.418  1.00 70.76  ? 65  ILE A CA  1 
ATOM   334  C C   . ILE A 1 85  ? 8.647   -7.129  16.062  1.00 70.68  ? 65  ILE A C   1 
ATOM   335  O O   . ILE A 1 85  ? 8.711   -8.097  15.320  1.00 75.28  ? 65  ILE A O   1 
ATOM   336  C CB  . ILE A 1 85  ? 6.575   -6.644  17.321  1.00 72.96  ? 65  ILE A CB  1 
ATOM   337  C CG1 . ILE A 1 85  ? 5.875   -6.706  18.688  1.00 68.75  ? 65  ILE A CG1 1 
ATOM   338  C CG2 . ILE A 1 85  ? 5.758   -7.466  16.323  1.00 69.84  ? 65  ILE A CG2 1 
ATOM   339  C CD1 . ILE A 1 85  ? 5.240   -8.062  19.118  1.00 73.94  ? 65  ILE A CD1 1 
ATOM   340  N N   . ARG A 1 86  ? 9.138   -5.934  15.720  1.00 68.81  ? 66  ARG A N   1 
ATOM   341  C CA  . ARG A 1 86  ? 9.772   -5.701  14.403  1.00 70.73  ? 66  ARG A CA  1 
ATOM   342  C C   . ARG A 1 86  ? 10.961  -6.655  14.203  1.00 72.78  ? 66  ARG A C   1 
ATOM   343  O O   . ARG A 1 86  ? 11.201  -7.105  13.093  1.00 70.33  ? 66  ARG A O   1 
ATOM   344  C CB  . ARG A 1 86  ? 10.294  -4.262  14.317  1.00 72.18  ? 66  ARG A CB  1 
ATOM   345  C CG  . ARG A 1 86  ? 10.867  -3.865  13.008  1.00 73.91  ? 66  ARG A CG  1 
ATOM   346  C CD  . ARG A 1 86  ? 9.926   -2.940  12.239  1.00 69.72  ? 66  ARG A CD  1 
ATOM   347  N NE  . ARG A 1 86  ? 9.085   -2.133  13.145  1.00 63.26  ? 66  ARG A NE  1 
ATOM   348  C CZ  . ARG A 1 86  ? 8.020   -1.431  12.753  1.00 63.25  ? 66  ARG A CZ  1 
ATOM   349  N NH1 . ARG A 1 86  ? 7.656   -1.406  11.475  1.00 60.99  ? 66  ARG A NH1 1 
ATOM   350  N NH2 . ARG A 1 86  ? 7.329   -0.760  13.644  1.00 63.67  ? 66  ARG A NH2 1 
ATOM   351  N N   . GLY A 1 87  ? 11.663  -6.976  15.280  1.00 74.21  ? 67  GLY A N   1 
ATOM   352  C CA  . GLY A 1 87  ? 12.814  -7.831  15.140  1.00 75.02  ? 67  GLY A CA  1 
ATOM   353  C C   . GLY A 1 87  ? 12.616  -9.320  14.844  1.00 77.47  ? 67  GLY A C   1 
ATOM   354  O O   . GLY A 1 87  ? 13.429  -9.905  14.092  1.00 78.38  ? 67  GLY A O   1 
ATOM   355  N N   . ILE A 1 88  ? 11.610  -9.955  15.449  1.00 76.66  ? 68  ILE A N   1 
ATOM   356  C CA  . ILE A 1 88  ? 11.381  -11.381 15.241  1.00 76.97  ? 68  ILE A CA  1 
ATOM   357  C C   . ILE A 1 88  ? 10.506  -11.616 14.024  1.00 77.10  ? 68  ILE A C   1 
ATOM   358  O O   . ILE A 1 88  ? 10.366  -12.749 13.566  1.00 76.26  ? 68  ILE A O   1 
ATOM   359  C CB  . ILE A 1 88  ? 10.693  -12.025 16.423  1.00 77.06  ? 68  ILE A CB  1 
ATOM   360  C CG1 . ILE A 1 88  ? 9.340   -11.338 16.689  1.00 74.60  ? 68  ILE A CG1 1 
ATOM   361  C CG2 . ILE A 1 88  ? 11.550  -11.861 17.684  1.00 80.62  ? 68  ILE A CG2 1 
ATOM   362  C CD1 . ILE A 1 88  ? 8.522   -11.944 17.829  1.00 70.24  ? 68  ILE A CD1 1 
ATOM   363  N N   . LEU A 1 89  ? 9.921   -10.558 13.498  1.00 79.17  ? 69  LEU A N   1 
ATOM   364  C CA  . LEU A 1 89  ? 8.995   -10.634 12.340  1.00 81.07  ? 69  LEU A CA  1 
ATOM   365  C C   . LEU A 1 89  ? 9.564   -10.065 11.073  1.00 80.18  ? 69  LEU A C   1 
ATOM   366  O O   . LEU A 1 89  ? 9.660   -8.855  10.939  1.00 80.91  ? 69  LEU A O   1 
ATOM   367  C CB  . LEU A 1 89  ? 7.724   -9.854  12.630  1.00 82.33  ? 69  LEU A CB  1 
ATOM   368  C CG  . LEU A 1 89  ? 6.524   -10.734 12.981  1.00 84.29  ? 69  LEU A CG  1 
ATOM   369  C CD1 . LEU A 1 89  ? 5.280   -9.900  13.199  1.00 84.63  ? 69  LEU A CD1 1 
ATOM   370  C CD2 . LEU A 1 89  ? 6.295   -11.770 11.901  1.00 87.17  ? 69  LEU A CD2 1 
ATOM   371  N N   . PRO A 1 90  ? 9.944   -10.900 10.125  1.00 79.65  ? 70  PRO A N   1 
ATOM   372  C CA  . PRO A 1 90  ? 10.485  -10.461 8.841   1.00 78.80  ? 70  PRO A CA  1 
ATOM   373  C C   . PRO A 1 90  ? 9.451   -9.884  7.900   1.00 77.25  ? 70  PRO A C   1 
ATOM   374  O O   . PRO A 1 90  ? 8.314   -10.352 7.841   1.00 69.35  ? 70  PRO A O   1 
ATOM   375  C CB  . PRO A 1 90  ? 11.113  -11.710 8.262   1.00 79.06  ? 70  PRO A CB  1 
ATOM   376  C CG  . PRO A 1 90  ? 10.264  -12.814 8.820   1.00 79.51  ? 70  PRO A CG  1 
ATOM   377  C CD  . PRO A 1 90  ? 9.865   -12.373 10.200  1.00 78.17  ? 70  PRO A CD  1 
ATOM   378  N N   . ALA A 1 91  ? 9.842   -8.858  7.175   1.00 78.91  ? 71  ALA A N   1 
ATOM   379  C CA  . ALA A 1 91  ? 8.960   -8.186  6.232   1.00 81.75  ? 71  ALA A CA  1 
ATOM   380  C C   . ALA A 1 91  ? 8.608   -9.080  5.058   1.00 84.77  ? 71  ALA A C   1 
ATOM   381  O O   . ALA A 1 91  ? 9.307   -10.044 4.785   1.00 82.74  ? 71  ALA A O   1 
ATOM   382  C CB  . ALA A 1 91  ? 9.597   -6.896  5.720   1.00 75.02  ? 71  ALA A CB  1 
ATOM   383  N N   . PRO A 1 92  ? 7.520   -8.742  4.354   1.00 86.93  ? 72  PRO A N   1 
ATOM   384  C CA  . PRO A 1 92  ? 7.082   -9.522  3.196   1.00 88.55  ? 72  PRO A CA  1 
ATOM   385  C C   . PRO A 1 92  ? 7.974   -9.242  1.975   1.00 88.26  ? 72  PRO A C   1 
ATOM   386  O O   . PRO A 1 92  ? 8.507   -8.168  1.834   1.00 90.62  ? 72  PRO A O   1 
ATOM   387  C CB  . PRO A 1 92  ? 5.655   -9.042  2.977   1.00 90.00  ? 72  PRO A CB  1 
ATOM   388  C CG  . PRO A 1 92  ? 5.759   -7.560  3.430   1.00 89.83  ? 72  PRO A CG  1 
ATOM   389  C CD  . PRO A 1 92  ? 6.557   -7.659  4.681   1.00 87.66  ? 72  PRO A CD  1 
ATOM   390  N N   . SER A 1 93  ? 8.082   -10.224 1.082   1.00 85.86  ? 73  SER A N   1 
ATOM   391  C CA  . SER A 1 93  ? 8.870   -10.108 -0.111  1.00 83.08  ? 73  SER A CA  1 
ATOM   392  C C   . SER A 1 93  ? 8.211   -9.163  -1.090  1.00 82.38  ? 73  SER A C   1 
ATOM   393  O O   . SER A 1 93  ? 6.994   -9.135  -1.206  1.00 82.88  ? 73  SER A O   1 
ATOM   394  C CB  . SER A 1 93  ? 9.056   -11.486 -0.755  1.00 83.63  ? 73  SER A CB  1 
ATOM   395  O OG  . SER A 1 93  ? 7.819   -11.970 -1.215  1.00 76.99  ? 73  SER A OG  1 
ATOM   396  N N   . MET A 1 94  ? 9.029   -8.376  -1.783  1.00 79.58  ? 74  MET A N   1 
ATOM   397  C CA  . MET A 1 94  ? 8.520   -7.435  -2.768  1.00 77.31  ? 74  MET A CA  1 
ATOM   398  C C   . MET A 1 94  ? 7.330   -8.035  -3.528  1.00 77.50  ? 74  MET A C   1 
ATOM   399  O O   . MET A 1 94  ? 6.362   -7.328  -3.848  1.00 78.08  ? 74  MET A O   1 
ATOM   400  C CB  . MET A 1 94  ? 9.631   -7.058  -3.773  1.00 79.94  ? 74  MET A CB  1 
ATOM   401  C CG  . MET A 1 94  ? 9.191   -7.051  -5.222  1.00 81.06  ? 74  MET A CG  1 
ATOM   402  S SD  . MET A 1 94  ? 8.867   -5.268  -5.895  1.00 88.55  ? 74  MET A SD  1 
ATOM   403  C CE  . MET A 1 94  ? 10.505  -4.943  -6.777  1.00 85.11  ? 74  MET A CE  1 
ATOM   404  N N   . ASP A 1 95  ? 7.408   -9.325  -3.815  1.00 79.80  ? 75  ASP A N   1 
ATOM   405  C CA  . ASP A 1 95  ? 6.342   -10.003 -4.546  1.00 80.69  ? 75  ASP A CA  1 
ATOM   406  C C   . ASP A 1 95  ? 5.073   -10.125 -3.681  1.00 77.99  ? 75  ASP A C   1 
ATOM   407  O O   . ASP A 1 95  ? 3.969   -9.872  -4.164  1.00 79.29  ? 75  ASP A O   1 
ATOM   408  C CB  . ASP A 1 95  ? 6.812   -11.392 -4.954  1.00 84.77  ? 75  ASP A CB  1 
ATOM   409  C CG  . ASP A 1 95  ? 7.714   -11.371 -6.170  1.00 87.51  ? 75  ASP A CG  1 
ATOM   410  O OD1 . ASP A 1 95  ? 7.397   -10.650 -7.132  1.00 88.69  ? 75  ASP A OD1 1 
ATOM   411  O OD2 . ASP A 1 95  ? 8.740   -12.065 -6.154  1.00 88.08  ? 75  ASP A OD2 1 
ATOM   412  N N   . THR A 1 96  ? 5.237   -10.530 -2.429  1.00 74.41  ? 76  THR A N   1 
ATOM   413  C CA  . THR A 1 96  ? 4.102   -10.681 -1.543  1.00 72.19  ? 76  THR A CA  1 
ATOM   414  C C   . THR A 1 96  ? 3.307   -9.380  -1.460  1.00 71.28  ? 76  THR A C   1 
ATOM   415  O O   . THR A 1 96  ? 2.080   -9.376  -1.564  1.00 72.59  ? 76  THR A O   1 
ATOM   416  C CB  . THR A 1 96  ? 4.542   -11.104 -0.132  1.00 68.77  ? 76  THR A CB  1 
ATOM   417  O OG1 . THR A 1 96  ? 5.470   -12.197 -0.238  1.00 73.13  ? 76  THR A OG1 1 
ATOM   418  C CG2 . THR A 1 96  ? 3.295   -11.584 0.705   1.00 65.00  ? 76  THR A CG2 1 
ATOM   419  N N   . CYS A 1 97  ? 4.006   -8.263  -1.258  1.00 69.15  ? 77  CYS A N   1 
ATOM   420  C CA  . CYS A 1 97  ? 3.344   -6.958  -1.167  1.00 64.09  ? 77  CYS A CA  1 
ATOM   421  C C   . CYS A 1 97  ? 2.543   -6.748  -2.448  1.00 64.03  ? 77  CYS A C   1 
ATOM   422  O O   . CYS A 1 97  ? 1.329   -6.484  -2.395  1.00 64.76  ? 77  CYS A O   1 
ATOM   423  C CB  . CYS A 1 97  ? 4.383   -5.827  -1.034  1.00 60.99  ? 77  CYS A CB  1 
ATOM   424  S SG  . CYS A 1 97  ? 4.766   -5.349  0.668   1.00 57.54  ? 77  CYS A SG  1 
ATOM   425  N N   . VAL A 1 98  ? 3.229   -6.847  -3.586  1.00 61.59  ? 78  VAL A N   1 
ATOM   426  C CA  . VAL A 1 98  ? 2.578   -6.669  -4.896  1.00 63.15  ? 78  VAL A CA  1 
ATOM   427  C C   . VAL A 1 98  ? 1.335   -7.574  -4.976  1.00 66.86  ? 78  VAL A C   1 
ATOM   428  O O   . VAL A 1 98  ? 0.249   -7.090  -5.344  1.00 71.49  ? 78  VAL A O   1 
ATOM   429  C CB  . VAL A 1 98  ? 3.544   -7.008  -6.038  1.00 61.84  ? 78  VAL A CB  1 
ATOM   430  C CG1 . VAL A 1 98  ? 2.790   -7.048  -7.358  1.00 63.11  ? 78  VAL A CG1 1 
ATOM   431  C CG2 . VAL A 1 98  ? 4.643   -5.938  -6.101  1.00 56.41  ? 78  VAL A CG2 1 
ATOM   432  N N   . GLU A 1 99  ? 1.509   -8.858  -4.656  1.00 68.30  ? 79  GLU A N   1 
ATOM   433  C CA  . GLU A 1 99  ? 0.402   -9.799  -4.684  1.00 69.22  ? 79  GLU A CA  1 
ATOM   434  C C   . GLU A 1 99  ? -0.775  -9.279  -3.860  1.00 67.56  ? 79  GLU A C   1 
ATOM   435  O O   . GLU A 1 99  ? -1.938  -9.472  -4.207  1.00 69.56  ? 79  GLU A O   1 
ATOM   436  C CB  . GLU A 1 99  ? 0.817   -11.166 -4.123  1.00 69.96  ? 79  GLU A CB  1 
ATOM   437  C CG  . GLU A 1 99  ? 1.473   -12.113 -5.121  1.00 79.32  ? 79  GLU A CG  1 
ATOM   438  C CD  . GLU A 1 99  ? 2.120   -11.420 -6.296  1.00 83.40  ? 79  GLU A CD  1 
ATOM   439  O OE1 . GLU A 1 99  ? 3.341   -11.328 -6.301  1.00 87.74  ? 79  GLU A OE1 1 
ATOM   440  O OE2 . GLU A 1 99  ? 1.401   -10.980 -7.183  1.00 84.44  ? 79  GLU A OE2 1 
ATOM   441  N N   . THR A 1 100 ? -0.453  -8.632  -2.744  1.00 66.57  ? 80  THR A N   1 
ATOM   442  C CA  . THR A 1 100 ? -1.460  -8.082  -1.833  1.00 71.13  ? 80  THR A CA  1 
ATOM   443  C C   . THR A 1 100 ? -2.390  -7.109  -2.535  1.00 71.26  ? 80  THR A C   1 
ATOM   444  O O   . THR A 1 100 ? -3.611  -7.290  -2.547  1.00 73.34  ? 80  THR A O   1 
ATOM   445  C CB  . THR A 1 100 ? -0.787  -7.359  -0.635  1.00 71.28  ? 80  THR A CB  1 
ATOM   446  O OG1 . THR A 1 100 ? 0.104   -8.266  0.042   1.00 79.03  ? 80  THR A OG1 1 
ATOM   447  C CG2 . THR A 1 100 ? -1.827  -6.859  0.349   1.00 69.92  ? 80  THR A CG2 1 
ATOM   448  N N   . LEU A 1 101 ? -1.813  -6.073  -3.140  1.00 70.62  ? 81  LEU A N   1 
ATOM   449  C CA  . LEU A 1 101 ? -2.596  -5.052  -3.823  1.00 69.97  ? 81  LEU A CA  1 
ATOM   450  C C   . LEU A 1 101 ? -3.520  -5.676  -4.854  1.00 70.27  ? 81  LEU A C   1 
ATOM   451  O O   . LEU A 1 101 ? -4.692  -5.286  -4.961  1.00 76.69  ? 81  LEU A O   1 
ATOM   452  C CB  . LEU A 1 101 ? -1.662  -4.071  -4.490  1.00 65.00  ? 81  LEU A CB  1 
ATOM   453  C CG  . LEU A 1 101 ? -0.687  -3.403  -3.525  1.00 63.53  ? 81  LEU A CG  1 
ATOM   454  C CD1 . LEU A 1 101 ? 0.506   -2.823  -4.273  1.00 60.15  ? 81  LEU A CD1 1 
ATOM   455  C CD2 . LEU A 1 101 ? -1.387  -2.308  -2.728  1.00 56.75  ? 81  LEU A CD2 1 
ATOM   456  N N   . ARG A 1 102 ? -2.985  -6.632  -5.616  1.00 68.29  ? 82  ARG A N   1 
ATOM   457  C CA  . ARG A 1 102 ? -3.792  -7.296  -6.620  1.00 68.41  ? 82  ARG A CA  1 
ATOM   458  C C   . ARG A 1 102 ? -5.098  -7.812  -6.024  1.00 68.19  ? 82  ARG A C   1 
ATOM   459  O O   . ARG A 1 102 ? -6.191  -7.499  -6.510  1.00 70.48  ? 82  ARG A O   1 
ATOM   460  C CB  . ARG A 1 102 ? -3.035  -8.452  -7.260  1.00 69.21  ? 82  ARG A CB  1 
ATOM   461  C CG  . ARG A 1 102 ? -1.676  -8.072  -7.866  1.00 74.30  ? 82  ARG A CG  1 
ATOM   462  C CD  . ARG A 1 102 ? -1.254  -9.058  -8.962  1.00 78.53  ? 82  ARG A CD  1 
ATOM   463  N NE  . ARG A 1 102 ? 0.207   -9.230  -9.020  1.00 87.36  ? 82  ARG A NE  1 
ATOM   464  C CZ  . ARG A 1 102 ? 0.905   -9.611  -10.090 1.00 89.27  ? 82  ARG A CZ  1 
ATOM   465  N NH1 . ARG A 1 102 ? 0.291   -9.886  -11.231 1.00 89.72  ? 82  ARG A NH1 1 
ATOM   466  N NH2 . ARG A 1 102 ? 2.224   -9.726  -9.989  1.00 87.34  ? 82  ARG A NH2 1 
ATOM   467  N N   . LYS A 1 103 ? -4.980  -8.621  -4.968  1.00 68.52  ? 83  LYS A N   1 
ATOM   468  C CA  . LYS A 1 103 ? -6.161  -9.160  -4.316  1.00 70.31  ? 83  LYS A CA  1 
ATOM   469  C C   . LYS A 1 103 ? -7.107  -8.034  -3.898  1.00 70.13  ? 83  LYS A C   1 
ATOM   470  O O   . LYS A 1 103 ? -8.310  -8.102  -4.110  1.00 73.18  ? 83  LYS A O   1 
ATOM   471  C CB  . LYS A 1 103 ? -5.768  -10.018 -3.117  1.00 68.80  ? 83  LYS A CB  1 
ATOM   472  C CG  . LYS A 1 103 ? -4.442  -10.740 -3.271  1.00 67.64  ? 83  LYS A CG  1 
ATOM   473  C CD  . LYS A 1 103 ? -4.506  -12.172 -2.774  1.00 70.50  ? 83  LYS A CD  1 
ATOM   474  C CE  . LYS A 1 103 ? -3.163  -12.854 -2.918  1.00 70.76  ? 83  LYS A CE  1 
ATOM   475  N NZ  . LYS A 1 103 ? -2.505  -12.514 -4.209  1.00 73.87  ? 83  LYS A NZ  1 
ATOM   476  N N   . LEU A 1 104 ? -6.537  -6.985  -3.300  1.00 68.16  ? 84  LEU A N   1 
ATOM   477  C CA  . LEU A 1 104 ? -7.322  -5.857  -2.852  1.00 63.94  ? 84  LEU A CA  1 
ATOM   478  C C   . LEU A 1 104 ? -8.209  -5.257  -3.952  1.00 62.94  ? 84  LEU A C   1 
ATOM   479  O O   . LEU A 1 104 ? -9.425  -5.134  -3.785  1.00 61.17  ? 84  LEU A O   1 
ATOM   480  C CB  . LEU A 1 104 ? -6.404  -4.790  -2.259  1.00 60.20  ? 84  LEU A CB  1 
ATOM   481  C CG  . LEU A 1 104 ? -6.067  -4.965  -0.776  1.00 60.49  ? 84  LEU A CG  1 
ATOM   482  C CD1 . LEU A 1 104 ? -4.977  -3.978  -0.354  1.00 56.45  ? 84  LEU A CD1 1 
ATOM   483  C CD2 . LEU A 1 104 ? -7.304  -4.782  0.073   1.00 57.30  ? 84  LEU A CD2 1 
ATOM   484  N N   . LEU A 1 105 ? -7.599  -4.918  -5.043  1.00 64.15  ? 85  LEU A N   1 
ATOM   485  C CA  . LEU A 1 105 ? -8.290  -4.284  -6.162  1.00 66.86  ? 85  LEU A CA  1 
ATOM   486  C C   . LEU A 1 105 ? -9.215  -5.281  -6.881  1.00 65.40  ? 85  LEU A C   1 
ATOM   487  O O   . LEU A 1 105 ? -10.268 -4.916  -7.406  1.00 68.11  ? 85  LEU A O   1 
ATOM   488  C CB  . LEU A 1 105 ? -7.166  -3.530  -6.910  1.00 66.62  ? 85  LEU A CB  1 
ATOM   489  C CG  . LEU A 1 105 ? -7.110  -3.366  -8.428  1.00 66.27  ? 85  LEU A CG  1 
ATOM   490  C CD1 . LEU A 1 105 ? -6.825  -1.909  -8.793  1.00 68.02  ? 85  LEU A CD1 1 
ATOM   491  C CD2 . LEU A 1 105 ? -6.052  -4.284  -9.032  1.00 68.09  ? 85  LEU A CD2 1 
ATOM   492  N N   . ILE A 1 106 ? -8.814  -6.550  -6.885  1.00 61.58  ? 86  ILE A N   1 
ATOM   493  C CA  . ILE A 1 106 ? -9.636  -7.609  -7.468  1.00 63.38  ? 86  ILE A CA  1 
ATOM   494  C C   . ILE A 1 106 ? -10.831 -7.802  -6.554  1.00 65.06  ? 86  ILE A C   1 
ATOM   495  O O   . ILE A 1 106 ? -11.941 -8.087  -7.000  1.00 69.22  ? 86  ILE A O   1 
ATOM   496  C CB  . ILE A 1 106 ? -8.847  -8.934  -7.601  1.00 63.74  ? 86  ILE A CB  1 
ATOM   497  C CG1 . ILE A 1 106 ? -7.638  -8.730  -8.485  1.00 63.85  ? 86  ILE A CG1 1 
ATOM   498  C CG2 . ILE A 1 106 ? -9.741  -10.026 -8.156  1.00 63.92  ? 86  ILE A CG2 1 
ATOM   499  C CD1 . ILE A 1 106 ? -6.560  -9.798  -8.326  1.00 64.45  ? 86  ILE A CD1 1 
ATOM   500  N N   . ASN A 1 107 ? -10.576 -7.617  -5.281  1.00 65.85  ? 87  ASN A N   1 
ATOM   501  C CA  . ASN A 1 107 ? -11.618 -7.697  -4.268  1.00 65.66  ? 87  ASN A CA  1 
ATOM   502  C C   . ASN A 1 107 ? -12.651 -6.621  -4.555  1.00 65.22  ? 87  ASN A C   1 
ATOM   503  O O   . ASN A 1 107 ? -13.859 -6.878  -4.528  1.00 64.51  ? 87  ASN A O   1 
ATOM   504  C CB  . ASN A 1 107 ? -11.036 -7.491  -2.856  1.00 68.36  ? 87  ASN A CB  1 
ATOM   505  C CG  . ASN A 1 107 ? -11.851 -8.132  -1.753  1.00 71.37  ? 87  ASN A CG  1 
ATOM   506  O OD1 . ASN A 1 107 ? -12.956 -7.685  -1.436  1.00 72.67  ? 87  ASN A OD1 1 
ATOM   507  N ND2 . ASN A 1 107 ? -11.309 -9.184  -1.174  1.00 68.79  ? 87  ASN A ND2 1 
ATOM   508  N N   . LEU A 1 108 ? -12.185 -5.397  -4.824  1.00 65.67  ? 88  LEU A N   1 
ATOM   509  C CA  . LEU A 1 108 ? -13.027 -4.234  -5.102  1.00 67.01  ? 88  LEU A CA  1 
ATOM   510  C C   . LEU A 1 108 ? -13.703 -4.339  -6.464  1.00 68.45  ? 88  LEU A C   1 
ATOM   511  O O   . LEU A 1 108 ? -14.880 -3.997  -6.617  1.00 71.36  ? 88  LEU A O   1 
ATOM   512  C CB  . LEU A 1 108 ? -12.206 -2.962  -4.963  1.00 59.92  ? 88  LEU A CB  1 
ATOM   513  C CG  . LEU A 1 108 ? -11.859 -2.201  -6.232  1.00 62.38  ? 88  LEU A CG  1 
ATOM   514  C CD1 . LEU A 1 108 ? -13.119 -1.575  -6.826  1.00 59.91  ? 88  LEU A CD1 1 
ATOM   515  C CD2 . LEU A 1 108 ? -10.801 -1.133  -5.971  1.00 66.23  ? 88  LEU A CD2 1 
ATOM   516  N N   . ASN A 1 109 ? -12.957 -4.797  -7.434  1.00 66.35  ? 89  ASN A N   1 
ATOM   517  C CA  . ASN A 1 109 ? -13.537 -4.959  -8.730  1.00 66.97  ? 89  ASN A CA  1 
ATOM   518  C C   . ASN A 1 109 ? -14.744 -5.908  -8.701  1.00 67.89  ? 89  ASN A C   1 
ATOM   519  O O   . ASN A 1 109 ? -15.665 -5.719  -9.480  1.00 66.59  ? 89  ASN A O   1 
ATOM   520  C CB  . ASN A 1 109 ? -12.472 -5.376  -9.736  1.00 66.70  ? 89  ASN A CB  1 
ATOM   521  C CG  . ASN A 1 109 ? -11.852 -4.185  -10.488 1.00 74.11  ? 89  ASN A CG  1 
ATOM   522  O OD1 . ASN A 1 109 ? -12.372 -3.073  -10.450 1.00 71.91  ? 89  ASN A OD1 1 
ATOM   523  N ND2 . ASN A 1 109 ? -10.734 -4.430  -11.154 1.00 68.43  ? 89  ASN A ND2 1 
ATOM   524  N N   . ASP A 1 110 ? -14.786 -6.902  -7.848  1.00 70.18  ? 90  ASP A N   1 
ATOM   525  C CA  . ASP A 1 110 ? -15.917 -7.818  -7.880  1.00 72.01  ? 90  ASP A CA  1 
ATOM   526  C C   . ASP A 1 110 ? -17.082 -7.360  -6.988  1.00 68.39  ? 90  ASP A C   1 
ATOM   527  O O   . ASP A 1 110 ? -18.169 -7.921  -7.041  1.00 67.59  ? 90  ASP A O   1 
ATOM   528  C CB  . ASP A 1 110 ? -15.438 -9.231  -7.519  1.00 75.61  ? 90  ASP A CB  1 
ATOM   529  C CG  . ASP A 1 110 ? -14.619 -9.841  -8.654  1.00 78.97  ? 90  ASP A CG  1 
ATOM   530  O OD1 . ASP A 1 110 ? -15.222 -10.225 -9.687  1.00 79.48  ? 90  ASP A OD1 1 
ATOM   531  O OD2 . ASP A 1 110 ? -13.390 -9.955  -8.508  1.00 81.81  ? 90  ASP A OD2 1 
ATOM   532  N N   . SER A 1 111 ? -16.816 -6.328  -6.190  1.00 66.75  ? 91  SER A N   1 
ATOM   533  C CA  . SER A 1 111 ? -17.755 -5.781  -5.206  1.00 64.46  ? 91  SER A CA  1 
ATOM   534  C C   . SER A 1 111 ? -18.840 -4.826  -5.713  1.00 63.56  ? 91  SER A C   1 
ATOM   535  O O   . SER A 1 111 ? -19.756 -4.471  -4.966  1.00 62.45  ? 91  SER A O   1 
ATOM   536  C CB  . SER A 1 111 ? -16.931 -5.112  -4.099  1.00 65.02  ? 91  SER A CB  1 
ATOM   537  O OG  . SER A 1 111 ? -16.003 -6.019  -3.531  1.00 73.78  ? 91  SER A OG  1 
ATOM   538  N N   . PHE A 1 112 ? -18.744 -4.387  -6.974  1.00 66.17  ? 92  PHE A N   1 
ATOM   539  C CA  . PHE A 1 112 ? -19.742 -3.487  -7.553  1.00 70.36  ? 92  PHE A CA  1 
ATOM   540  C C   . PHE A 1 112 ? -21.142 -4.086  -7.506  1.00 73.75  ? 92  PHE A C   1 
ATOM   541  O O   . PHE A 1 112 ? -21.308 -5.302  -7.456  1.00 74.30  ? 92  PHE A O   1 
ATOM   542  C CB  . PHE A 1 112 ? -19.379 -3.154  -8.990  1.00 67.79  ? 92  PHE A CB  1 
ATOM   543  C CG  . PHE A 1 112 ? -18.269 -2.152  -9.113  1.00 65.39  ? 92  PHE A CG  1 
ATOM   544  C CD1 . PHE A 1 112 ? -16.947 -2.575  -9.239  1.00 63.15  ? 92  PHE A CD1 1 
ATOM   545  C CD2 . PHE A 1 112 ? -18.535 -0.797  -9.141  1.00 58.08  ? 92  PHE A CD2 1 
ATOM   546  C CE1 . PHE A 1 112 ? -15.917 -1.668  -9.382  1.00 63.94  ? 92  PHE A CE1 1 
ATOM   547  C CE2 . PHE A 1 112 ? -17.491 0.123   -9.286  1.00 55.43  ? 92  PHE A CE2 1 
ATOM   548  C CZ  . PHE A 1 112 ? -16.188 -0.302  -9.412  1.00 55.79  ? 92  PHE A CZ  1 
ATOM   549  N N   . PRO A 1 113 ? -22.177 -3.224  -7.503  1.00 76.93  ? 93  PRO A N   1 
ATOM   550  C CA  . PRO A 1 113 ? -23.567 -3.697  -7.461  1.00 79.14  ? 93  PRO A CA  1 
ATOM   551  C C   . PRO A 1 113 ? -23.847 -4.799  -8.490  1.00 82.36  ? 93  PRO A C   1 
ATOM   552  O O   . PRO A 1 113 ? -23.265 -4.827  -9.564  1.00 78.39  ? 93  PRO A O   1 
ATOM   553  C CB  . PRO A 1 113 ? -24.384 -2.434  -7.765  1.00 81.43  ? 93  PRO A CB  1 
ATOM   554  C CG  . PRO A 1 113 ? -23.409 -1.531  -8.454  1.00 83.38  ? 93  PRO A CG  1 
ATOM   555  C CD  . PRO A 1 113 ? -22.064 -1.812  -7.850  1.00 80.01  ? 93  PRO A CD  1 
ATOM   556  N N   . TYR A 1 114 ? -24.742 -5.716  -8.123  1.00 89.46  ? 94  TYR A N   1 
ATOM   557  C CA  . TYR A 1 114 ? -25.125 -6.839  -8.948  1.00 94.03  ? 94  TYR A CA  1 
ATOM   558  C C   . TYR A 1 114 ? -25.234 -6.622  -10.439 1.00 94.34  ? 94  TYR A C   1 
ATOM   559  O O   . TYR A 1 114 ? -25.150 -7.513  -11.216 1.00 93.63  ? 94  TYR A O   1 
ATOM   560  C CB  . TYR A 1 114 ? -26.422 -7.473  -8.428  1.00 96.76  ? 94  TYR A CB  1 
ATOM   561  C CG  . TYR A 1 114 ? -27.370 -6.510  -7.742  1.00 99.71  ? 94  TYR A CG  1 
ATOM   562  C CD1 . TYR A 1 114 ? -28.211 -5.692  -8.478  1.00 100.70 ? 94  TYR A CD1 1 
ATOM   563  C CD2 . TYR A 1 114 ? -27.451 -6.439  -6.351  1.00 98.37  ? 94  TYR A CD2 1 
ATOM   564  C CE1 . TYR A 1 114 ? -29.097 -4.838  -7.851  1.00 100.18 ? 94  TYR A CE1 1 
ATOM   565  C CE2 . TYR A 1 114 ? -28.337 -5.584  -5.724  1.00 98.21  ? 94  TYR A CE2 1 
ATOM   566  C CZ  . TYR A 1 114 ? -29.158 -4.787  -6.471  1.00 99.47  ? 94  TYR A CZ  1 
ATOM   567  O OH  . TYR A 1 114 ? -30.052 -3.917  -5.845  1.00 100.53 ? 94  TYR A OH  1 
ATOM   568  N N   . GLY A 1 115 ? -25.411 -5.383  -10.854 1.00 95.04  ? 95  GLY A N   1 
ATOM   569  C CA  . GLY A 1 115 ? -25.519 -5.067  -12.261 1.00 93.25  ? 95  GLY A CA  1 
ATOM   570  C C   . GLY A 1 115 ? -25.946 -3.634  -12.509 1.00 90.45  ? 95  GLY A C   1 
ATOM   571  O O   . GLY A 1 115 ? -26.701 -3.338  -13.422 1.00 90.09  ? 95  GLY A O   1 
ATOM   572  N N   . GLY A 1 116 ? -25.460 -2.729  -11.665 1.00 86.00  ? 96  GLY A N   1 
ATOM   573  C CA  . GLY A 1 116 ? -25.790 -1.339  -11.804 1.00 79.74  ? 96  GLY A CA  1 
ATOM   574  C C   . GLY A 1 116 ? -24.673 -0.551  -12.419 1.00 76.88  ? 96  GLY A C   1 
ATOM   575  O O   . GLY A 1 116 ? -23.565 -1.025  -12.557 1.00 77.23  ? 96  GLY A O   1 
ATOM   576  N N   . ASP A 1 117 ? -24.981 0.696   -12.804 1.00 73.69  ? 97  ASP A N   1 
ATOM   577  C CA  . ASP A 1 117 ? -23.965 1.571   -13.423 1.00 69.81  ? 97  ASP A CA  1 
ATOM   578  C C   . ASP A 1 117 ? -22.801 1.692   -12.436 1.00 68.12  ? 97  ASP A C   1 
ATOM   579  O O   . ASP A 1 117 ? -22.925 2.341   -11.396 1.00 67.42  ? 97  ASP A O   1 
ATOM   580  C CB  . ASP A 1 117 ? -24.565 2.938   -13.729 1.00 69.85  ? 97  ASP A CB  1 
ATOM   581  C CG  . ASP A 1 117 ? -23.669 3.785   -14.542 1.00 69.13  ? 97  ASP A CG  1 
ATOM   582  O OD1 . ASP A 1 117 ? -24.027 4.871   -14.953 1.00 68.67  ? 97  ASP A OD1 1 
ATOM   583  O OD2 . ASP A 1 117 ? -22.557 3.369   -14.829 1.00 70.25  ? 97  ASP A OD2 1 
ATOM   584  N N   . LYS A 1 118 ? -21.698 1.017   -12.736 1.00 67.41  ? 98  LYS A N   1 
ATOM   585  C CA  . LYS A 1 118 ? -20.523 1.058   -11.872 1.00 64.77  ? 98  LYS A CA  1 
ATOM   586  C C   . LYS A 1 118 ? -19.863 2.438   -11.785 1.00 63.06  ? 98  LYS A C   1 
ATOM   587  O O   . LYS A 1 118 ? -18.767 2.589   -11.274 1.00 64.96  ? 98  LYS A O   1 
ATOM   588  C CB  . LYS A 1 118 ? -19.485 0.049   -12.342 1.00 60.97  ? 98  LYS A CB  1 
ATOM   589  C CG  . LYS A 1 118 ? -20.032 -1.099  -13.185 1.00 62.81  ? 98  LYS A CG  1 
ATOM   590  C CD  . LYS A 1 118 ? -19.000 -2.174  -13.418 1.00 65.63  ? 98  LYS A CD  1 
ATOM   591  C CE  . LYS A 1 118 ? -19.578 -3.554  -13.622 1.00 65.32  ? 98  LYS A CE  1 
ATOM   592  N NZ  . LYS A 1 118 ? -18.633 -4.676  -13.652 1.00 61.14  ? 98  LYS A NZ  1 
ATOM   593  N N   . ARG A 1 119 ? -20.576 3.463   -12.233 1.00 60.15  ? 99  ARG A N   1 
ATOM   594  C CA  . ARG A 1 119 ? -20.065 4.816   -12.198 1.00 60.77  ? 99  ARG A CA  1 
ATOM   595  C C   . ARG A 1 119 ? -21.021 5.755   -11.445 1.00 63.11  ? 99  ARG A C   1 
ATOM   596  O O   . ARG A 1 119 ? -20.708 6.947   -11.264 1.00 64.69  ? 99  ARG A O   1 
ATOM   597  C CB  . ARG A 1 119 ? -19.867 5.371   -13.615 1.00 55.29  ? 99  ARG A CB  1 
ATOM   598  C CG  . ARG A 1 119 ? -18.597 4.876   -14.273 1.00 53.43  ? 99  ARG A CG  1 
ATOM   599  C CD  . ARG A 1 119 ? -18.340 5.636   -15.542 1.00 44.96  ? 99  ARG A CD  1 
ATOM   600  N NE  . ARG A 1 119 ? -17.034 5.299   -16.098 1.00 53.95  ? 99  ARG A NE  1 
ATOM   601  C CZ  . ARG A 1 119 ? -16.021 6.159   -16.156 1.00 57.66  ? 99  ARG A CZ  1 
ATOM   602  N NH1 . ARG A 1 119 ? -16.171 7.391   -15.690 1.00 61.39  ? 99  ARG A NH1 1 
ATOM   603  N NH2 . ARG A 1 119 ? -14.864 5.780   -16.663 1.00 49.54  ? 99  ARG A NH2 1 
ATOM   604  N N   . GLY A 1 120 ? -22.171 5.227   -11.036 1.00 64.68  ? 100 GLY A N   1 
ATOM   605  C CA  . GLY A 1 120 ? -23.108 6.027   -10.303 1.00 63.14  ? 100 GLY A CA  1 
ATOM   606  C C   . GLY A 1 120 ? -22.655 6.160   -8.861  1.00 60.16  ? 100 GLY A C   1 
ATOM   607  O O   . GLY A 1 120 ? -21.674 5.530   -8.453  1.00 63.85  ? 100 GLY A O   1 
ATOM   608  N N   . ASP A 1 121 ? -23.347 6.976   -8.085  1.00 59.56  ? 101 ASP A N   1 
ATOM   609  C CA  . ASP A 1 121 ? -23.002 7.133   -6.667  1.00 64.55  ? 101 ASP A CA  1 
ATOM   610  C C   . ASP A 1 121 ? -23.230 5.846   -5.902  1.00 68.81  ? 101 ASP A C   1 
ATOM   611  O O   . ASP A 1 121 ? -22.395 5.430   -5.114  1.00 71.80  ? 101 ASP A O   1 
ATOM   612  C CB  . ASP A 1 121 ? -23.824 8.260   -6.038  1.00 64.13  ? 101 ASP A CB  1 
ATOM   613  C CG  . ASP A 1 121 ? -23.406 9.634   -6.536  1.00 64.47  ? 101 ASP A CG  1 
ATOM   614  O OD1 . ASP A 1 121 ? -22.198 9.833   -6.820  1.00 64.55  ? 101 ASP A OD1 1 
ATOM   615  O OD2 . ASP A 1 121 ? -24.270 10.534  -6.641  1.00 65.48  ? 101 ASP A OD2 1 
ATOM   616  N N   . TYR A 1 122 ? -24.386 5.228   -6.140  1.00 70.01  ? 102 TYR A N   1 
ATOM   617  C CA  . TYR A 1 122 ? -24.743 3.985   -5.469  1.00 66.33  ? 102 TYR A CA  1 
ATOM   618  C C   . TYR A 1 122 ? -23.598 3.003   -5.545  1.00 62.26  ? 102 TYR A C   1 
ATOM   619  O O   . TYR A 1 122 ? -23.112 2.509   -4.528  1.00 61.54  ? 102 TYR A O   1 
ATOM   620  C CB  . TYR A 1 122 ? -25.987 3.367   -6.138  1.00 68.15  ? 102 TYR A CB  1 
ATOM   621  C CG  . TYR A 1 122 ? -26.567 2.177   -5.415  1.00 71.43  ? 102 TYR A CG  1 
ATOM   622  C CD1 . TYR A 1 122 ? -27.849 2.211   -4.893  1.00 72.48  ? 102 TYR A CD1 1 
ATOM   623  C CD2 . TYR A 1 122 ? -25.825 1.023   -5.254  1.00 70.44  ? 102 TYR A CD2 1 
ATOM   624  C CE1 . TYR A 1 122 ? -28.394 1.118   -4.237  1.00 70.76  ? 102 TYR A CE1 1 
ATOM   625  C CE2 . TYR A 1 122 ? -26.346 -0.097  -4.574  1.00 70.17  ? 102 TYR A CE2 1 
ATOM   626  C CZ  . TYR A 1 122 ? -27.637 -0.032  -4.079  1.00 72.37  ? 102 TYR A CZ  1 
ATOM   627  O OH  . TYR A 1 122 ? -28.164 -1.129  -3.434  1.00 74.48  ? 102 TYR A OH  1 
ATOM   628  N N   . ALA A 1 123 ? -23.165 2.724   -6.761  1.00 53.46  ? 103 ALA A N   1 
ATOM   629  C CA  . ALA A 1 123 ? -22.050 1.770   -6.990  1.00 52.30  ? 103 ALA A CA  1 
ATOM   630  C C   . ALA A 1 123 ? -20.841 2.180   -6.142  1.00 53.33  ? 103 ALA A C   1 
ATOM   631  O O   . ALA A 1 123 ? -20.146 1.304   -5.599  1.00 49.46  ? 103 ALA A O   1 
ATOM   632  C CB  . ALA A 1 123 ? -21.665 1.758   -8.452  1.00 48.08  ? 103 ALA A CB  1 
ATOM   633  N N   . PHE A 1 124 ? -20.600 3.490   -6.036  1.00 55.96  ? 104 PHE A N   1 
ATOM   634  C CA  . PHE A 1 124 ? -19.474 3.970   -5.217  1.00 56.96  ? 104 PHE A CA  1 
ATOM   635  C C   . PHE A 1 124 ? -19.672 3.674   -3.733  1.00 56.83  ? 104 PHE A C   1 
ATOM   636  O O   . PHE A 1 124 ? -18.721 3.281   -3.032  1.00 61.81  ? 104 PHE A O   1 
ATOM   637  C CB  . PHE A 1 124 ? -19.296 5.457   -5.391  1.00 54.73  ? 104 PHE A CB  1 
ATOM   638  C CG  . PHE A 1 124 ? -18.138 6.011   -4.619  1.00 54.92  ? 104 PHE A CG  1 
ATOM   639  C CD1 . PHE A 1 124 ? -16.821 6.028   -5.147  1.00 56.36  ? 104 PHE A CD1 1 
ATOM   640  C CD2 . PHE A 1 124 ? -18.348 6.491   -3.331  1.00 47.51  ? 104 PHE A CD2 1 
ATOM   641  C CE1 . PHE A 1 124 ? -15.760 6.498   -4.362  1.00 53.90  ? 104 PHE A CE1 1 
ATOM   642  C CE2 . PHE A 1 124 ? -17.284 6.959   -2.551  1.00 44.51  ? 104 PHE A CE2 1 
ATOM   643  C CZ  . PHE A 1 124 ? -16.001 6.972   -3.061  1.00 46.17  ? 104 PHE A CZ  1 
ATOM   644  N N   . ASN A 1 125 ? -20.890 3.911   -3.247  1.00 56.76  ? 105 ASN A N   1 
ATOM   645  C CA  . ASN A 1 125 ? -21.181 3.680   -1.830  1.00 60.68  ? 105 ASN A CA  1 
ATOM   646  C C   . ASN A 1 125 ? -20.795 2.290   -1.354  1.00 63.84  ? 105 ASN A C   1 
ATOM   647  O O   . ASN A 1 125 ? -20.356 2.098   -0.223  1.00 66.09  ? 105 ASN A O   1 
ATOM   648  C CB  . ASN A 1 125 ? -22.670 3.955   -1.556  1.00 63.94  ? 105 ASN A CB  1 
ATOM   649  C CG  . ASN A 1 125 ? -23.097 5.322   -2.019  1.00 68.11  ? 105 ASN A CG  1 
ATOM   650  O OD1 . ASN A 1 125 ? -22.295 6.240   -2.105  1.00 70.17  ? 105 ASN A OD1 1 
ATOM   651  N ND2 . ASN A 1 125 ? -24.371 5.465   -2.344  1.00 72.73  ? 105 ASN A ND2 1 
ATOM   652  N N   . ARG A 1 126 ? -20.980 1.315   -2.226  1.00 66.14  ? 106 ARG A N   1 
ATOM   653  C CA  . ARG A 1 126 ? -20.650 -0.069  -1.873  1.00 68.43  ? 106 ARG A CA  1 
ATOM   654  C C   . ARG A 1 126 ? -19.161 -0.337  -1.983  1.00 69.48  ? 106 ARG A C   1 
ATOM   655  O O   . ARG A 1 126 ? -18.647 -1.234  -1.327  1.00 73.85  ? 106 ARG A O   1 
ATOM   656  C CB  . ARG A 1 126 ? -21.404 -1.033  -2.788  1.00 69.02  ? 106 ARG A CB  1 
ATOM   657  C CG  . ARG A 1 126 ? -22.929 -0.949  -2.688  1.00 70.72  ? 106 ARG A CG  1 
ATOM   658  C CD  . ARG A 1 126 ? -23.423 -1.729  -1.467  1.00 71.68  ? 106 ARG A CD  1 
ATOM   659  N NE  . ARG A 1 126 ? -24.102 -2.953  -1.883  1.00 74.65  ? 106 ARG A NE  1 
ATOM   660  C CZ  . ARG A 1 126 ? -23.521 -3.923  -2.583  1.00 75.91  ? 106 ARG A CZ  1 
ATOM   661  N NH1 . ARG A 1 126 ? -22.242 -3.823  -2.956  1.00 77.34  ? 106 ARG A NH1 1 
ATOM   662  N NH2 . ARG A 1 126 ? -24.210 -5.008  -2.943  1.00 73.72  ? 106 ARG A NH2 1 
ATOM   663  N N   . ILE A 1 127 ? -18.473 0.474   -2.774  1.00 67.23  ? 107 ILE A N   1 
ATOM   664  C CA  . ILE A 1 127 ? -17.036 0.254   -2.979  1.00 65.85  ? 107 ILE A CA  1 
ATOM   665  C C   . ILE A 1 127 ? -16.117 1.147   -2.160  1.00 64.69  ? 107 ILE A C   1 
ATOM   666  O O   . ILE A 1 127 ? -14.997 0.748   -1.834  1.00 63.83  ? 107 ILE A O   1 
ATOM   667  C CB  . ILE A 1 127 ? -16.623 0.411   -4.447  1.00 67.41  ? 107 ILE A CB  1 
ATOM   668  C CG1 . ILE A 1 127 ? -17.614 -0.295  -5.374  1.00 66.87  ? 107 ILE A CG1 1 
ATOM   669  C CG2 . ILE A 1 127 ? -15.226 -0.135  -4.665  1.00 66.19  ? 107 ILE A CG2 1 
ATOM   670  C CD1 . ILE A 1 127 ? -17.291 -1.759  -5.786  1.00 63.34  ? 107 ILE A CD1 1 
ATOM   671  N N   . ARG A 1 128 ? -16.563 2.317   -1.768  1.00 64.03  ? 108 ARG A N   1 
ATOM   672  C CA  . ARG A 1 128 ? -15.775 3.213   -0.953  1.00 67.11  ? 108 ARG A CA  1 
ATOM   673  C C   . ARG A 1 128 ? -14.960 2.401   0.046   1.00 66.46  ? 108 ARG A C   1 
ATOM   674  O O   . ARG A 1 128 ? -13.775 2.700   0.286   1.00 64.02  ? 108 ARG A O   1 
ATOM   675  C CB  . ARG A 1 128 ? -16.663 4.233   -0.218  1.00 67.99  ? 108 ARG A CB  1 
ATOM   676  C CG  . ARG A 1 128 ? -15.909 5.447   0.335   1.00 74.34  ? 108 ARG A CG  1 
ATOM   677  C CD  . ARG A 1 128 ? -15.301 5.157   1.695   1.00 80.30  ? 108 ARG A CD  1 
ATOM   678  N NE  . ARG A 1 128 ? -14.371 6.229   2.083   1.00 87.87  ? 108 ARG A NE  1 
ATOM   679  C CZ  . ARG A 1 128 ? -14.717 7.383   2.630   1.00 89.81  ? 108 ARG A CZ  1 
ATOM   680  N NH1 . ARG A 1 128 ? -15.990 7.649   2.901   1.00 87.87  ? 108 ARG A NH1 1 
ATOM   681  N NH2 . ARG A 1 128 ? -13.787 8.286   2.929   1.00 91.70  ? 108 ARG A NH2 1 
ATOM   682  N N   . GLU A 1 129 ? -15.549 1.406   0.623   1.00 67.45  ? 109 GLU A N   1 
ATOM   683  C CA  . GLU A 1 129 ? -14.800 0.614   1.588   1.00 68.95  ? 109 GLU A CA  1 
ATOM   684  C C   . GLU A 1 129 ? -13.625 -0.162  0.967   1.00 64.71  ? 109 GLU A C   1 
ATOM   685  O O   . GLU A 1 129 ? -12.483 0.116   1.353   1.00 57.83  ? 109 GLU A O   1 
ATOM   686  C CB  . GLU A 1 129 ? -15.774 -0.261  2.344   1.00 73.83  ? 109 GLU A CB  1 
ATOM   687  C CG  . GLU A 1 129 ? -16.379 0.418   3.584   1.00 87.60  ? 109 GLU A CG  1 
ATOM   688  C CD  . GLU A 1 129 ? -16.229 1.940   3.598   1.00 93.85  ? 109 GLU A CD  1 
ATOM   689  O OE1 . GLU A 1 129 ? -16.839 2.600   2.750   1.00 98.03  ? 109 GLU A OE1 1 
ATOM   690  O OE2 . GLU A 1 129 ? -15.508 2.452   4.482   1.00 95.48  ? 109 GLU A OE2 1 
ATOM   691  N N   . LYS A 1 130 ? -13.876 -1.081  0.028   1.00 63.99  ? 110 LYS A N   1 
ATOM   692  C CA  . LYS A 1 130 ? -12.736 -1.816  -0.564  1.00 61.58  ? 110 LYS A CA  1 
ATOM   693  C C   . LYS A 1 130 ? -11.897 -0.859  -1.406  1.00 59.72  ? 110 LYS A C   1 
ATOM   694  O O   . LYS A 1 130 ? -10.739 -1.148  -1.726  1.00 57.48  ? 110 LYS A O   1 
ATOM   695  C CB  . LYS A 1 130 ? -13.215 -2.989  -1.427  1.00 60.71  ? 110 LYS A CB  1 
ATOM   696  C CG  . LYS A 1 130 ? -13.875 -4.105  -0.656  1.00 65.19  ? 110 LYS A CG  1 
ATOM   697  C CD  . LYS A 1 130 ? -15.383 -4.076  -0.862  1.00 71.23  ? 110 LYS A CD  1 
ATOM   698  C CE  . LYS A 1 130 ? -16.018 -5.373  -0.382  1.00 71.08  ? 110 LYS A CE  1 
ATOM   699  N NZ  . LYS A 1 130 ? -15.304 -6.563  -0.923  1.00 69.31  ? 110 LYS A NZ  1 
ATOM   700  N N   . TYR A 1 131 ? -12.487 0.280   -1.789  1.00 60.84  ? 111 TYR A N   1 
ATOM   701  C CA  . TYR A 1 131 ? -11.689 1.287   -2.490  1.00 59.78  ? 111 TYR A CA  1 
ATOM   702  C C   . TYR A 1 131 ? -10.611 1.780   -1.556  1.00 57.34  ? 111 TYR A C   1 
ATOM   703  O O   . TYR A 1 131 ? -9.428  1.633   -1.829  1.00 58.29  ? 111 TYR A O   1 
ATOM   704  C CB  . TYR A 1 131 ? -12.614 2.442   -2.940  1.00 61.44  ? 111 TYR A CB  1 
ATOM   705  C CG  . TYR A 1 131 ? -12.007 3.404   -3.956  1.00 56.79  ? 111 TYR A CG  1 
ATOM   706  C CD1 . TYR A 1 131 ? -10.634 3.388   -4.254  1.00 61.42  ? 111 TYR A CD1 1 
ATOM   707  C CD2 . TYR A 1 131 ? -12.805 4.321   -4.622  1.00 54.06  ? 111 TYR A CD2 1 
ATOM   708  C CE1 . TYR A 1 131 ? -10.088 4.256   -5.173  1.00 53.73  ? 111 TYR A CE1 1 
ATOM   709  C CE2 . TYR A 1 131 ? -12.263 5.192   -5.563  1.00 56.13  ? 111 TYR A CE2 1 
ATOM   710  C CZ  . TYR A 1 131 ? -10.892 5.159   -5.831  1.00 54.44  ? 111 TYR A CZ  1 
ATOM   711  O OH  . TYR A 1 131 ? -10.339 6.030   -6.755  1.00 60.55  ? 111 TYR A OH  1 
ATOM   712  N N   . MET A 1 132 ? -11.043 2.369   -0.441  1.00 55.41  ? 112 MET A N   1 
ATOM   713  C CA  . MET A 1 132 ? -10.125 2.899   0.555   1.00 56.21  ? 112 MET A CA  1 
ATOM   714  C C   . MET A 1 132 ? -9.068  1.884   0.981   1.00 53.74  ? 112 MET A C   1 
ATOM   715  O O   . MET A 1 132 ? -7.944  2.252   1.327   1.00 52.86  ? 112 MET A O   1 
ATOM   716  C CB  . MET A 1 132 ? -10.903 3.384   1.768   1.00 59.98  ? 112 MET A CB  1 
ATOM   717  C CG  . MET A 1 132 ? -11.862 4.506   1.426   1.00 63.52  ? 112 MET A CG  1 
ATOM   718  S SD  . MET A 1 132 ? -10.992 6.025   0.577   1.00 67.41  ? 112 MET A SD  1 
ATOM   719  C CE  . MET A 1 132 ? -11.571 5.736   -1.260  1.00 65.00  ? 112 MET A CE  1 
ATOM   720  N N   . ALA A 1 133 ? -9.426  0.598   0.931   1.00 53.67  ? 113 ALA A N   1 
ATOM   721  C CA  . ALA A 1 133 ? -8.497  -0.465  1.333   1.00 55.53  ? 113 ALA A CA  1 
ATOM   722  C C   . ALA A 1 133 ? -7.288  -0.456  0.411   1.00 53.53  ? 113 ALA A C   1 
ATOM   723  O O   . ALA A 1 133 ? -6.148  -0.476  0.855   1.00 56.48  ? 113 ALA A O   1 
ATOM   724  C CB  . ALA A 1 133 ? -9.189  -1.807  1.276   1.00 55.88  ? 113 ALA A CB  1 
ATOM   725  N N   . VAL A 1 134 ? -7.544  -0.408  -0.891  1.00 50.67  ? 114 VAL A N   1 
ATOM   726  C CA  . VAL A 1 134 ? -6.469  -0.423  -1.871  1.00 49.32  ? 114 VAL A CA  1 
ATOM   727  C C   . VAL A 1 134 ? -5.585  0.794   -1.704  1.00 47.48  ? 114 VAL A C   1 
ATOM   728  O O   . VAL A 1 134 ? -4.353  0.731   -1.894  1.00 50.07  ? 114 VAL A O   1 
ATOM   729  C CB  . VAL A 1 134 ? -7.027  -0.447  -3.319  1.00 45.11  ? 114 VAL A CB  1 
ATOM   730  C CG1 . VAL A 1 134 ? -5.974  -1.003  -4.272  1.00 44.97  ? 114 VAL A CG1 1 
ATOM   731  C CG2 . VAL A 1 134 ? -8.290  -1.287  -3.382  1.00 53.80  ? 114 VAL A CG2 1 
ATOM   732  N N   . LEU A 1 135 ? -6.203  1.933   -1.359  1.00 46.77  ? 115 LEU A N   1 
ATOM   733  C CA  . LEU A 1 135 ? -5.411  3.179   -1.159  1.00 50.59  ? 115 LEU A CA  1 
ATOM   734  C C   . LEU A 1 135 ? -4.510  3.119   0.081   1.00 53.15  ? 115 LEU A C   1 
ATOM   735  O O   . LEU A 1 135 ? -3.330  3.406   -0.009  1.00 52.47  ? 115 LEU A O   1 
ATOM   736  C CB  . LEU A 1 135 ? -6.325  4.394   -1.049  1.00 51.99  ? 115 LEU A CB  1 
ATOM   737  C CG  . LEU A 1 135 ? -6.157  5.473   -2.118  1.00 56.63  ? 115 LEU A CG  1 
ATOM   738  C CD1 . LEU A 1 135 ? -5.717  4.875   -3.422  1.00 56.81  ? 115 LEU A CD1 1 
ATOM   739  C CD2 . LEU A 1 135 ? -7.471  6.223   -2.302  1.00 54.63  ? 115 LEU A CD2 1 
ATOM   740  N N   . HIS A 1 136 ? -5.067  2.726   1.229   1.00 56.67  ? 116 HIS A N   1 
ATOM   741  C CA  . HIS A 1 136 ? -4.276  2.630   2.441   1.00 58.82  ? 116 HIS A CA  1 
ATOM   742  C C   . HIS A 1 136 ? -3.050  1.798   2.183   1.00 58.34  ? 116 HIS A C   1 
ATOM   743  O O   . HIS A 1 136 ? -1.901  2.220   2.481   1.00 59.06  ? 116 HIS A O   1 
ATOM   744  C CB  . HIS A 1 136 ? -5.099  1.993   3.575   1.00 59.21  ? 116 HIS A CB  1 
ATOM   745  C CG  . HIS A 1 136 ? -6.281  2.782   3.995   1.00 65.22  ? 116 HIS A CG  1 
ATOM   746  N ND1 . HIS A 1 136 ? -6.483  4.089   3.597   1.00 67.77  ? 116 HIS A ND1 1 
ATOM   747  C CD2 . HIS A 1 136 ? -7.337  2.462   4.788   1.00 70.40  ? 116 HIS A CD2 1 
ATOM   748  C CE1 . HIS A 1 136 ? -7.615  4.554   4.137   1.00 71.60  ? 116 HIS A CE1 1 
ATOM   749  N NE2 . HIS A 1 136 ? -8.157  3.583   4.864   1.00 74.66  ? 116 HIS A NE2 1 
ATOM   750  N N   . ALA A 1 137 ? -3.273  0.601   1.646   1.00 53.14  ? 117 ALA A N   1 
ATOM   751  C CA  . ALA A 1 137 ? -2.151  -0.310  1.333   1.00 54.22  ? 117 ALA A CA  1 
ATOM   752  C C   . ALA A 1 137 ? -1.148  0.403   0.449   1.00 55.87  ? 117 ALA A C   1 
ATOM   753  O O   . ALA A 1 137 ? 0.034   0.140   0.540   1.00 57.36  ? 117 ALA A O   1 
ATOM   754  C CB  . ALA A 1 137 ? -2.687  -1.559  0.629   1.00 54.18  ? 117 ALA A CB  1 
ATOM   755  N N   . LEU A 1 138 ? -1.637  1.309   -0.408  1.00 55.14  ? 118 LEU A N   1 
ATOM   756  C CA  . LEU A 1 138 ? -0.745  2.048   -1.291  1.00 55.15  ? 118 LEU A CA  1 
ATOM   757  C C   . LEU A 1 138 ? 0.110   2.993   -0.461  1.00 57.58  ? 118 LEU A C   1 
ATOM   758  O O   . LEU A 1 138 ? 1.314   3.097   -0.649  1.00 65.51  ? 118 LEU A O   1 
ATOM   759  C CB  . LEU A 1 138 ? -1.549  2.867   -2.311  1.00 48.25  ? 118 LEU A CB  1 
ATOM   760  C CG  . LEU A 1 138 ? -1.223  2.708   -3.807  1.00 44.33  ? 118 LEU A CG  1 
ATOM   761  C CD1 . LEU A 1 138 ? -0.086  1.725   -3.991  1.00 34.63  ? 118 LEU A CD1 1 
ATOM   762  C CD2 . LEU A 1 138 ? -2.479  2.222   -4.565  1.00 33.23  ? 118 LEU A CD2 1 
ATOM   763  N N   . ASN A 1 139 ? -0.528  3.654   0.498   1.00 55.70  ? 119 ASN A N   1 
ATOM   764  C CA  . ASN A 1 139 ? 0.168   4.589   1.397   1.00 55.37  ? 119 ASN A CA  1 
ATOM   765  C C   . ASN A 1 139 ? 1.111   3.901   2.370   1.00 54.64  ? 119 ASN A C   1 
ATOM   766  O O   . ASN A 1 139 ? 2.057   4.506   2.856   1.00 52.99  ? 119 ASN A O   1 
ATOM   767  C CB  . ASN A 1 139 ? -0.866  5.421   2.169   1.00 58.90  ? 119 ASN A CB  1 
ATOM   768  C CG  . ASN A 1 139 ? -1.386  6.597   1.394   1.00 57.77  ? 119 ASN A CG  1 
ATOM   769  O OD1 . ASN A 1 139 ? -0.636  7.473   0.960   1.00 61.15  ? 119 ASN A OD1 1 
ATOM   770  N ND2 . ASN A 1 139 ? -2.710  6.630   1.196   1.00 66.22  ? 119 ASN A ND2 1 
ATOM   771  N N   . ASP A 1 140 ? 0.854   2.627   2.655   1.00 56.24  ? 120 ASP A N   1 
ATOM   772  C CA  . ASP A 1 140 ? 1.714   1.888   3.559   1.00 56.68  ? 120 ASP A CA  1 
ATOM   773  C C   . ASP A 1 140 ? 3.005   1.455   2.879   1.00 55.35  ? 120 ASP A C   1 
ATOM   774  O O   . ASP A 1 140 ? 4.106   1.856   3.265   1.00 52.94  ? 120 ASP A O   1 
ATOM   775  C CB  . ASP A 1 140 ? 0.991   0.639   4.109   1.00 58.82  ? 120 ASP A CB  1 
ATOM   776  C CG  . ASP A 1 140 ? -0.141  0.980   5.045   1.00 63.71  ? 120 ASP A CG  1 
ATOM   777  O OD1 . ASP A 1 140 ? 0.039   1.864   5.932   1.00 65.20  ? 120 ASP A OD1 1 
ATOM   778  O OD2 . ASP A 1 140 ? -1.234  0.385   4.904   1.00 65.09  ? 120 ASP A OD2 1 
ATOM   779  N N   . MET A 1 141 ? 2.854   0.617   1.860   1.00 55.77  ? 121 MET A N   1 
ATOM   780  C CA  . MET A 1 141 ? 3.983   0.064   1.101   1.00 56.45  ? 121 MET A CA  1 
ATOM   781  C C   . MET A 1 141 ? 4.918   1.008   0.325   1.00 59.82  ? 121 MET A C   1 
ATOM   782  O O   . MET A 1 141 ? 6.099   0.702   0.193   1.00 65.02  ? 121 MET A O   1 
ATOM   783  C CB  . MET A 1 141 ? 3.473   -0.998  0.116   1.00 55.30  ? 121 MET A CB  1 
ATOM   784  C CG  . MET A 1 141 ? 2.752   -2.132  0.802   1.00 57.52  ? 121 MET A CG  1 
ATOM   785  S SD  . MET A 1 141 ? 1.715   -3.148  -0.472  1.00 57.47  ? 121 MET A SD  1 
ATOM   786  C CE  . MET A 1 141 ? 0.595   -4.046  0.881   1.00 61.45  ? 121 MET A CE  1 
ATOM   787  N N   . VAL A 1 142 ? 4.409   2.128   -0.189  1.00 60.20  ? 122 VAL A N   1 
ATOM   788  C CA  . VAL A 1 142 ? 5.261   2.993   -0.973  1.00 58.70  ? 122 VAL A CA  1 
ATOM   789  C C   . VAL A 1 142 ? 6.428   3.631   -0.214  1.00 60.06  ? 122 VAL A C   1 
ATOM   790  O O   . VAL A 1 142 ? 7.579   3.517   -0.623  1.00 63.60  ? 122 VAL A O   1 
ATOM   791  C CB  . VAL A 1 142 ? 4.440   4.117   -1.675  1.00 57.84  ? 122 VAL A CB  1 
ATOM   792  C CG1 . VAL A 1 142 ? 5.373   5.074   -2.361  1.00 60.64  ? 122 VAL A CG1 1 
ATOM   793  C CG2 . VAL A 1 142 ? 3.451   3.505   -2.636  1.00 56.96  ? 122 VAL A CG2 1 
ATOM   794  N N   . PRO A 1 143 ? 6.141   4.325   0.909   1.00 59.95  ? 123 PRO A N   1 
ATOM   795  C CA  . PRO A 1 143 ? 7.244   4.963   1.657   1.00 60.01  ? 123 PRO A CA  1 
ATOM   796  C C   . PRO A 1 143 ? 8.355   3.975   1.958   1.00 61.50  ? 123 PRO A C   1 
ATOM   797  O O   . PRO A 1 143 ? 9.522   4.350   2.124   1.00 59.76  ? 123 PRO A O   1 
ATOM   798  C CB  . PRO A 1 143 ? 6.547   5.464   2.924   1.00 61.83  ? 123 PRO A CB  1 
ATOM   799  C CG  . PRO A 1 143 ? 5.409   4.490   3.105   1.00 59.18  ? 123 PRO A CG  1 
ATOM   800  C CD  . PRO A 1 143 ? 4.885   4.368   1.687   1.00 61.23  ? 123 PRO A CD  1 
ATOM   801  N N   . CYS A 1 144 ? 7.971   2.690   1.983   1.00 60.75  ? 124 CYS A N   1 
ATOM   802  C CA  . CYS A 1 144 ? 8.939   1.608   2.255   1.00 62.06  ? 124 CYS A CA  1 
ATOM   803  C C   . CYS A 1 144 ? 10.047  1.557   1.207   1.00 65.19  ? 124 CYS A C   1 
ATOM   804  O O   . CYS A 1 144 ? 11.195  1.257   1.533   1.00 68.21  ? 124 CYS A O   1 
ATOM   805  C CB  . CYS A 1 144 ? 8.243   0.252   2.302   1.00 63.60  ? 124 CYS A CB  1 
ATOM   806  S SG  . CYS A 1 144 ? 7.767   -0.297  3.973   1.00 60.17  ? 124 CYS A SG  1 
ATOM   807  N N   . TYR A 1 145 ? 9.719   1.873   -0.040  1.00 66.50  ? 125 TYR A N   1 
ATOM   808  C CA  . TYR A 1 145 ? 10.688  1.805   -1.153  1.00 67.86  ? 125 TYR A CA  1 
ATOM   809  C C   . TYR A 1 145 ? 11.311  3.162   -1.572  1.00 67.83  ? 125 TYR A C   1 
ATOM   810  O O   . TYR A 1 145 ? 11.929  3.271   -2.636  1.00 65.90  ? 125 TYR A O   1 
ATOM   811  C CB  . TYR A 1 145 ? 10.000  1.174   -2.386  1.00 69.98  ? 125 TYR A CB  1 
ATOM   812  C CG  . TYR A 1 145 ? 9.813   -0.321  -2.277  1.00 74.66  ? 125 TYR A CG  1 
ATOM   813  C CD1 . TYR A 1 145 ? 8.793   -0.854  -1.480  1.00 75.01  ? 125 TYR A CD1 1 
ATOM   814  C CD2 . TYR A 1 145 ? 10.633  -1.196  -2.960  1.00 75.10  ? 125 TYR A CD2 1 
ATOM   815  C CE1 . TYR A 1 145 ? 8.591   -2.216  -1.381  1.00 79.00  ? 125 TYR A CE1 1 
ATOM   816  C CE2 . TYR A 1 145 ? 10.460  -2.572  -2.879  1.00 77.69  ? 125 TYR A CE2 1 
ATOM   817  C CZ  . TYR A 1 145 ? 9.430   -3.082  -2.079  1.00 79.31  ? 125 TYR A CZ  1 
ATOM   818  O OH  . TYR A 1 145 ? 9.225   -4.445  -1.986  1.00 83.49  ? 125 TYR A OH  1 
ATOM   819  N N   . LEU A 1 146 ? 11.132  4.202   -0.732  1.00 65.84  ? 126 LEU A N   1 
ATOM   820  C CA  . LEU A 1 146 ? 11.631  5.580   -0.995  1.00 61.59  ? 126 LEU A CA  1 
ATOM   821  C C   . LEU A 1 146 ? 12.992  5.875   -0.295  1.00 68.59  ? 126 LEU A C   1 
ATOM   822  O O   . LEU A 1 146 ? 13.302  5.330   0.765   1.00 68.39  ? 126 LEU A O   1 
ATOM   823  C CB  . LEU A 1 146 ? 10.541  6.604   -0.574  1.00 48.35  ? 126 LEU A CB  1 
ATOM   824  C CG  . LEU A 1 146 ? 9.100   6.331   -1.057  1.00 42.39  ? 126 LEU A CG  1 
ATOM   825  C CD1 . LEU A 1 146 ? 8.128   7.351   -0.482  1.00 33.97  ? 126 LEU A CD1 1 
ATOM   826  C CD2 . LEU A 1 146 ? 9.041   6.330   -2.589  1.00 32.98  ? 126 LEU A CD2 1 
ATOM   827  N N   . PRO A 1 147 ? 13.774  6.781   -0.959  1.00 74.32  ? 127 PRO A N   1 
ATOM   828  C CA  . PRO A 1 147 ? 15.149  7.362   -0.718  1.00 74.65  ? 127 PRO A CA  1 
ATOM   829  C C   . PRO A 1 147 ? 15.930  7.248   0.631   1.00 80.86  ? 127 PRO A C   1 
ATOM   830  O O   . PRO A 1 147 ? 17.111  6.884   0.591   1.00 79.67  ? 127 PRO A O   1 
ATOM   831  C CB  . PRO A 1 147 ? 14.865  8.827   -1.079  1.00 76.69  ? 127 PRO A CB  1 
ATOM   832  C CG  . PRO A 1 147 ? 13.928  8.744   -2.235  1.00 75.61  ? 127 PRO A CG  1 
ATOM   833  C CD  . PRO A 1 147 ? 13.499  7.298   -2.314  1.00 72.65  ? 127 PRO A CD  1 
ATOM   834  N N   . PRO A 1 148 ? 15.329  7.551   1.810   1.00 85.52  ? 128 PRO A N   1 
ATOM   835  C CA  . PRO A 1 148 ? 16.049  7.442   3.086   1.00 82.95  ? 128 PRO A CA  1 
ATOM   836  C C   . PRO A 1 148 ? 16.196  5.960   3.496   1.00 82.26  ? 128 PRO A C   1 
ATOM   837  O O   . PRO A 1 148 ? 17.307  5.416   3.606   1.00 80.04  ? 128 PRO A O   1 
ATOM   838  C CB  . PRO A 1 148 ? 15.174  8.224   4.070   1.00 86.51  ? 128 PRO A CB  1 
ATOM   839  C CG  . PRO A 1 148 ? 14.007  8.764   3.293   1.00 92.33  ? 128 PRO A CG  1 
ATOM   840  C CD  . PRO A 1 148 ? 13.936  8.003   1.993   1.00 91.81  ? 128 PRO A CD  1 
ATOM   841  N N   . TYR A 1 149 ? 15.039  5.376   3.689   1.00 79.82  ? 129 TYR A N   1 
ATOM   842  C CA  . TYR A 1 149 ? 14.867  3.995   4.063   1.00 71.68  ? 129 TYR A CA  1 
ATOM   843  C C   . TYR A 1 149 ? 15.431  3.050   2.979   1.00 70.76  ? 129 TYR A C   1 
ATOM   844  O O   . TYR A 1 149 ? 16.250  2.193   3.302   1.00 70.83  ? 129 TYR A O   1 
ATOM   845  C CB  . TYR A 1 149 ? 13.382  3.709   4.343   1.00 78.41  ? 129 TYR A CB  1 
ATOM   846  C CG  . TYR A 1 149 ? 13.138  2.362   4.972   1.00 85.21  ? 129 TYR A CG  1 
ATOM   847  C CD1 . TYR A 1 149 ? 13.024  1.224   4.173   1.00 87.26  ? 129 TYR A CD1 1 
ATOM   848  C CD2 . TYR A 1 149 ? 13.055  2.202   6.358   1.00 86.44  ? 129 TYR A CD2 1 
ATOM   849  C CE1 . TYR A 1 149 ? 12.852  -0.039  4.739   1.00 87.90  ? 129 TYR A CE1 1 
ATOM   850  C CE2 . TYR A 1 149 ? 12.883  0.946   6.931   1.00 87.72  ? 129 TYR A CE2 1 
ATOM   851  C CZ  . TYR A 1 149 ? 12.781  -0.169  6.114   1.00 86.66  ? 129 TYR A CZ  1 
ATOM   852  O OH  . TYR A 1 149 ? 12.611  -1.409  6.689   1.00 85.54  ? 129 TYR A OH  1 
ATOM   853  N N   . SER A 1 150 ? 15.018  3.201   1.707   1.00 69.80  ? 130 SER A N   1 
ATOM   854  C CA  . SER A 1 150 ? 15.514  2.305   0.609   1.00 67.67  ? 130 SER A CA  1 
ATOM   855  C C   . SER A 1 150 ? 16.429  3.029   -0.421  1.00 64.99  ? 130 SER A C   1 
ATOM   856  O O   . SER A 1 150 ? 15.961  3.880   -1.187  1.00 57.94  ? 130 SER A O   1 
ATOM   857  C CB  . SER A 1 150 ? 14.336  1.643   -0.133  1.00 67.63  ? 130 SER A CB  1 
ATOM   858  O OG  . SER A 1 150 ? 14.796  0.784   -1.161  1.00 69.05  ? 130 SER A OG  1 
ATOM   859  N N   . THR A 1 151 ? 17.786  2.673   -0.452  1.00 86.15  ? 131 THR A N   1 
ATOM   860  C CA  . THR A 1 151 ? 18.848  3.234   -1.394  1.00 86.28  ? 131 THR A CA  1 
ATOM   861  C C   . THR A 1 151 ? 18.984  2.426   -2.666  1.00 85.69  ? 131 THR A C   1 
ATOM   862  O O   . THR A 1 151 ? 19.626  2.848   -3.633  1.00 87.00  ? 131 THR A O   1 
ATOM   863  C CB  . THR A 1 151 ? 20.247  3.282   -0.736  1.00 87.99  ? 131 THR A CB  1 
ATOM   864  O OG1 . THR A 1 151 ? 20.111  3.697   0.624   1.00 90.50  ? 131 THR A OG1 1 
ATOM   865  C CG2 . THR A 1 151 ? 21.159  4.250   -1.467  1.00 89.11  ? 131 THR A CG2 1 
ATOM   866  N N   . CYS A 1 152 ? 18.364  1.271   -2.673  1.00 86.08  ? 132 CYS A N   1 
ATOM   867  C CA  . CYS A 1 152 ? 18.395  0.382   -3.821  1.00 84.96  ? 132 CYS A CA  1 
ATOM   868  C C   . CYS A 1 152 ? 17.609  0.913   -4.996  1.00 84.90  ? 132 CYS A C   1 
ATOM   869  O O   . CYS A 1 152 ? 16.531  0.397   -5.323  1.00 76.91  ? 132 CYS A O   1 
ATOM   870  C CB  . CYS A 1 152 ? 17.877  -0.998  -3.419  1.00 86.03  ? 132 CYS A CB  1 
ATOM   871  S SG  . CYS A 1 152 ? 18.304  -2.337  -4.576  1.00 79.70  ? 132 CYS A SG  1 
ATOM   872  N N   . PHE A 1 153 ? 18.146  1.938   -5.644  1.00 87.21  ? 133 PHE A N   1 
ATOM   873  C CA  . PHE A 1 153 ? 17.526  2.563   -6.815  1.00 89.85  ? 133 PHE A CA  1 
ATOM   874  C C   . PHE A 1 153 ? 16.773  1.568   -7.707  1.00 89.45  ? 133 PHE A C   1 
ATOM   875  O O   . PHE A 1 153 ? 15.551  1.597   -7.797  1.00 89.88  ? 133 PHE A O   1 
ATOM   876  C CB  . PHE A 1 153 ? 18.607  3.275   -7.639  1.00 91.86  ? 133 PHE A CB  1 
ATOM   877  C CG  . PHE A 1 153 ? 18.061  4.109   -8.736  1.00 95.06  ? 133 PHE A CG  1 
ATOM   878  C CD1 . PHE A 1 153 ? 17.195  5.162   -8.452  1.00 94.80  ? 133 PHE A CD1 1 
ATOM   879  C CD2 . PHE A 1 153 ? 18.397  3.843   -10.064 1.00 98.32  ? 133 PHE A CD2 1 
ATOM   880  C CE1 . PHE A 1 153 ? 16.675  5.942   -9.474  1.00 95.56  ? 133 PHE A CE1 1 
ATOM   881  C CE2 . PHE A 1 153 ? 17.880  4.622   -11.100 1.00 100.69 ? 133 PHE A CE2 1 
ATOM   882  C CZ  . PHE A 1 153 ? 17.008  5.677   -10.796 1.00 97.37  ? 133 PHE A CZ  1 
ATOM   883  N N   . GLU A 1 154 ? 17.506  0.675   -8.354  1.00 89.70  ? 134 GLU A N   1 
ATOM   884  C CA  . GLU A 1 154 ? 16.908  -0.327  -9.220  1.00 88.36  ? 134 GLU A CA  1 
ATOM   885  C C   . GLU A 1 154 ? 15.819  -1.179  -8.588  1.00 86.49  ? 134 GLU A C   1 
ATOM   886  O O   . GLU A 1 154 ? 15.001  -1.776  -9.279  1.00 89.42  ? 134 GLU A O   1 
ATOM   887  C CB  . GLU A 1 154 ? 17.994  -1.207  -9.821  1.00 87.72  ? 134 GLU A CB  1 
ATOM   888  C CG  . GLU A 1 154 ? 19.122  -1.641  -8.879  1.00 89.95  ? 134 GLU A CG  1 
ATOM   889  C CD  . GLU A 1 154 ? 20.034  -0.499  -8.514  1.00 92.06  ? 134 GLU A CD  1 
ATOM   890  O OE1 . GLU A 1 154 ? 19.900  0.068   -7.463  1.00 94.87  ? 134 GLU A OE1 1 
ATOM   891  O OE2 . GLU A 1 154 ? 20.879  -0.121  -9.303  1.00 88.10  ? 134 GLU A OE2 1 
ATOM   892  N N   . LYS A 1 155 ? 15.806  -1.238  -7.259  1.00 85.60  ? 135 LYS A N   1 
ATOM   893  C CA  . LYS A 1 155 ? 14.793  -2.008  -6.553  1.00 85.88  ? 135 LYS A CA  1 
ATOM   894  C C   . LYS A 1 155 ? 13.573  -1.165  -6.193  1.00 85.00  ? 135 LYS A C   1 
ATOM   895  O O   . LYS A 1 155 ? 12.461  -1.662  -6.133  1.00 87.18  ? 135 LYS A O   1 
ATOM   896  C CB  . LYS A 1 155 ? 15.380  -2.626  -5.267  1.00 85.64  ? 135 LYS A CB  1 
ATOM   897  C CG  . LYS A 1 155 ? 16.343  -3.824  -5.461  1.00 84.19  ? 135 LYS A CG  1 
ATOM   898  C CD  . LYS A 1 155 ? 17.541  -3.427  -6.291  1.00 84.01  ? 135 LYS A CD  1 
ATOM   899  C CE  . LYS A 1 155 ? 18.768  -4.245  -5.944  1.00 82.76  ? 135 LYS A CE  1 
ATOM   900  N NZ  . LYS A 1 155 ? 19.827  -4.109  -6.927  1.00 78.98  ? 135 LYS A NZ  1 
ATOM   901  N N   . ASN A 1 156 ? 13.788  0.129   -5.982  1.00 83.00  ? 136 ASN A N   1 
ATOM   902  C CA  . ASN A 1 156 ? 12.718  1.042   -5.607  1.00 76.30  ? 136 ASN A CA  1 
ATOM   903  C C   . ASN A 1 156 ? 11.855  1.418   -6.815  1.00 74.98  ? 136 ASN A C   1 
ATOM   904  O O   . ASN A 1 156 ? 10.621  1.422   -6.739  1.00 76.18  ? 136 ASN A O   1 
ATOM   905  C CB  . ASN A 1 156 ? 13.305  2.317   -5.003  1.00 72.13  ? 136 ASN A CB  1 
ATOM   906  C CG  . ASN A 1 156 ? 14.064  2.046   -3.717  1.00 67.69  ? 136 ASN A CG  1 
ATOM   907  O OD1 . ASN A 1 156 ? 14.238  0.881   -3.313  1.00 70.46  ? 136 ASN A OD1 1 
ATOM   908  N ND2 . ASN A 1 156 ? 14.517  3.109   -3.082  1.00 59.71  ? 136 ASN A ND2 1 
ATOM   909  N N   . ILE A 1 157 ? 12.497  1.729   -7.940  1.00 73.71  ? 137 ILE A N   1 
ATOM   910  C CA  . ILE A 1 157 ? 11.767  2.114   -9.146  1.00 72.89  ? 137 ILE A CA  1 
ATOM   911  C C   . ILE A 1 157 ? 10.860  0.939   -9.515  1.00 73.09  ? 137 ILE A C   1 
ATOM   912  O O   . ILE A 1 157 ? 9.651   1.085   -9.704  1.00 76.96  ? 137 ILE A O   1 
ATOM   913  C CB  . ILE A 1 157 ? 12.724  2.349   -10.311 1.00 71.51  ? 137 ILE A CB  1 
ATOM   914  C CG1 . ILE A 1 157 ? 13.906  3.181   -9.832  1.00 75.38  ? 137 ILE A CG1 1 
ATOM   915  C CG2 . ILE A 1 157 ? 11.996  3.126   -11.410 1.00 69.15  ? 137 ILE A CG2 1 
ATOM   916  C CD1 . ILE A 1 157 ? 15.181  2.855   -10.557 1.00 76.45  ? 137 ILE A CD1 1 
ATOM   917  N N   . THR A 1 158 ? 11.477  -0.241  -9.633  1.00 71.33  ? 138 THR A N   1 
ATOM   918  C CA  . THR A 1 158 ? 10.752  -1.470  -9.985  1.00 70.96  ? 138 THR A CA  1 
ATOM   919  C C   . THR A 1 158 ? 9.405   -1.546  -9.266  1.00 69.41  ? 138 THR A C   1 
ATOM   920  O O   . THR A 1 158 ? 8.378   -1.875  -9.869  1.00 70.14  ? 138 THR A O   1 
ATOM   921  C CB  . THR A 1 158 ? 11.565  -2.722  -9.622  1.00 76.17  ? 138 THR A CB  1 
ATOM   922  O OG1 . THR A 1 158 ? 12.706  -2.343  -8.837  1.00 77.58  ? 138 THR A OG1 1 
ATOM   923  C CG2 . THR A 1 158 ? 12.022  -3.446  -10.869 1.00 75.86  ? 138 THR A CG2 1 
ATOM   924  N N   . PHE A 1 159 ? 9.412   -1.238  -7.967  1.00 65.97  ? 139 PHE A N   1 
ATOM   925  C CA  . PHE A 1 159 ? 8.192   -1.282  -7.180  1.00 60.92  ? 139 PHE A CA  1 
ATOM   926  C C   . PHE A 1 159 ? 7.200   -0.211  -7.618  1.00 58.67  ? 139 PHE A C   1 
ATOM   927  O O   . PHE A 1 159 ? 6.013   -0.522  -7.846  1.00 55.29  ? 139 PHE A O   1 
ATOM   928  C CB  . PHE A 1 159 ? 8.504   -1.088  -5.704  1.00 62.58  ? 139 PHE A CB  1 
ATOM   929  C CG  . PHE A 1 159 ? 7.273   -1.016  -4.841  1.00 63.79  ? 139 PHE A CG  1 
ATOM   930  C CD1 . PHE A 1 159 ? 6.435   -2.122  -4.738  1.00 61.42  ? 139 PHE A CD1 1 
ATOM   931  C CD2 . PHE A 1 159 ? 6.921   0.153   -4.171  1.00 65.71  ? 139 PHE A CD2 1 
ATOM   932  C CE1 . PHE A 1 159 ? 5.274   -2.069  -3.975  1.00 64.51  ? 139 PHE A CE1 1 
ATOM   933  C CE2 . PHE A 1 159 ? 5.770   0.208   -3.413  1.00 62.73  ? 139 PHE A CE2 1 
ATOM   934  C CZ  . PHE A 1 159 ? 4.933   -0.906  -3.313  1.00 64.46  ? 139 PHE A CZ  1 
ATOM   935  N N   . LEU A 1 160 ? 7.676   1.030   -7.737  1.00 56.46  ? 140 LEU A N   1 
ATOM   936  C CA  . LEU A 1 160 ? 6.807   2.135   -8.155  1.00 52.25  ? 140 LEU A CA  1 
ATOM   937  C C   . LEU A 1 160 ? 6.091   1.771   -9.431  1.00 52.65  ? 140 LEU A C   1 
ATOM   938  O O   . LEU A 1 160 ? 4.951   2.114   -9.632  1.00 51.57  ? 140 LEU A O   1 
ATOM   939  C CB  . LEU A 1 160 ? 7.623   3.399   -8.366  1.00 48.74  ? 140 LEU A CB  1 
ATOM   940  C CG  . LEU A 1 160 ? 8.416   3.925   -7.154  1.00 44.64  ? 140 LEU A CG  1 
ATOM   941  C CD1 . LEU A 1 160 ? 9.047   5.273   -7.551  1.00 50.15  ? 140 LEU A CD1 1 
ATOM   942  C CD2 . LEU A 1 160 ? 7.488   4.126   -5.981  1.00 45.91  ? 140 LEU A CD2 1 
ATOM   943  N N   . ASP A 1 161 ? 6.789   1.103   -10.329 1.00 54.27  ? 141 ASP A N   1 
ATOM   944  C CA  . ASP A 1 161 ? 6.200   0.659   -11.603 1.00 58.56  ? 141 ASP A CA  1 
ATOM   945  C C   . ASP A 1 161 ? 4.920   -0.108  -11.297 1.00 60.51  ? 141 ASP A C   1 
ATOM   946  O O   . ASP A 1 161 ? 3.854   0.227   -11.819 1.00 63.04  ? 141 ASP A O   1 
ATOM   947  C CB  . ASP A 1 161 ? 7.176   -0.253  -12.338 1.00 59.99  ? 141 ASP A CB  1 
ATOM   948  C CG  . ASP A 1 161 ? 6.704   -0.626  -13.704 1.00 58.37  ? 141 ASP A CG  1 
ATOM   949  O OD1 . ASP A 1 161 ? 5.671   -0.227  -14.220 1.00 61.10  ? 141 ASP A OD1 1 
ATOM   950  O OD2 . ASP A 1 161 ? 7.358   -1.428  -14.307 1.00 57.67  ? 141 ASP A OD2 1 
ATOM   951  N N   . ALA A 1 162 ? 5.042   -1.138  -10.462 1.00 61.69  ? 142 ALA A N   1 
ATOM   952  C CA  . ALA A 1 162 ? 3.881   -1.974  -10.099 1.00 62.94  ? 142 ALA A CA  1 
ATOM   953  C C   . ALA A 1 162 ? 2.784   -1.180  -9.395  1.00 63.76  ? 142 ALA A C   1 
ATOM   954  O O   . ALA A 1 162 ? 1.607   -1.386  -9.660  1.00 66.45  ? 142 ALA A O   1 
ATOM   955  C CB  . ALA A 1 162 ? 4.322   -3.131  -9.231  1.00 63.04  ? 142 ALA A CB  1 
ATOM   956  N N   . ALA A 1 163 ? 3.174   -0.268  -8.505  1.00 63.64  ? 143 ALA A N   1 
ATOM   957  C CA  . ALA A 1 163 ? 2.205   0.537   -7.764  1.00 62.21  ? 143 ALA A CA  1 
ATOM   958  C C   . ALA A 1 163 ? 1.397   1.406   -8.722  1.00 63.03  ? 143 ALA A C   1 
ATOM   959  O O   . ALA A 1 163 ? 0.160   1.473   -8.622  1.00 68.01  ? 143 ALA A O   1 
ATOM   960  C CB  . ALA A 1 163 ? 2.909   1.405   -6.743  1.00 61.13  ? 143 ALA A CB  1 
ATOM   961  N N   . THR A 1 164 ? 2.081   2.077   -9.648  1.00 60.96  ? 144 THR A N   1 
ATOM   962  C CA  . THR A 1 164 ? 1.394   2.936   -10.629 1.00 58.56  ? 144 THR A CA  1 
ATOM   963  C C   . THR A 1 164 ? 0.383   2.081   -11.387 1.00 59.11  ? 144 THR A C   1 
ATOM   964  O O   . THR A 1 164 ? -0.806  2.460   -11.461 1.00 60.19  ? 144 THR A O   1 
ATOM   965  C CB  . THR A 1 164 ? 2.387   3.553   -11.624 1.00 58.56  ? 144 THR A CB  1 
ATOM   966  O OG1 . THR A 1 164 ? 3.334   4.367   -10.908 1.00 59.25  ? 144 THR A OG1 1 
ATOM   967  C CG2 . THR A 1 164 ? 1.646   4.393   -12.645 1.00 59.75  ? 144 THR A CG2 1 
ATOM   968  N N   . ASN A 1 165 ? 0.845   0.962   -11.944 1.00 58.41  ? 145 ASN A N   1 
ATOM   969  C CA  . ASN A 1 165 ? -0.040  0.055   -12.676 1.00 60.56  ? 145 ASN A CA  1 
ATOM   970  C C   . ASN A 1 165 ? -1.285  -0.267  -11.855 1.00 63.20  ? 145 ASN A C   1 
ATOM   971  O O   . ASN A 1 165 ? -2.353  -0.476  -12.416 1.00 69.24  ? 145 ASN A O   1 
ATOM   972  C CB  . ASN A 1 165 ? 0.708   -1.226  -13.029 1.00 61.93  ? 145 ASN A CB  1 
ATOM   973  C CG  . ASN A 1 165 ? 1.802   -1.002  -14.040 1.00 64.41  ? 145 ASN A CG  1 
ATOM   974  O OD1 . ASN A 1 165 ? 2.705   -1.824  -14.170 1.00 64.20  ? 145 ASN A OD1 1 
ATOM   975  N ND2 . ASN A 1 165 ? 1.722   0.103   -14.760 1.00 61.80  ? 145 ASN A ND2 1 
ATOM   976  N N   . VAL A 1 166 ? -1.133  -0.317  -10.534 1.00 60.63  ? 146 VAL A N   1 
ATOM   977  C CA  . VAL A 1 166 ? -2.252  -0.631  -9.679  1.00 56.29  ? 146 VAL A CA  1 
ATOM   978  C C   . VAL A 1 166 ? -3.204  0.543   -9.712  1.00 56.76  ? 146 VAL A C   1 
ATOM   979  O O   . VAL A 1 166 ? -4.430  0.382   -9.781  1.00 60.50  ? 146 VAL A O   1 
ATOM   980  C CB  . VAL A 1 166 ? -1.815  -0.870  -8.235  1.00 53.70  ? 146 VAL A CB  1 
ATOM   981  C CG1 . VAL A 1 166 ? -3.021  -1.265  -7.370  1.00 53.20  ? 146 VAL A CG1 1 
ATOM   982  C CG2 . VAL A 1 166 ? -0.760  -1.967  -8.166  1.00 54.33  ? 146 VAL A CG2 1 
ATOM   983  N N   . VAL A 1 167 ? -2.643  1.751   -9.713  1.00 53.73  ? 147 VAL A N   1 
ATOM   984  C CA  . VAL A 1 167 ? -3.457  2.973   -9.748  1.00 51.45  ? 147 VAL A CA  1 
ATOM   985  C C   . VAL A 1 167 ? -4.150  3.181   -11.082 1.00 50.30  ? 147 VAL A C   1 
ATOM   986  O O   . VAL A 1 167 ? -5.270  3.760   -11.096 1.00 51.14  ? 147 VAL A O   1 
ATOM   987  C CB  . VAL A 1 167 ? -2.606  4.225   -9.411  1.00 49.57  ? 147 VAL A CB  1 
ATOM   988  C CG1 . VAL A 1 167 ? -3.362  5.488   -9.748  1.00 49.75  ? 147 VAL A CG1 1 
ATOM   989  C CG2 . VAL A 1 167 ? -2.251  4.203   -7.922  1.00 44.13  ? 147 VAL A CG2 1 
ATOM   990  N N   . HIS A 1 168 ? -3.536  2.721   -12.183 1.00 50.45  ? 148 HIS A N   1 
ATOM   991  C CA  . HIS A 1 168 ? -4.208  2.885   -13.486 1.00 47.78  ? 148 HIS A CA  1 
ATOM   992  C C   . HIS A 1 168 ? -5.548  2.168   -13.379 1.00 44.79  ? 148 HIS A C   1 
ATOM   993  O O   . HIS A 1 168 ? -6.585  2.639   -13.815 1.00 45.13  ? 148 HIS A O   1 
ATOM   994  C CB  . HIS A 1 168 ? -3.399  2.234   -14.602 1.00 46.23  ? 148 HIS A CB  1 
ATOM   995  C CG  . HIS A 1 168 ? -2.079  2.854   -14.855 1.00 53.06  ? 148 HIS A CG  1 
ATOM   996  N ND1 . HIS A 1 168 ? -1.891  4.233   -14.917 1.00 46.81  ? 148 HIS A ND1 1 
ATOM   997  C CD2 . HIS A 1 168 ? -0.857  2.324   -15.121 1.00 53.60  ? 148 HIS A CD2 1 
ATOM   998  C CE1 . HIS A 1 168 ? -0.635  4.500   -15.199 1.00 53.30  ? 148 HIS A CE1 1 
ATOM   999  N NE2 . HIS A 1 168 ? 0.017   3.345   -15.336 1.00 54.23  ? 148 HIS A NE2 1 
ATOM   1000 N N   . GLU A 1 169 ? -5.494  0.990   -12.769 1.00 46.92  ? 149 GLU A N   1 
ATOM   1001 C CA  . GLU A 1 169 ? -6.663  0.139   -12.546 1.00 49.41  ? 149 GLU A CA  1 
ATOM   1002 C C   . GLU A 1 169 ? -7.795  0.701   -11.694 1.00 51.93  ? 149 GLU A C   1 
ATOM   1003 O O   . GLU A 1 169 ? -8.891  0.134   -11.673 1.00 55.65  ? 149 GLU A O   1 
ATOM   1004 C CB  . GLU A 1 169 ? -6.198  -1.215  -11.951 1.00 54.71  ? 149 GLU A CB  1 
ATOM   1005 C CG  . GLU A 1 169 ? -6.532  -2.389  -12.851 1.00 59.71  ? 149 GLU A CG  1 
ATOM   1006 C CD  . GLU A 1 169 ? -5.672  -2.464  -14.076 1.00 66.36  ? 149 GLU A CD  1 
ATOM   1007 O OE1 . GLU A 1 169 ? -6.144  -3.014  -15.061 1.00 71.06  ? 149 GLU A OE1 1 
ATOM   1008 O OE2 . GLU A 1 169 ? -4.530  -2.012  -14.054 1.00 68.48  ? 149 GLU A OE2 1 
ATOM   1009 N N   . LEU A 1 170 ? -7.538  1.795   -10.986 1.00 51.73  ? 150 LEU A N   1 
ATOM   1010 C CA  . LEU A 1 170 ? -8.591  2.382   -10.141 1.00 47.22  ? 150 LEU A CA  1 
ATOM   1011 C C   . LEU A 1 170 ? -9.841  2.739   -10.965 1.00 47.33  ? 150 LEU A C   1 
ATOM   1012 O O   . LEU A 1 170 ? -9.728  3.079   -12.164 1.00 52.02  ? 150 LEU A O   1 
ATOM   1013 C CB  . LEU A 1 170 ? -8.047  3.601   -9.383  1.00 46.33  ? 150 LEU A CB  1 
ATOM   1014 C CG  . LEU A 1 170 ? -7.451  3.248   -8.019  1.00 48.09  ? 150 LEU A CG  1 
ATOM   1015 C CD1 . LEU A 1 170 ? -6.792  1.887   -8.062  1.00 48.70  ? 150 LEU A CD1 1 
ATOM   1016 C CD2 . LEU A 1 170 ? -6.456  4.323   -7.606  1.00 49.82  ? 150 LEU A CD2 1 
ATOM   1017 N N   . PRO A 1 171 ? -11.034 2.693   -10.334 1.00 45.90  ? 151 PRO A N   1 
ATOM   1018 C CA  . PRO A 1 171 ? -12.297 3.014   -10.999 1.00 44.63  ? 151 PRO A CA  1 
ATOM   1019 C C   . PRO A 1 171 ? -12.781 4.465   -11.003 1.00 47.10  ? 151 PRO A C   1 
ATOM   1020 O O   . PRO A 1 171 ? -12.927 5.078   -9.914  1.00 51.04  ? 151 PRO A O   1 
ATOM   1021 C CB  . PRO A 1 171 ? -13.277 2.109   -10.297 1.00 43.92  ? 151 PRO A CB  1 
ATOM   1022 C CG  . PRO A 1 171 ? -12.786 2.193   -8.871  1.00 48.38  ? 151 PRO A CG  1 
ATOM   1023 C CD  . PRO A 1 171 ? -11.245 2.078   -9.013  1.00 47.28  ? 151 PRO A CD  1 
ATOM   1024 N N   . GLU A 1 172 ? -13.013 5.016   -12.191 1.00 48.78  ? 152 GLU A N   1 
ATOM   1025 C CA  . GLU A 1 172 ? -13.512 6.395   -12.333 1.00 52.56  ? 152 GLU A CA  1 
ATOM   1026 C C   . GLU A 1 172 ? -15.042 6.396   -12.137 1.00 53.70  ? 152 GLU A C   1 
ATOM   1027 O O   . GLU A 1 172 ? -15.672 5.332   -12.266 1.00 55.13  ? 152 GLU A O   1 
ATOM   1028 C CB  . GLU A 1 172 ? -13.168 6.930   -13.732 1.00 60.08  ? 152 GLU A CB  1 
ATOM   1029 C CG  . GLU A 1 172 ? -11.662 7.002   -13.989 1.00 66.10  ? 152 GLU A CG  1 
ATOM   1030 N N   . PHE A 1 173 ? -15.621 7.567   -11.860 1.00 50.84  ? 153 PHE A N   1 
ATOM   1031 C CA  . PHE A 1 173 ? -17.060 7.678   -11.636 1.00 51.56  ? 153 PHE A CA  1 
ATOM   1032 C C   . PHE A 1 173 ? -17.692 8.868   -12.318 1.00 52.78  ? 153 PHE A C   1 
ATOM   1033 O O   . PHE A 1 173 ? -16.958 9.779   -12.752 1.00 52.36  ? 153 PHE A O   1 
ATOM   1034 C CB  . PHE A 1 173 ? -17.372 7.760   -10.128 1.00 48.43  ? 153 PHE A CB  1 
ATOM   1035 C CG  . PHE A 1 173 ? -16.932 6.540   -9.341  1.00 47.84  ? 153 PHE A CG  1 
ATOM   1036 C CD1 . PHE A 1 173 ? -15.623 6.408   -8.901  1.00 52.70  ? 153 PHE A CD1 1 
ATOM   1037 C CD2 . PHE A 1 173 ? -17.818 5.534   -9.089  1.00 54.18  ? 153 PHE A CD2 1 
ATOM   1038 C CE1 . PHE A 1 173 ? -15.210 5.309   -8.231  1.00 55.67  ? 153 PHE A CE1 1 
ATOM   1039 C CE2 . PHE A 1 173 ? -17.431 4.395   -8.408  1.00 56.00  ? 153 PHE A CE2 1 
ATOM   1040 C CZ  . PHE A 1 173 ? -16.116 4.269   -7.976  1.00 52.92  ? 153 PHE A CZ  1 
ATOM   1041 N N   . HIS A 1 174 ? -19.020 8.885   -12.397 1.00 49.40  ? 154 HIS A N   1 
ATOM   1042 C CA  . HIS A 1 174 ? -19.713 10.027  -13.035 1.00 47.02  ? 154 HIS A CA  1 
ATOM   1043 C C   . HIS A 1 174 ? -19.567 11.279  -12.215 1.00 48.34  ? 154 HIS A C   1 
ATOM   1044 O O   . HIS A 1 174 ? -19.344 12.362  -12.752 1.00 54.43  ? 154 HIS A O   1 
ATOM   1045 C CB  . HIS A 1 174 ? -21.187 9.733   -13.240 1.00 50.68  ? 154 HIS A CB  1 
ATOM   1046 C CG  . HIS A 1 174 ? -21.462 8.761   -14.384 1.00 52.38  ? 154 HIS A CG  1 
ATOM   1047 N ND1 . HIS A 1 174 ? -20.739 8.771   -15.549 1.00 52.18  ? 154 HIS A ND1 1 
ATOM   1048 C CD2 . HIS A 1 174 ? -22.401 7.797   -14.525 1.00 51.60  ? 154 HIS A CD2 1 
ATOM   1049 C CE1 . HIS A 1 174 ? -21.214 7.832   -16.371 1.00 46.70  ? 154 HIS A CE1 1 
ATOM   1050 N NE2 . HIS A 1 174 ? -22.217 7.248   -15.775 1.00 48.54  ? 154 HIS A NE2 1 
ATOM   1051 N N   . ASN A 1 175 ? -19.703 11.133  -10.901 1.00 49.25  ? 155 ASN A N   1 
ATOM   1052 C CA  . ASN A 1 175 ? -19.563 12.272  -9.991  1.00 49.55  ? 155 ASN A CA  1 
ATOM   1053 C C   . ASN A 1 175 ? -18.092 12.655  -9.967  1.00 48.97  ? 155 ASN A C   1 
ATOM   1054 O O   . ASN A 1 175 ? -17.219 11.792  -9.902  1.00 53.29  ? 155 ASN A O   1 
ATOM   1055 C CB  . ASN A 1 175 ? -20.000 11.895  -8.584  1.00 52.84  ? 155 ASN A CB  1 
ATOM   1056 C CG  . ASN A 1 175 ? -20.120 13.078  -7.653  1.00 56.03  ? 155 ASN A CG  1 
ATOM   1057 O OD1 . ASN A 1 175 ? -19.438 14.068  -7.816  1.00 58.67  ? 155 ASN A OD1 1 
ATOM   1058 N ND2 . ASN A 1 175 ? -20.987 12.981  -6.653  1.00 53.65  ? 155 ASN A ND2 1 
ATOM   1059 N N   . PRO A 1 176 ? -17.791 13.966  -10.049 1.00 47.72  ? 156 PRO A N   1 
ATOM   1060 C CA  . PRO A 1 176 ? -16.370 14.328  -10.025 1.00 47.60  ? 156 PRO A CA  1 
ATOM   1061 C C   . PRO A 1 176 ? -15.773 14.154  -8.629  1.00 47.71  ? 156 PRO A C   1 
ATOM   1062 O O   . PRO A 1 176 ? -14.579 13.885  -8.485  1.00 53.46  ? 156 PRO A O   1 
ATOM   1063 C CB  . PRO A 1 176 ? -16.391 15.791  -10.466 1.00 43.60  ? 156 PRO A CB  1 
ATOM   1064 C CG  . PRO A 1 176 ? -17.709 16.283  -9.937  1.00 45.05  ? 156 PRO A CG  1 
ATOM   1065 C CD  . PRO A 1 176 ? -18.644 15.135  -10.287 1.00 48.88  ? 156 PRO A CD  1 
ATOM   1066 N N   . ASN A 1 177 ? -16.614 14.264  -7.596  1.00 50.93  ? 157 ASN A N   1 
ATOM   1067 C CA  . ASN A 1 177 ? -16.158 14.116  -6.213  1.00 53.15  ? 157 ASN A CA  1 
ATOM   1068 C C   . ASN A 1 177 ? -15.512 12.772  -5.922  1.00 50.99  ? 157 ASN A C   1 
ATOM   1069 O O   . ASN A 1 177 ? -14.659 12.681  -5.020  1.00 53.05  ? 157 ASN A O   1 
ATOM   1070 C CB  . ASN A 1 177 ? -17.360 14.324  -5.247  1.00 57.09  ? 157 ASN A CB  1 
ATOM   1071 C CG  . ASN A 1 177 ? -17.796 15.762  -5.179  1.00 64.24  ? 157 ASN A CG  1 
ATOM   1072 O OD1 . ASN A 1 177 ? -17.111 16.668  -5.666  1.00 67.24  ? 157 ASN A OD1 1 
ATOM   1073 N ND2 . ASN A 1 177 ? -18.945 15.982  -4.577  1.00 58.07  ? 157 ASN A ND2 1 
ATOM   1074 N N   . HIS A 1 178 ? -15.922 11.740  -6.650  1.00 48.10  ? 158 HIS A N   1 
ATOM   1075 C CA  . HIS A 1 178 ? -15.351 10.389  -6.385  1.00 43.19  ? 158 HIS A CA  1 
ATOM   1076 C C   . HIS A 1 178 ? -14.049 10.118  -7.125  1.00 46.84  ? 158 HIS A C   1 
ATOM   1077 O O   . HIS A 1 178 ? -13.455 9.057   -6.997  1.00 54.34  ? 158 HIS A O   1 
ATOM   1078 C CB  . HIS A 1 178 ? -16.341 9.266   -6.729  1.00 42.57  ? 158 HIS A CB  1 
ATOM   1079 C CG  . HIS A 1 178 ? -17.677 9.426   -6.032  1.00 42.41  ? 158 HIS A CG  1 
ATOM   1080 N ND1 . HIS A 1 178 ? -17.812 10.084  -4.853  1.00 50.26  ? 158 HIS A ND1 1 
ATOM   1081 C CD2 . HIS A 1 178 ? -18.893 8.932   -6.362  1.00 40.80  ? 158 HIS A CD2 1 
ATOM   1082 C CE1 . HIS A 1 178 ? -19.078 9.999   -4.448  1.00 50.92  ? 158 HIS A CE1 1 
ATOM   1083 N NE2 . HIS A 1 178 ? -19.735 9.311   -5.338  1.00 48.83  ? 158 HIS A NE2 1 
ATOM   1084 N N   . ASN A 1 179 ? -13.605 11.087  -7.927  1.00 46.28  ? 159 ASN A N   1 
ATOM   1085 C CA  . ASN A 1 179 ? -12.374 10.891  -8.682  1.00 51.56  ? 159 ASN A CA  1 
ATOM   1086 C C   . ASN A 1 179 ? -11.159 11.629  -8.156  1.00 56.89  ? 159 ASN A C   1 
ATOM   1087 O O   . ASN A 1 179 ? -10.098 11.563  -8.761  1.00 62.13  ? 159 ASN A O   1 
ATOM   1088 C CB  . ASN A 1 179 ? -12.609 11.237  -10.182 1.00 50.42  ? 159 ASN A CB  1 
ATOM   1089 C CG  . ASN A 1 179 ? -13.538 10.253  -10.863 1.00 51.58  ? 159 ASN A CG  1 
ATOM   1090 O OD1 . ASN A 1 179 ? -13.345 9.015   -10.729 1.00 54.35  ? 159 ASN A OD1 1 
ATOM   1091 N ND2 . ASN A 1 179 ? -14.530 10.747  -11.591 1.00 47.62  ? 159 ASN A ND2 1 
ATOM   1092 N N   . VAL A 1 180 ? -11.325 12.316  -7.038  1.00 59.86  ? 160 VAL A N   1 
ATOM   1093 C CA  . VAL A 1 180 ? -10.253 13.045  -6.446  1.00 58.76  ? 160 VAL A CA  1 
ATOM   1094 C C   . VAL A 1 180 ? -9.228  12.063  -5.862  1.00 59.44  ? 160 VAL A C   1 
ATOM   1095 O O   . VAL A 1 180 ? -8.065  12.384  -5.666  1.00 64.82  ? 160 VAL A O   1 
ATOM   1096 C CB  . VAL A 1 180 ? -10.761 13.950  -5.288  1.00 59.88  ? 160 VAL A CB  1 
ATOM   1097 C CG1 . VAL A 1 180 ? -11.967 14.718  -5.737  1.00 57.11  ? 160 VAL A CG1 1 
ATOM   1098 C CG2 . VAL A 1 180 ? -11.024 13.166  -4.062  1.00 59.24  ? 160 VAL A CG2 1 
ATOM   1099 N N   . TYR A 1 181 ? -9.690  10.860  -5.549  1.00 55.53  ? 161 TYR A N   1 
ATOM   1100 C CA  . TYR A 1 181 ? -8.840  9.837   -4.976  1.00 50.98  ? 161 TYR A CA  1 
ATOM   1101 C C   . TYR A 1 181 ? -7.831  9.351   -6.031  1.00 50.78  ? 161 TYR A C   1 
ATOM   1102 O O   . TYR A 1 181 ? -6.636  9.166   -5.733  1.00 52.35  ? 161 TYR A O   1 
ATOM   1103 C CB  . TYR A 1 181 ? -9.676  8.643   -4.493  1.00 51.46  ? 161 TYR A CB  1 
ATOM   1104 C CG  . TYR A 1 181 ? -10.724 9.053   -3.478  1.00 56.23  ? 161 TYR A CG  1 
ATOM   1105 C CD1 . TYR A 1 181 ? -11.883 9.658   -3.892  1.00 58.01  ? 161 TYR A CD1 1 
ATOM   1106 C CD2 . TYR A 1 181 ? -10.538 8.907   -2.115  1.00 56.49  ? 161 TYR A CD2 1 
ATOM   1107 C CE1 . TYR A 1 181 ? -12.845 10.106  -2.982  1.00 59.24  ? 161 TYR A CE1 1 
ATOM   1108 C CE2 . TYR A 1 181 ? -11.499 9.364   -1.207  1.00 57.72  ? 161 TYR A CE2 1 
ATOM   1109 C CZ  . TYR A 1 181 ? -12.646 9.955   -1.640  1.00 58.59  ? 161 TYR A CZ  1 
ATOM   1110 O OH  . TYR A 1 181 ? -13.588 10.416  -0.752  1.00 59.09  ? 161 TYR A OH  1 
ATOM   1111 N N   . LYS A 1 182 ? -8.311  9.136   -7.264  1.00 51.85  ? 162 LYS A N   1 
ATOM   1112 C CA  . LYS A 1 182 ? -7.444  8.672   -8.325  1.00 50.16  ? 162 LYS A CA  1 
ATOM   1113 C C   . LYS A 1 182 ? -6.489  9.789   -8.749  1.00 51.21  ? 162 LYS A C   1 
ATOM   1114 O O   . LYS A 1 182 ? -5.310  9.545   -9.082  1.00 55.40  ? 162 LYS A O   1 
ATOM   1115 C CB  . LYS A 1 182 ? -8.262  8.211   -9.527  1.00 46.72  ? 162 LYS A CB  1 
ATOM   1116 C CG  . LYS A 1 182 ? -7.464  7.382   -10.515 1.00 39.68  ? 162 LYS A CG  1 
ATOM   1117 C CD  . LYS A 1 182 ? -8.392  6.569   -11.408 1.00 39.82  ? 162 LYS A CD  1 
ATOM   1118 C CE  . LYS A 1 182 ? -7.615  5.976   -12.582 1.00 41.44  ? 162 LYS A CE  1 
ATOM   1119 N NZ  . LYS A 1 182 ? -8.210  4.678   -13.008 1.00 41.28  ? 162 LYS A NZ  1 
ATOM   1120 N N   . SER A 1 183 ? -6.988  11.024  -8.747  1.00 51.03  ? 163 SER A N   1 
ATOM   1121 C CA  . SER A 1 183 ? -6.148  12.160  -9.074  1.00 52.68  ? 163 SER A CA  1 
ATOM   1122 C C   . SER A 1 183 ? -5.083  12.273  -8.000  1.00 54.12  ? 163 SER A C   1 
ATOM   1123 O O   . SER A 1 183 ? -3.872  12.262  -8.305  1.00 54.07  ? 163 SER A O   1 
ATOM   1124 C CB  . SER A 1 183 ? -6.983  13.426  -9.099  1.00 50.27  ? 163 SER A CB  1 
ATOM   1125 O OG  . SER A 1 183 ? -6.656  14.230  -10.229 1.00 48.46  ? 163 SER A OG  1 
ATOM   1126 N N   . GLN A 1 184 ? -5.527  12.364  -6.748  1.00 55.85  ? 164 GLN A N   1 
ATOM   1127 C CA  . GLN A 1 184 ? -4.593  12.482  -5.628  1.00 55.92  ? 164 GLN A CA  1 
ATOM   1128 C C   . GLN A 1 184 ? -3.530  11.388  -5.665  1.00 55.92  ? 164 GLN A C   1 
ATOM   1129 O O   . GLN A 1 184 ? -2.405  11.583  -5.219  1.00 52.30  ? 164 GLN A O   1 
ATOM   1130 C CB  . GLN A 1 184 ? -5.349  12.411  -4.296  1.00 54.18  ? 164 GLN A CB  1 
ATOM   1131 C CG  . GLN A 1 184 ? -4.441  12.591  -3.100  1.00 57.48  ? 164 GLN A CG  1 
ATOM   1132 C CD  . GLN A 1 184 ? -4.856  13.748  -2.212  1.00 58.74  ? 164 GLN A CD  1 
ATOM   1133 O OE1 . GLN A 1 184 ? -6.027  13.869  -1.825  1.00 62.23  ? 164 GLN A OE1 1 
ATOM   1134 N NE2 . GLN A 1 184 ? -3.891  14.612  -1.897  1.00 61.44  ? 164 GLN A NE2 1 
ATOM   1135 N N   . ALA A 1 185 ? -3.904  10.214  -6.160  1.00 54.24  ? 165 ALA A N   1 
ATOM   1136 C CA  . ALA A 1 185 ? -2.951  9.111   -6.253  1.00 51.12  ? 165 ALA A CA  1 
ATOM   1137 C C   . ALA A 1 185 ? -1.873  9.505   -7.250  1.00 49.16  ? 165 ALA A C   1 
ATOM   1138 O O   . ALA A 1 185 ? -0.703  9.653   -6.884  1.00 51.29  ? 165 ALA A O   1 
ATOM   1139 C CB  . ALA A 1 185 ? -3.648  7.850   -6.719  1.00 48.50  ? 165 ALA A CB  1 
ATOM   1140 N N   . TYR A 1 186 ? -2.280  9.692   -8.503  1.00 46.90  ? 166 TYR A N   1 
ATOM   1141 C CA  . TYR A 1 186 ? -1.346  10.071  -9.550  1.00 46.74  ? 166 TYR A CA  1 
ATOM   1142 C C   . TYR A 1 186 ? -0.401  11.165  -9.055  1.00 47.49  ? 166 TYR A C   1 
ATOM   1143 O O   . TYR A 1 186 ? 0.818   11.086  -9.281  1.00 51.77  ? 166 TYR A O   1 
ATOM   1144 C CB  . TYR A 1 186 ? -2.114  10.553  -10.789 1.00 45.18  ? 166 TYR A CB  1 
ATOM   1145 C CG  . TYR A 1 186 ? -2.554  9.443   -11.706 1.00 44.56  ? 166 TYR A CG  1 
ATOM   1146 C CD1 . TYR A 1 186 ? -3.853  9.406   -12.216 1.00 45.43  ? 166 TYR A CD1 1 
ATOM   1147 C CD2 . TYR A 1 186 ? -1.658  8.421   -12.080 1.00 45.97  ? 166 TYR A CD2 1 
ATOM   1148 C CE1 . TYR A 1 186 ? -4.253  8.390   -13.093 1.00 39.44  ? 166 TYR A CE1 1 
ATOM   1149 C CE2 . TYR A 1 186 ? -2.045  7.393   -12.939 1.00 48.88  ? 166 TYR A CE2 1 
ATOM   1150 C CZ  . TYR A 1 186 ? -3.352  7.387   -13.453 1.00 50.73  ? 166 TYR A CZ  1 
ATOM   1151 O OH  . TYR A 1 186 ? -3.719  6.400   -14.336 1.00 59.94  ? 166 TYR A OH  1 
ATOM   1152 N N   . TYR A 1 187 ? -0.944  12.180  -8.394  1.00 48.52  ? 167 TYR A N   1 
ATOM   1153 C CA  . TYR A 1 187 ? -0.099  13.255  -7.855  1.00 50.70  ? 167 TYR A CA  1 
ATOM   1154 C C   . TYR A 1 187 ? 0.972   12.670  -6.929  1.00 52.32  ? 167 TYR A C   1 
ATOM   1155 O O   . TYR A 1 187 ? 2.158   12.728  -7.203  1.00 55.01  ? 167 TYR A O   1 
ATOM   1156 C CB  . TYR A 1 187 ? -0.946  14.256  -7.076  1.00 53.99  ? 167 TYR A CB  1 
ATOM   1157 C CG  . TYR A 1 187 ? -0.162  15.410  -6.477  1.00 56.47  ? 167 TYR A CG  1 
ATOM   1158 C CD1 . TYR A 1 187 ? 0.511   16.334  -7.290  1.00 59.10  ? 167 TYR A CD1 1 
ATOM   1159 C CD2 . TYR A 1 187 ? -0.084  15.573  -5.083  1.00 59.26  ? 167 TYR A CD2 1 
ATOM   1160 C CE1 . TYR A 1 187 ? 1.233   17.392  -6.719  1.00 60.30  ? 167 TYR A CE1 1 
ATOM   1161 C CE2 . TYR A 1 187 ? 0.640   16.604  -4.512  1.00 62.99  ? 167 TYR A CE2 1 
ATOM   1162 C CZ  . TYR A 1 187 ? 1.299   17.519  -5.331  1.00 62.06  ? 167 TYR A CZ  1 
ATOM   1163 O OH  . TYR A 1 187 ? 2.027   18.574  -4.780  1.00 60.60  ? 167 TYR A OH  1 
ATOM   1164 N N   . GLU A 1 188 ? 0.523   12.091  -5.809  1.00 53.80  ? 168 GLU A N   1 
ATOM   1165 C CA  . GLU A 1 188 ? 1.430   11.511  -4.850  1.00 55.74  ? 168 GLU A CA  1 
ATOM   1166 C C   . GLU A 1 188 ? 2.505   10.584  -5.439  1.00 55.28  ? 168 GLU A C   1 
ATOM   1167 O O   . GLU A 1 188 ? 3.654   10.599  -4.994  1.00 53.51  ? 168 GLU A O   1 
ATOM   1168 C CB  . GLU A 1 188 ? 0.629   10.741  -3.779  1.00 62.64  ? 168 GLU A CB  1 
ATOM   1169 C CG  . GLU A 1 188 ? -0.574  11.504  -3.263  1.00 64.04  ? 168 GLU A CG  1 
ATOM   1170 C CD  . GLU A 1 188 ? -0.232  12.552  -2.215  1.00 66.62  ? 168 GLU A CD  1 
ATOM   1171 O OE1 . GLU A 1 188 ? 0.954   12.710  -1.905  1.00 66.53  ? 168 GLU A OE1 1 
ATOM   1172 O OE2 . GLU A 1 188 ? -1.150  13.173  -1.665  1.00 72.21  ? 168 GLU A OE2 1 
ATOM   1173 N N   . LEU A 1 189 ? 2.142   9.786   -6.431  1.00 52.03  ? 169 LEU A N   1 
ATOM   1174 C CA  . LEU A 1 189 ? 3.103   8.856   -7.027  1.00 53.95  ? 169 LEU A CA  1 
ATOM   1175 C C   . LEU A 1 189 ? 4.123   9.681   -7.842  1.00 54.05  ? 169 LEU A C   1 
ATOM   1176 O O   . LEU A 1 189 ? 5.328   9.368   -7.815  1.00 58.76  ? 169 LEU A O   1 
ATOM   1177 C CB  . LEU A 1 189 ? 2.392   7.894   -7.962  1.00 51.41  ? 169 LEU A CB  1 
ATOM   1178 C CG  . LEU A 1 189 ? 1.538   6.814   -7.316  1.00 53.96  ? 169 LEU A CG  1 
ATOM   1179 C CD1 . LEU A 1 189 ? 1.008   5.875   -8.392  1.00 49.98  ? 169 LEU A CD1 1 
ATOM   1180 C CD2 . LEU A 1 189 ? 2.298   6.066   -6.260  1.00 50.47  ? 169 LEU A CD2 1 
ATOM   1181 N N   . THR A 1 190 ? 3.654   10.700  -8.564  1.00 55.06  ? 170 THR A N   1 
ATOM   1182 C CA  . THR A 1 190 ? 4.579   11.518  -9.345  1.00 53.71  ? 170 THR A CA  1 
ATOM   1183 C C   . THR A 1 190 ? 5.624   12.041  -8.356  1.00 56.47  ? 170 THR A C   1 
ATOM   1184 O O   . THR A 1 190 ? 6.818   12.072  -8.660  1.00 56.50  ? 170 THR A O   1 
ATOM   1185 C CB  . THR A 1 190 ? 3.858   12.695  -10.012 1.00 50.95  ? 170 THR A CB  1 
ATOM   1186 O OG1 . THR A 1 190 ? 2.706   12.209  -10.733 1.00 42.90  ? 170 THR A OG1 1 
ATOM   1187 C CG2 . THR A 1 190 ? 4.787   13.406  -10.996 1.00 52.42  ? 170 THR A CG2 1 
ATOM   1188 N N   . GLY A 1 191 ? 5.161   12.436  -7.180  1.00 57.96  ? 171 GLY A N   1 
ATOM   1189 C CA  . GLY A 1 191 ? 6.073   12.936  -6.172  1.00 58.75  ? 171 GLY A CA  1 
ATOM   1190 C C   . GLY A 1 191 ? 6.980   11.806  -5.701  1.00 60.98  ? 171 GLY A C   1 
ATOM   1191 O O   . GLY A 1 191 ? 8.130   12.033  -5.304  1.00 57.85  ? 171 GLY A O   1 
ATOM   1192 N N   . ALA A 1 192 ? 6.461   10.579  -5.742  1.00 63.46  ? 172 ALA A N   1 
ATOM   1193 C CA  . ALA A 1 192 ? 7.220   9.410   -5.342  1.00 67.69  ? 172 ALA A CA  1 
ATOM   1194 C C   . ALA A 1 192 ? 8.386   9.101   -6.275  1.00 70.88  ? 172 ALA A C   1 
ATOM   1195 O O   . ALA A 1 192 ? 9.513   8.983   -5.830  1.00 73.75  ? 172 ALA A O   1 
ATOM   1196 C CB  . ALA A 1 192 ? 6.285   8.201   -5.242  1.00 70.81  ? 172 ALA A CB  1 
ATOM   1197 N N   . TRP A 1 193 ? 8.114   8.958   -7.562  1.00 71.59  ? 173 TRP A N   1 
ATOM   1198 C CA  . TRP A 1 193 ? 9.169   8.679   -8.524  1.00 73.13  ? 173 TRP A CA  1 
ATOM   1199 C C   . TRP A 1 193 ? 10.190  9.830   -8.472  1.00 74.24  ? 173 TRP A C   1 
ATOM   1200 O O   . TRP A 1 193 ? 11.378  9.610   -8.693  1.00 75.30  ? 173 TRP A O   1 
ATOM   1201 C CB  . TRP A 1 193 ? 8.631   8.594   -9.972  1.00 70.64  ? 173 TRP A CB  1 
ATOM   1202 C CG  . TRP A 1 193 ? 7.678   7.477   -10.236 1.00 69.76  ? 173 TRP A CG  1 
ATOM   1203 C CD1 . TRP A 1 193 ? 6.376   7.393   -9.803  1.00 69.54  ? 173 TRP A CD1 1 
ATOM   1204 C CD2 . TRP A 1 193 ? 7.894   6.338   -11.051 1.00 67.32  ? 173 TRP A CD2 1 
ATOM   1205 N NE1 . TRP A 1 193 ? 5.773   6.300   -10.308 1.00 66.64  ? 173 TRP A NE1 1 
ATOM   1206 C CE2 . TRP A 1 193 ? 6.681   5.604   -11.093 1.00 67.18  ? 173 TRP A CE2 1 
ATOM   1207 C CE3 . TRP A 1 193 ? 8.991   5.855   -11.794 1.00 63.72  ? 173 TRP A CE3 1 
ATOM   1208 C CZ2 . TRP A 1 193 ? 6.531   4.407   -11.817 1.00 66.36  ? 173 TRP A CZ2 1 
ATOM   1209 C CZ3 . TRP A 1 193 ? 8.845   4.682   -12.512 1.00 62.20  ? 173 TRP A CZ3 1 
ATOM   1210 C CH2 . TRP A 1 193 ? 7.615   3.964   -12.527 1.00 60.37  ? 173 TRP A CH2 1 
ATOM   1211 N N   . LEU A 1 194 ? 9.727   11.043  -8.201  1.00 75.20  ? 174 LEU A N   1 
ATOM   1212 C CA  . LEU A 1 194 ? 10.602  12.189  -8.158  1.00 74.19  ? 174 LEU A CA  1 
ATOM   1213 C C   . LEU A 1 194 ? 11.652  12.048  -7.063  1.00 74.20  ? 174 LEU A C   1 
ATOM   1214 O O   . LEU A 1 194 ? 12.790  12.441  -7.226  1.00 72.52  ? 174 LEU A O   1 
ATOM   1215 C CB  . LEU A 1 194 ? 9.759   13.437  -7.933  1.00 71.81  ? 174 LEU A CB  1 
ATOM   1216 C CG  . LEU A 1 194 ? 9.248   14.050  -9.265  1.00 73.61  ? 174 LEU A CG  1 
ATOM   1217 C CD1 . LEU A 1 194 ? 8.370   15.227  -8.986  1.00 76.05  ? 174 LEU A CD1 1 
ATOM   1218 C CD2 . LEU A 1 194 ? 10.398  14.367  -10.172 1.00 74.83  ? 174 LEU A CD2 1 
ATOM   1219 N N   . VAL A 1 195 ? 11.267  11.469  -5.937  1.00 72.92  ? 175 VAL A N   1 
ATOM   1220 C CA  . VAL A 1 195 ? 12.174  11.305  -4.811  1.00 71.19  ? 175 VAL A CA  1 
ATOM   1221 C C   . VAL A 1 195 ? 13.265  10.289  -5.203  1.00 68.38  ? 175 VAL A C   1 
ATOM   1222 O O   . VAL A 1 195 ? 14.461  10.560  -5.035  1.00 67.75  ? 175 VAL A O   1 
ATOM   1223 C CB  . VAL A 1 195 ? 11.430  10.780  -3.566  1.00 73.52  ? 175 VAL A CB  1 
ATOM   1224 C CG1 . VAL A 1 195 ? 12.415  10.612  -2.424  1.00 76.17  ? 175 VAL A CG1 1 
ATOM   1225 C CG2 . VAL A 1 195 ? 10.282  11.648  -3.178  1.00 76.81  ? 175 VAL A CG2 1 
ATOM   1226 N N   . VAL A 1 196 ? 12.850  9.153   -5.754  1.00 65.41  ? 176 VAL A N   1 
ATOM   1227 C CA  . VAL A 1 196 ? 13.768  8.117   -6.182  1.00 65.02  ? 176 VAL A CA  1 
ATOM   1228 C C   . VAL A 1 196 ? 14.739  8.656   -7.218  1.00 65.92  ? 176 VAL A C   1 
ATOM   1229 O O   . VAL A 1 196 ? 15.958  8.577   -7.043  1.00 68.02  ? 176 VAL A O   1 
ATOM   1230 C CB  . VAL A 1 196 ? 13.002  6.915   -6.775  1.00 61.13  ? 176 VAL A CB  1 
ATOM   1231 C CG1 . VAL A 1 196 ? 13.998  5.927   -7.425  1.00 59.90  ? 176 VAL A CG1 1 
ATOM   1232 C CG2 . VAL A 1 196 ? 12.224  6.204   -5.680  1.00 62.24  ? 176 VAL A CG2 1 
ATOM   1233 N N   . LEU A 1 197 ? 14.187  9.211   -8.301  1.00 65.65  ? 177 LEU A N   1 
ATOM   1234 C CA  . LEU A 1 197 ? 15.024  9.760   -9.354  1.00 66.69  ? 177 LEU A CA  1 
ATOM   1235 C C   . LEU A 1 197 ? 16.141  10.657  -8.785  1.00 70.19  ? 177 LEU A C   1 
ATOM   1236 O O   . LEU A 1 197 ? 17.274  10.618  -9.274  1.00 71.57  ? 177 LEU A O   1 
ATOM   1237 C CB  . LEU A 1 197 ? 14.170  10.547  -10.348 1.00 67.19  ? 177 LEU A CB  1 
ATOM   1238 C CG  . LEU A 1 197 ? 13.090  9.718   -11.039 1.00 64.92  ? 177 LEU A CG  1 
ATOM   1239 C CD1 . LEU A 1 197 ? 12.203  10.628  -11.884 1.00 66.59  ? 177 LEU A CD1 1 
ATOM   1240 C CD2 . LEU A 1 197 ? 13.745  8.665   -11.902 1.00 61.49  ? 177 LEU A CD2 1 
ATOM   1241 N N   . ARG A 1 198 ? 15.818  11.432  -7.755  1.00 75.05  ? 178 ARG A N   1 
ATOM   1242 C CA  . ARG A 1 198 ? 16.789  12.301  -7.109  1.00 79.71  ? 178 ARG A CA  1 
ATOM   1243 C C   . ARG A 1 198 ? 17.942  11.556  -6.429  1.00 82.08  ? 178 ARG A C   1 
ATOM   1244 O O   . ARG A 1 198 ? 19.004  12.120  -6.221  1.00 82.41  ? 178 ARG A O   1 
ATOM   1245 C CB  . ARG A 1 198 ? 16.078  13.200  -6.090  1.00 81.85  ? 178 ARG A CB  1 
ATOM   1246 C CG  . ARG A 1 198 ? 17.036  14.122  -5.330  1.00 86.39  ? 178 ARG A CG  1 
ATOM   1247 C CD  . ARG A 1 198 ? 16.356  14.752  -4.109  1.00 85.75  ? 178 ARG A CD  1 
ATOM   1248 N NE  . ARG A 1 198 ? 15.404  13.829  -3.503  1.00 87.16  ? 178 ARG A NE  1 
ATOM   1249 C CZ  . ARG A 1 198 ? 14.490  14.207  -2.615  1.00 91.88  ? 178 ARG A CZ  1 
ATOM   1250 N NH1 . ARG A 1 198 ? 14.427  15.475  -2.258  1.00 89.92  ? 178 ARG A NH1 1 
ATOM   1251 N NH2 . ARG A 1 198 ? 13.643  13.333  -2.099  1.00 94.57  ? 178 ARG A NH2 1 
ATOM   1252 N N   . GLN A 1 199 ? 17.734  10.289  -6.092  1.00 86.04  ? 179 GLN A N   1 
ATOM   1253 C CA  . GLN A 1 199 ? 18.746  9.508   -5.417  1.00 89.34  ? 179 GLN A CA  1 
ATOM   1254 C C   . GLN A 1 199 ? 19.807  9.040   -6.400  1.00 91.39  ? 179 GLN A C   1 
ATOM   1255 O O   . GLN A 1 199 ? 20.781  8.390   -6.013  1.00 94.00  ? 179 GLN A O   1 
ATOM   1256 C CB  . GLN A 1 199 ? 18.107  8.261   -4.743  1.00 88.05  ? 179 GLN A CB  1 
ATOM   1257 C CG  . GLN A 1 199 ? 18.064  7.048   -5.665  1.00 85.27  ? 179 GLN A CG  1 
ATOM   1258 C CD  . GLN A 1 199 ? 17.421  5.844   -5.003  1.00 85.67  ? 179 GLN A CD  1 
ATOM   1259 O OE1 . GLN A 1 199 ? 16.222  5.822   -4.751  1.00 81.12  ? 179 GLN A OE1 1 
ATOM   1260 N NE2 . GLN A 1 199 ? 18.227  4.842   -4.717  1.00 82.49  ? 179 GLN A NE2 1 
ATOM   1261 N N   . LEU A 1 200 ? 19.621  9.390   -7.670  1.00 91.11  ? 180 LEU A N   1 
ATOM   1262 C CA  . LEU A 1 200 ? 20.555  9.012   -8.738  1.00 88.71  ? 180 LEU A CA  1 
ATOM   1263 C C   . LEU A 1 200 ? 21.126  10.255  -9.379  1.00 88.27  ? 180 LEU A C   1 
ATOM   1264 O O   . LEU A 1 200 ? 21.781  10.197  -10.424 1.00 88.39  ? 180 LEU A O   1 
ATOM   1265 C CB  . LEU A 1 200 ? 19.821  8.152   -9.769  1.00 88.63  ? 180 LEU A CB  1 
ATOM   1266 C CG  . LEU A 1 200 ? 20.601  7.500   -10.901 1.00 92.77  ? 180 LEU A CG  1 
ATOM   1267 C CD1 . LEU A 1 200 ? 21.298  6.232   -10.414 1.00 93.06  ? 180 LEU A CD1 1 
ATOM   1268 C CD2 . LEU A 1 200 ? 19.700  7.186   -12.079 1.00 96.05  ? 180 LEU A CD2 1 
ATOM   1269 N N   . GLU A 1 201 ? 20.873  11.388  -8.750  1.00 89.33  ? 181 GLU A N   1 
ATOM   1270 C CA  . GLU A 1 201 ? 21.336  12.698  -9.206  1.00 93.15  ? 181 GLU A CA  1 
ATOM   1271 C C   . GLU A 1 201 ? 22.879  12.822  -9.234  1.00 95.05  ? 181 GLU A C   1 
ATOM   1272 O O   . GLU A 1 201 ? 23.509  12.478  -10.230 1.00 93.72  ? 181 GLU A O   1 
ATOM   1273 C CB  . GLU A 1 201 ? 20.756  13.762  -8.278  1.00 92.78  ? 181 GLU A CB  1 
ATOM   1274 C CG  . GLU A 1 201 ? 21.002  15.186  -8.739  1.00 94.50  ? 181 GLU A CG  1 
ATOM   1275 C CD  . GLU A 1 201 ? 19.909  16.122  -8.244  1.00 97.40  ? 181 GLU A CD  1 
ATOM   1276 O OE1 . GLU A 1 201 ? 18.769  15.986  -8.727  1.00 99.42  ? 181 GLU A OE1 1 
ATOM   1277 O OE2 . GLU A 1 201 ? 20.182  16.975  -7.384  1.00 97.42  ? 181 GLU A OE2 1 
ATOM   1278 N N   . ASP A 1 202 ? 23.465  13.304  -8.138  1.00 98.87  ? 182 ASP A N   1 
ATOM   1279 C CA  . ASP A 1 202 ? 24.921  13.516  -7.976  1.00 100.58 ? 182 ASP A CA  1 
ATOM   1280 C C   . ASP A 1 202 ? 25.750  12.274  -8.188  1.00 102.57 ? 182 ASP A C   1 
ATOM   1281 O O   . ASP A 1 202 ? 26.777  12.323  -8.845  1.00 102.79 ? 182 ASP A O   1 
ATOM   1282 C CB  . ASP A 1 202 ? 25.244  14.110  -6.606  1.00 99.60  ? 182 ASP A CB  1 
ATOM   1283 C CG  . ASP A 1 202 ? 24.227  15.166  -6.224  1.00 99.87  ? 182 ASP A CG  1 
ATOM   1284 O OD1 . ASP A 1 202 ? 24.131  16.195  -6.934  1.00 102.94 ? 182 ASP A OD1 1 
ATOM   1285 O OD2 . ASP A 1 202 ? 23.518  14.970  -5.203  1.00 92.79  ? 182 ASP A OD2 1 
ATOM   1286 N N   . ARG A 1 203 ? 25.325  11.166  -7.641  1.00 104.32 ? 183 ARG A N   1 
ATOM   1287 C CA  . ARG A 1 203 ? 26.023  9.910   -7.879  1.00 106.79 ? 183 ARG A CA  1 
ATOM   1288 C C   . ARG A 1 203 ? 26.193  9.805   -9.377  1.00 109.70 ? 183 ARG A C   1 
ATOM   1289 O O   . ARG A 1 203 ? 25.229  9.501   -10.068 1.00 113.32 ? 183 ARG A O   1 
ATOM   1290 C CB  . ARG A 1 203 ? 25.178  8.719   -7.357  1.00 102.22 ? 183 ARG A CB  1 
ATOM   1291 C CG  . ARG A 1 203 ? 25.798  7.316   -7.451  1.00 97.32  ? 183 ARG A CG  1 
ATOM   1292 C CD  . ARG A 1 203 ? 24.911  6.342   -8.229  1.00 93.13  ? 183 ARG A CD  1 
ATOM   1293 N NE  . ARG A 1 203 ? 24.251  5.279   -7.429  1.00 91.29  ? 183 ARG A NE  1 
ATOM   1294 C CZ  . ARG A 1 203 ? 23.132  5.445   -6.723  1.00 85.22  ? 183 ARG A CZ  1 
ATOM   1295 N NH1 . ARG A 1 203 ? 22.531  6.628   -6.676  1.00 83.84  ? 183 ARG A NH1 1 
ATOM   1296 N NH2 . ARG A 1 203 ? 22.629  4.412   -6.063  1.00 78.91  ? 183 ARG A NH2 1 
ATOM   1297 N N   . PRO A 1 204 ? 27.385  10.045  -9.949  1.00 109.66 ? 184 PRO A N   1 
ATOM   1298 C CA  . PRO A 1 204 ? 27.497  10.028  -11.382 1.00 110.46 ? 184 PRO A CA  1 
ATOM   1299 C C   . PRO A 1 204 ? 27.224  8.690   -12.011 1.00 112.56 ? 184 PRO A C   1 
ATOM   1300 O O   . PRO A 1 204 ? 26.949  7.670   -11.365 1.00 116.07 ? 184 PRO A O   1 
ATOM   1301 C CB  . PRO A 1 204 ? 28.921  10.490  -11.665 1.00 107.03 ? 184 PRO A CB  1 
ATOM   1302 C CG  . PRO A 1 204 ? 29.653  10.211  -10.394 1.00 105.59 ? 184 PRO A CG  1 
ATOM   1303 C CD  . PRO A 1 204 ? 28.656  10.370  -9.283  1.00 105.51 ? 184 PRO A CD  1 
ATOM   1304 N N   . VAL A 1 205 ? 27.333  8.812   -13.315 1.00 110.74 ? 185 VAL A N   1 
ATOM   1305 C CA  . VAL A 1 205 ? 26.980  7.782   -14.239 1.00 107.64 ? 185 VAL A CA  1 
ATOM   1306 C C   . VAL A 1 205 ? 25.521  7.665   -14.002 1.00 107.79 ? 185 VAL A C   1 
ATOM   1307 O O   . VAL A 1 205 ? 25.062  7.307   -12.918 1.00 108.91 ? 185 VAL A O   1 
ATOM   1308 C CB  . VAL A 1 205 ? 27.659  6.420   -14.021 1.00 105.97 ? 185 VAL A CB  1 
ATOM   1309 C CG1 . VAL A 1 205 ? 27.215  5.418   -15.078 1.00 100.27 ? 185 VAL A CG1 1 
ATOM   1310 C CG2 . VAL A 1 205 ? 29.170  6.582   -14.030 1.00 103.29 ? 185 VAL A CG2 1 
ATOM   1311 N N   . VAL A 1 206 ? 24.822  7.953   -15.031 1.00 106.86 ? 186 VAL A N   1 
ATOM   1312 C CA  . VAL A 1 206 ? 23.409  7.880   -15.004 1.00 105.69 ? 186 VAL A CA  1 
ATOM   1313 C C   . VAL A 1 206 ? 23.022  6.604   -15.692 1.00 104.91 ? 186 VAL A C   1 
ATOM   1314 O O   . VAL A 1 206 ? 22.953  6.564   -16.919 1.00 105.09 ? 186 VAL A O   1 
ATOM   1315 C CB  . VAL A 1 206 ? 22.795  9.102   -15.741 1.00 105.42 ? 186 VAL A CB  1 
ATOM   1316 C CG1 . VAL A 1 206 ? 21.323  9.264   -15.386 1.00 108.97 ? 186 VAL A CG1 1 
ATOM   1317 C CG2 . VAL A 1 206 ? 23.563  10.370  -15.405 1.00 105.82 ? 186 VAL A CG2 1 
ATOM   1318 N N   . PRO A 1 207 ? 22.784  5.535   -14.929 1.00 103.89 ? 187 PRO A N   1 
ATOM   1319 C CA  . PRO A 1 207 ? 22.397  4.241   -15.495 1.00 103.59 ? 187 PRO A CA  1 
ATOM   1320 C C   . PRO A 1 207 ? 21.202  4.375   -16.437 1.00 105.13 ? 187 PRO A C   1 
ATOM   1321 O O   . PRO A 1 207 ? 20.534  5.402   -16.463 1.00 107.50 ? 187 PRO A O   1 
ATOM   1322 C CB  . PRO A 1 207 ? 22.074  3.407   -14.259 1.00 101.29 ? 187 PRO A CB  1 
ATOM   1323 C CG  . PRO A 1 207 ? 22.990  3.971   -13.232 1.00 99.90  ? 187 PRO A CG  1 
ATOM   1324 C CD  . PRO A 1 207 ? 22.859  5.448   -13.467 1.00 102.19 ? 187 PRO A CD  1 
ATOM   1325 N N   . LEU A 1 208 ? 20.915  3.321   -17.194 1.00 105.74 ? 188 LEU A N   1 
ATOM   1326 C CA  . LEU A 1 208 ? 19.787  3.343   -18.119 1.00 105.75 ? 188 LEU A CA  1 
ATOM   1327 C C   . LEU A 1 208 ? 18.525  3.544   -17.310 1.00 105.87 ? 188 LEU A C   1 
ATOM   1328 O O   . LEU A 1 208 ? 18.230  2.802   -16.397 1.00 105.45 ? 188 LEU A O   1 
ATOM   1329 C CB  . LEU A 1 208 ? 19.702  2.010   -18.883 1.00 105.23 ? 188 LEU A CB  1 
ATOM   1330 C CG  . LEU A 1 208 ? 20.741  1.724   -19.968 1.00 103.95 ? 188 LEU A CG  1 
ATOM   1331 C CD1 . LEU A 1 208 ? 22.032  1.303   -19.298 1.00 102.85 ? 188 LEU A CD1 1 
ATOM   1332 C CD2 . LEU A 1 208 ? 20.249  0.617   -20.874 1.00 103.47 ? 188 LEU A CD2 1 
ATOM   1333 N N   . LEU A 1 209 ? 17.758  4.576   -17.664 1.00 104.56 ? 189 LEU A N   1 
ATOM   1334 C CA  . LEU A 1 209 ? 16.520  4.863   -16.961 1.00 101.04 ? 189 LEU A CA  1 
ATOM   1335 C C   . LEU A 1 209 ? 15.266  4.393   -17.696 1.00 101.12 ? 189 LEU A C   1 
ATOM   1336 O O   . LEU A 1 209 ? 15.260  4.298   -18.925 1.00 99.99  ? 189 LEU A O   1 
ATOM   1337 C CB  . LEU A 1 209 ? 16.400  6.383   -16.702 1.00 98.22  ? 189 LEU A CB  1 
ATOM   1338 C CG  . LEU A 1 209 ? 16.840  6.898   -15.336 1.00 95.15  ? 189 LEU A CG  1 
ATOM   1339 C CD1 . LEU A 1 209 ? 18.033  6.060   -14.850 1.00 95.64  ? 189 LEU A CD1 1 
ATOM   1340 C CD2 . LEU A 1 209 ? 17.261  8.362   -15.420 1.00 95.30  ? 189 LEU A CD2 1 
ATOM   1341 N N   . PRO A 1 210 ? 14.180  4.116   -16.958 1.00 100.67 ? 190 PRO A N   1 
ATOM   1342 C CA  . PRO A 1 210 ? 12.917  3.672   -17.511 1.00 101.43 ? 190 PRO A CA  1 
ATOM   1343 C C   . PRO A 1 210 ? 12.207  4.804   -18.244 1.00 101.72 ? 190 PRO A C   1 
ATOM   1344 O O   . PRO A 1 210 ? 11.166  5.259   -17.796 1.00 102.77 ? 190 PRO A O   1 
ATOM   1345 C CB  . PRO A 1 210 ? 12.145  3.195   -16.287 1.00 99.35  ? 190 PRO A CB  1 
ATOM   1346 C CG  . PRO A 1 210 ? 13.218  2.844   -15.290 1.00 101.84 ? 190 PRO A CG  1 
ATOM   1347 C CD  . PRO A 1 210 ? 14.186  3.977   -15.496 1.00 101.54 ? 190 PRO A CD  1 
ATOM   1348 N N   . LEU A 1 211 ? 12.807  5.263   -19.325 1.00 102.75 ? 191 LEU A N   1 
ATOM   1349 C CA  . LEU A 1 211 ? 12.232  6.316   -20.130 1.00 101.66 ? 191 LEU A CA  1 
ATOM   1350 C C   . LEU A 1 211 ? 10.926  5.919   -20.787 1.00 100.94 ? 191 LEU A C   1 
ATOM   1351 O O   . LEU A 1 211 ? 9.991   6.710   -20.906 1.00 100.86 ? 191 LEU A O   1 
ATOM   1352 C CB  . LEU A 1 211 ? 13.226  6.786   -21.183 1.00 101.06 ? 191 LEU A CB  1 
ATOM   1353 C CG  . LEU A 1 211 ? 12.760  7.760   -22.272 1.00 100.83 ? 191 LEU A CG  1 
ATOM   1354 C CD1 . LEU A 1 211 ? 13.849  8.688   -22.661 1.00 102.44 ? 191 LEU A CD1 1 
ATOM   1355 C CD2 . LEU A 1 211 ? 12.287  6.944   -23.474 1.00 99.79  ? 191 LEU A CD2 1 
ATOM   1356 N N   . GLU A 1 212 ? 10.862  4.678   -21.234 1.00 99.37  ? 192 GLU A N   1 
ATOM   1357 C CA  . GLU A 1 212 ? 9.657   4.160   -21.853 1.00 98.13  ? 192 GLU A CA  1 
ATOM   1358 C C   . GLU A 1 212 ? 8.532   3.875   -20.866 1.00 96.99  ? 192 GLU A C   1 
ATOM   1359 O O   . GLU A 1 212 ? 7.388   4.126   -21.173 1.00 96.24  ? 192 GLU A O   1 
ATOM   1360 C CB  . GLU A 1 212 ? 9.959   2.876   -22.636 1.00 99.69  ? 192 GLU A CB  1 
ATOM   1361 C CG  . GLU A 1 212 ? 10.970  2.991   -23.733 1.00 106.16 ? 192 GLU A CG  1 
ATOM   1362 C CD  . GLU A 1 212 ? 10.990  1.748   -24.595 1.00 109.87 ? 192 GLU A CD  1 
ATOM   1363 O OE1 . GLU A 1 212 ? 11.961  1.590   -25.322 1.00 112.06 ? 192 GLU A OE1 1 
ATOM   1364 O OE2 . GLU A 1 212 ? 10.054  0.937   -24.553 1.00 114.42 ? 192 GLU A OE2 1 
ATOM   1365 N N   . GLU A 1 213 ? 8.882   3.373   -19.684 1.00 94.94  ? 193 GLU A N   1 
ATOM   1366 C CA  . GLU A 1 213 ? 7.922   3.044   -18.663 1.00 92.79  ? 193 GLU A CA  1 
ATOM   1367 C C   . GLU A 1 213 ? 7.071   4.268   -18.318 1.00 88.40  ? 193 GLU A C   1 
ATOM   1368 O O   . GLU A 1 213 ? 5.821   4.211   -18.350 1.00 87.99  ? 193 GLU A O   1 
ATOM   1369 C CB  . GLU A 1 213 ? 8.637   2.574   -17.408 1.00 96.21  ? 193 GLU A CB  1 
ATOM   1370 C CG  . GLU A 1 213 ? 9.519   1.371   -17.615 1.00 100.32 ? 193 GLU A CG  1 
ATOM   1371 C CD  . GLU A 1 213 ? 8.909   0.232   -18.344 1.00 100.53 ? 193 GLU A CD  1 
ATOM   1372 O OE1 . GLU A 1 213 ? 9.666   -0.600  -18.896 1.00 99.16  ? 193 GLU A OE1 1 
ATOM   1373 O OE2 . GLU A 1 213 ? 7.689   0.159   -18.368 1.00 99.74  ? 193 GLU A OE2 1 
ATOM   1374 N N   . LEU A 1 214 ? 7.737   5.371   -17.970 1.00 84.13  ? 194 LEU A N   1 
ATOM   1375 C CA  . LEU A 1 214 ? 7.023   6.599   -17.621 1.00 82.71  ? 194 LEU A CA  1 
ATOM   1376 C C   . LEU A 1 214 ? 6.092   7.063   -18.720 1.00 84.13  ? 194 LEU A C   1 
ATOM   1377 O O   . LEU A 1 214 ? 5.062   7.681   -18.481 1.00 82.17  ? 194 LEU A O   1 
ATOM   1378 C CB  . LEU A 1 214 ? 7.993   7.740   -17.285 1.00 80.23  ? 194 LEU A CB  1 
ATOM   1379 C CG  . LEU A 1 214 ? 8.607   7.732   -15.878 1.00 79.31  ? 194 LEU A CG  1 
ATOM   1380 C CD1 . LEU A 1 214 ? 9.075   9.146   -15.557 1.00 74.65  ? 194 LEU A CD1 1 
ATOM   1381 C CD2 . LEU A 1 214 ? 7.510   7.381   -14.868 1.00 76.08  ? 194 LEU A CD2 1 
ATOM   1382 N N   . GLU A 1 215 ? 6.482   6.761   -19.953 1.00 87.67  ? 195 GLU A N   1 
ATOM   1383 C CA  . GLU A 1 215 ? 5.703   7.143   -21.125 1.00 88.23  ? 195 GLU A CA  1 
ATOM   1384 C C   . GLU A 1 215 ? 4.343   6.448   -21.069 1.00 88.08  ? 195 GLU A C   1 
ATOM   1385 O O   . GLU A 1 215 ? 3.305   7.099   -21.055 1.00 87.39  ? 195 GLU A O   1 
ATOM   1386 C CB  . GLU A 1 215 ? 6.463   6.733   -22.395 1.00 90.08  ? 195 GLU A CB  1 
ATOM   1387 C CG  . GLU A 1 215 ? 5.966   7.393   -23.646 1.00 92.88  ? 195 GLU A CG  1 
ATOM   1388 C CD  . GLU A 1 215 ? 6.078   8.894   -23.573 1.00 95.52  ? 195 GLU A CD  1 
ATOM   1389 O OE1 . GLU A 1 215 ? 5.540   9.551   -24.487 1.00 95.96  ? 195 GLU A OE1 1 
ATOM   1390 O OE2 . GLU A 1 215 ? 6.676   9.433   -22.616 1.00 97.28  ? 195 GLU A OE2 1 
ATOM   1391 N N   . GLU A 1 216 ? 4.359   5.125   -20.994 1.00 88.16  ? 196 GLU A N   1 
ATOM   1392 C CA  . GLU A 1 216 ? 3.122   4.370   -20.955 1.00 87.32  ? 196 GLU A CA  1 
ATOM   1393 C C   . GLU A 1 216 ? 2.333   4.754   -19.697 1.00 85.88  ? 196 GLU A C   1 
ATOM   1394 O O   . GLU A 1 216 ? 1.113   4.812   -19.735 1.00 88.57  ? 196 GLU A O   1 
ATOM   1395 C CB  . GLU A 1 216 ? 3.421   2.859   -20.947 1.00 87.66  ? 196 GLU A CB  1 
ATOM   1396 C CG  . GLU A 1 216 ? 2.223   1.999   -20.886 1.00 92.19  ? 196 GLU A CG  1 
ATOM   1397 C CD  . GLU A 1 216 ? 1.447   2.032   -22.108 1.00 93.55  ? 196 GLU A CD  1 
ATOM   1398 O OE1 . GLU A 1 216 ? 0.609   2.850   -22.224 1.00 96.45  ? 196 GLU A OE1 1 
ATOM   1399 O OE2 . GLU A 1 216 ? 1.605   1.254   -22.976 1.00 95.23  ? 196 GLU A OE2 1 
ATOM   1400 N N   . HIS A 1 217 ? 3.040   5.002   -18.593 1.00 82.60  ? 197 HIS A N   1 
ATOM   1401 C CA  . HIS A 1 217 ? 2.393   5.382   -17.350 1.00 81.66  ? 197 HIS A CA  1 
ATOM   1402 C C   . HIS A 1 217 ? 1.652   6.710   -17.559 1.00 81.21  ? 197 HIS A C   1 
ATOM   1403 O O   . HIS A 1 217 ? 0.420   6.789   -17.415 1.00 81.19  ? 197 HIS A O   1 
ATOM   1404 C CB  . HIS A 1 217 ? 3.401   5.526   -16.230 1.00 80.83  ? 197 HIS A CB  1 
ATOM   1405 C CG  . HIS A 1 217 ? 3.875   4.227   -15.672 1.00 80.26  ? 197 HIS A CG  1 
ATOM   1406 N ND1 . HIS A 1 217 ? 3.038   3.331   -15.048 1.00 78.50  ? 197 HIS A ND1 1 
ATOM   1407 C CD2 . HIS A 1 217 ? 5.109   3.658   -15.664 1.00 76.92  ? 197 HIS A CD2 1 
ATOM   1408 C CE1 . HIS A 1 217 ? 3.727   2.258   -14.679 1.00 76.03  ? 197 HIS A CE1 1 
ATOM   1409 N NE2 . HIS A 1 217 ? 4.982   2.433   -15.041 1.00 75.02  ? 197 HIS A NE2 1 
ATOM   1410 N N   . ASN A 1 218 ? 2.387   7.763   -17.927 1.00 79.07  ? 198 ASN A N   1 
ATOM   1411 C CA  . ASN A 1 218 ? 1.779   9.063   -18.139 1.00 77.23  ? 198 ASN A CA  1 
ATOM   1412 C C   . ASN A 1 218 ? 0.679   8.981   -19.197 1.00 76.10  ? 198 ASN A C   1 
ATOM   1413 O O   . ASN A 1 218 ? -0.357  9.642   -19.072 1.00 77.95  ? 198 ASN A O   1 
ATOM   1414 C CB  . ASN A 1 218 ? 2.858   10.104  -18.560 1.00 75.16  ? 198 ASN A CB  1 
ATOM   1415 C CG  . ASN A 1 218 ? 2.416   11.517  -18.334 1.00 81.17  ? 198 ASN A CG  1 
ATOM   1416 O OD1 . ASN A 1 218 ? 1.986   11.868  -17.221 1.00 82.30  ? 198 ASN A OD1 1 
ATOM   1417 N ND2 . ASN A 1 218 ? 2.536   12.358  -19.357 1.00 82.11  ? 198 ASN A ND2 1 
ATOM   1418 N N   . LYS A 1 219 ? 0.908   8.199   -20.254 1.00 76.43  ? 199 LYS A N   1 
ATOM   1419 C CA  . LYS A 1 219 ? -0.096  8.077   -21.305 1.00 78.00  ? 199 LYS A CA  1 
ATOM   1420 C C   . LYS A 1 219 ? -1.419  7.631   -20.636 1.00 74.57  ? 199 LYS A C   1 
ATOM   1421 O O   . LYS A 1 219 ? -2.427  8.323   -20.753 1.00 76.29  ? 199 LYS A O   1 
ATOM   1422 C CB  . LYS A 1 219 ? 0.336   7.048   -22.367 1.00 82.89  ? 199 LYS A CB  1 
ATOM   1423 C CG  . LYS A 1 219 ? -0.808  6.214   -22.982 1.00 83.68  ? 199 LYS A CG  1 
ATOM   1424 C CD  . LYS A 1 219 ? -1.362  6.884   -24.231 1.00 84.54  ? 199 LYS A CD  1 
ATOM   1425 C CE  . LYS A 1 219 ? -2.391  6.024   -24.946 1.00 81.30  ? 199 LYS A CE  1 
ATOM   1426 N NZ  . LYS A 1 219 ? -3.464  5.578   -24.072 1.00 79.72  ? 199 LYS A NZ  1 
ATOM   1427 N N   . THR A 1 220 ? -1.391  6.510   -19.912 1.00 70.22  ? 200 THR A N   1 
ATOM   1428 C CA  . THR A 1 220 ? -2.561  6.013   -19.245 1.00 67.70  ? 200 THR A CA  1 
ATOM   1429 C C   . THR A 1 220 ? -3.117  7.009   -18.239 1.00 65.72  ? 200 THR A C   1 
ATOM   1430 O O   . THR A 1 220 ? -4.349  7.134   -18.092 1.00 61.63  ? 200 THR A O   1 
ATOM   1431 C CB  . THR A 1 220 ? -2.269  4.689   -18.484 1.00 70.25  ? 200 THR A CB  1 
ATOM   1432 O OG1 . THR A 1 220 ? -1.193  3.994   -19.130 1.00 69.07  ? 200 THR A OG1 1 
ATOM   1433 C CG2 . THR A 1 220 ? -3.506  3.802   -18.491 1.00 67.03  ? 200 THR A CG2 1 
ATOM   1434 N N   . SER A 1 221 ? -2.222  7.705   -17.538 1.00 66.26  ? 201 SER A N   1 
ATOM   1435 C CA  . SER A 1 221 ? -2.648  8.646   -16.519 1.00 64.83  ? 201 SER A CA  1 
ATOM   1436 C C   . SER A 1 221 ? -3.120  9.969   -17.096 1.00 62.60  ? 201 SER A C   1 
ATOM   1437 O O   . SER A 1 221 ? -3.376  10.923  -16.361 1.00 62.66  ? 201 SER A O   1 
ATOM   1438 C CB  . SER A 1 221 ? -1.481  8.927   -15.557 1.00 68.35  ? 201 SER A CB  1 
ATOM   1439 O OG  . SER A 1 221 ? -0.699  10.013  -16.024 1.00 66.53  ? 201 SER A OG  1 
ATOM   1440 N N   . GLN A 1 222 ? -3.229  10.046  -18.422 1.00 64.75  ? 202 GLN A N   1 
ATOM   1441 C CA  . GLN A 1 222 ? -3.663  11.279  -19.053 1.00 67.29  ? 202 GLN A CA  1 
ATOM   1442 C C   . GLN A 1 222 ? -2.836  12.493  -18.673 1.00 66.52  ? 202 GLN A C   1 
ATOM   1443 O O   . GLN A 1 222 ? -3.381  13.578  -18.426 1.00 64.82  ? 202 GLN A O   1 
ATOM   1444 C CB  . GLN A 1 222 ? -5.133  11.522  -18.727 1.00 69.08  ? 202 GLN A CB  1 
ATOM   1445 C CG  . GLN A 1 222 ? -6.082  10.654  -19.546 1.00 76.74  ? 202 GLN A CG  1 
ATOM   1446 C CD  . GLN A 1 222 ? -5.709  10.645  -21.014 1.00 85.45  ? 202 GLN A CD  1 
ATOM   1447 O OE1 . GLN A 1 222 ? -5.914  11.621  -21.716 1.00 88.42  ? 202 GLN A OE1 1 
ATOM   1448 N NE2 . GLN A 1 222 ? -5.172  9.526   -21.473 1.00 87.32  ? 202 GLN A NE2 1 
ATOM   1449 N N   . ASN A 1 223 ? -1.520  12.317  -18.651 1.00 66.84  ? 203 ASN A N   1 
ATOM   1450 C CA  . ASN A 1 223 ? -0.555  13.386  -18.434 1.00 66.29  ? 203 ASN A CA  1 
ATOM   1451 C C   . ASN A 1 223 ? -0.363  13.987  -17.022 1.00 66.59  ? 203 ASN A C   1 
ATOM   1452 O O   . ASN A 1 223 ? 0.425   14.918  -16.876 1.00 68.55  ? 203 ASN A O   1 
ATOM   1453 C CB  . ASN A 1 223 ? -0.889  14.515  -19.399 1.00 66.60  ? 203 ASN A CB  1 
ATOM   1454 C CG  . ASN A 1 223 ? 0.308   15.425  -19.668 1.00 63.71  ? 203 ASN A CG  1 
ATOM   1455 O OD1 . ASN A 1 223 ? 0.239   16.648  -19.540 1.00 56.38  ? 203 ASN A OD1 1 
ATOM   1456 N ND2 . ASN A 1 223 ? 1.423   14.805  -20.058 1.00 63.98  ? 203 ASN A ND2 1 
ATOM   1457 N N   . ARG A 1 224 ? -1.057  13.496  -15.988 1.00 64.79  ? 204 ARG A N   1 
ATOM   1458 C CA  . ARG A 1 224 ? -0.851  14.084  -14.649 1.00 65.72  ? 204 ARG A CA  1 
ATOM   1459 C C   . ARG A 1 224 ? 0.377   13.488  -13.969 1.00 65.88  ? 204 ARG A C   1 
ATOM   1460 O O   . ARG A 1 224 ? 0.353   13.242  -12.755 1.00 66.35  ? 204 ARG A O   1 
ATOM   1461 C CB  . ARG A 1 224 ? -2.082  13.902  -13.747 1.00 66.65  ? 204 ARG A CB  1 
ATOM   1462 C CG  . ARG A 1 224 ? -2.910  12.667  -14.053 1.00 65.33  ? 204 ARG A CG  1 
ATOM   1463 C CD  . ARG A 1 224 ? -4.194  13.047  -14.760 1.00 64.81  ? 204 ARG A CD  1 
ATOM   1464 N NE  . ARG A 1 224 ? -5.350  12.953  -13.895 1.00 64.66  ? 204 ARG A NE  1 
ATOM   1465 C CZ  . ARG A 1 224 ? -6.576  12.746  -14.326 1.00 70.56  ? 204 ARG A CZ  1 
ATOM   1466 N NH1 . ARG A 1 224 ? -6.809  12.628  -15.619 1.00 72.49  ? 204 ARG A NH1 1 
ATOM   1467 N NH2 . ARG A 1 224 ? -7.575  12.658  -13.466 1.00 68.69  ? 204 ARG A NH2 1 
ATOM   1468 N N   . MET A 1 225 ? 1.422   13.259  -14.717 1.00 68.22  ? 205 MET A N   1 
ATOM   1469 C CA  . MET A 1 225 ? 2.677   12.696  -14.181 1.00 71.55  ? 205 MET A CA  1 
ATOM   1470 C C   . MET A 1 225 ? 3.841   13.286  -14.979 1.00 72.79  ? 205 MET A C   1 
ATOM   1471 O O   . MET A 1 225 ? 4.920   12.704  -15.061 1.00 78.01  ? 205 MET A O   1 
ATOM   1472 C CB  . MET A 1 225 ? 2.717   11.149  -14.284 1.00 70.35  ? 205 MET A CB  1 
ATOM   1473 C CG  . MET A 1 225 ? 1.793   10.357  -13.370 1.00 66.40  ? 205 MET A CG  1 
ATOM   1474 S SD  . MET A 1 225 ? 2.142   8.587   -13.434 1.00 58.76  ? 205 MET A SD  1 
ATOM   1475 C CE  . MET A 1 225 ? 3.469   8.451   -12.242 1.00 49.79  ? 205 MET A CE  1 
ATOM   1476 N N   . GLU A 1 226 ? 3.610   14.459  -15.565 1.00 70.31  ? 206 GLU A N   1 
ATOM   1477 C CA  . GLU A 1 226 ? 4.627   15.120  -16.388 1.00 72.09  ? 206 GLU A CA  1 
ATOM   1478 C C   . GLU A 1 226 ? 5.852   15.595  -15.600 1.00 73.30  ? 206 GLU A C   1 
ATOM   1479 O O   . GLU A 1 226 ? 6.955   15.572  -16.123 1.00 74.36  ? 206 GLU A O   1 
ATOM   1480 C CB  . GLU A 1 226 ? 3.993   16.301  -17.117 1.00 74.35  ? 206 GLU A CB  1 
ATOM   1481 C CG  . GLU A 1 226 ? 3.756   16.062  -18.580 1.00 76.62  ? 206 GLU A CG  1 
ATOM   1482 C CD  . GLU A 1 226 ? 4.882   16.522  -19.475 1.00 77.49  ? 206 GLU A CD  1 
ATOM   1483 O OE1 . GLU A 1 226 ? 5.236   15.782  -20.411 1.00 79.35  ? 206 GLU A OE1 1 
ATOM   1484 O OE2 . GLU A 1 226 ? 5.409   17.619  -19.251 1.00 81.89  ? 206 GLU A OE2 1 
ATOM   1485 N N   . GLU A 1 227 ? 5.647   16.017  -14.360 1.00 73.21  ? 207 GLU A N   1 
ATOM   1486 C CA  . GLU A 1 227 ? 6.745   16.515  -13.549 1.00 75.15  ? 207 GLU A CA  1 
ATOM   1487 C C   . GLU A 1 227 ? 7.866   15.471  -13.424 1.00 72.63  ? 207 GLU A C   1 
ATOM   1488 O O   . GLU A 1 227 ? 9.051   15.826  -13.441 1.00 73.48  ? 207 GLU A O   1 
ATOM   1489 C CB  . GLU A 1 227 ? 6.247   16.929  -12.166 1.00 80.41  ? 207 GLU A CB  1 
ATOM   1490 C CG  . GLU A 1 227 ? 6.839   18.235  -11.671 1.00 86.74  ? 207 GLU A CG  1 
ATOM   1491 C CD  . GLU A 1 227 ? 5.887   19.001  -10.776 1.00 91.62  ? 207 GLU A CD  1 
ATOM   1492 O OE1 . GLU A 1 227 ? 6.211   20.139  -10.395 1.00 95.19  ? 207 GLU A OE1 1 
ATOM   1493 O OE2 . GLU A 1 227 ? 4.811   18.467  -10.459 1.00 90.74  ? 207 GLU A OE2 1 
ATOM   1494 N N   . ALA A 1 228 ? 7.487   14.197  -13.304 1.00 73.62  ? 208 ALA A N   1 
ATOM   1495 C CA  . ALA A 1 228 ? 8.458   13.127  -13.174 1.00 75.49  ? 208 ALA A CA  1 
ATOM   1496 C C   . ALA A 1 228 ? 9.039   12.765  -14.532 1.00 77.28  ? 208 ALA A C   1 
ATOM   1497 O O   . ALA A 1 228 ? 10.245  12.571  -14.677 1.00 78.68  ? 208 ALA A O   1 
ATOM   1498 C CB  . ALA A 1 228 ? 7.827   11.921  -12.531 1.00 73.32  ? 208 ALA A CB  1 
ATOM   1499 N N   . LEU A 1 229 ? 8.179   12.674  -15.543 1.00 79.22  ? 209 LEU A N   1 
ATOM   1500 C CA  . LEU A 1 229 ? 8.615   12.311  -16.886 1.00 79.58  ? 209 LEU A CA  1 
ATOM   1501 C C   . LEU A 1 229 ? 9.725   13.222  -17.407 1.00 78.82  ? 209 LEU A C   1 
ATOM   1502 O O   . LEU A 1 229 ? 10.686  12.733  -17.991 1.00 76.48  ? 209 LEU A O   1 
ATOM   1503 C CB  . LEU A 1 229 ? 7.417   12.364  -17.870 1.00 79.94  ? 209 LEU A CB  1 
ATOM   1504 C CG  . LEU A 1 229 ? 7.383   11.298  -18.963 1.00 78.14  ? 209 LEU A CG  1 
ATOM   1505 C CD1 . LEU A 1 229 ? 6.784   11.914  -20.215 1.00 77.21  ? 209 LEU A CD1 1 
ATOM   1506 C CD2 . LEU A 1 229 ? 8.806   10.819  -19.279 1.00 67.57  ? 209 LEU A CD2 1 
ATOM   1507 N N   . ASN A 1 230 ? 9.573   14.528  -17.227 1.00 80.46  ? 210 ASN A N   1 
ATOM   1508 C CA  . ASN A 1 230 ? 10.568  15.495  -17.696 1.00 82.23  ? 210 ASN A CA  1 
ATOM   1509 C C   . ASN A 1 230 ? 11.838  15.230  -16.889 1.00 84.51  ? 210 ASN A C   1 
ATOM   1510 O O   . ASN A 1 230 ? 12.903  15.008  -17.419 1.00 88.55  ? 210 ASN A O   1 
ATOM   1511 C CB  . ASN A 1 230 ? 10.093  16.909  -17.420 1.00 79.98  ? 210 ASN A CB  1 
ATOM   1512 C CG  . ASN A 1 230 ? 8.857   17.262  -18.185 1.00 77.22  ? 210 ASN A CG  1 
ATOM   1513 O OD1 . ASN A 1 230 ? 8.174   18.201  -17.825 1.00 75.10  ? 210 ASN A OD1 1 
ATOM   1514 N ND2 . ASN A 1 230 ? 8.584   16.548  -19.269 1.00 76.04  ? 210 ASN A ND2 1 
ATOM   1515 N N   . TYR A 1 231 ? 11.698  15.279  -15.570 1.00 85.46  ? 211 TYR A N   1 
ATOM   1516 C CA  . TYR A 1 231 ? 12.794  15.055  -14.649 1.00 87.44  ? 211 TYR A CA  1 
ATOM   1517 C C   . TYR A 1 231 ? 13.525  13.770  -15.016 1.00 89.29  ? 211 TYR A C   1 
ATOM   1518 O O   . TYR A 1 231 ? 14.756  13.689  -14.904 1.00 92.58  ? 211 TYR A O   1 
ATOM   1519 C CB  . TYR A 1 231 ? 12.262  14.944  -13.192 1.00 87.79  ? 211 TYR A CB  1 
ATOM   1520 C CG  . TYR A 1 231 ? 13.343  14.948  -12.160 1.00 87.78  ? 211 TYR A CG  1 
ATOM   1521 C CD1 . TYR A 1 231 ? 13.698  16.108  -11.482 1.00 87.20  ? 211 TYR A CD1 1 
ATOM   1522 C CD2 . TYR A 1 231 ? 14.023  13.796  -11.874 1.00 87.64  ? 211 TYR A CD2 1 
ATOM   1523 C CE1 . TYR A 1 231 ? 14.723  16.107  -10.544 1.00 89.82  ? 211 TYR A CE1 1 
ATOM   1524 C CE2 . TYR A 1 231 ? 15.061  13.781  -10.921 1.00 88.18  ? 211 TYR A CE2 1 
ATOM   1525 C CZ  . TYR A 1 231 ? 15.394  14.946  -10.276 1.00 90.49  ? 211 TYR A CZ  1 
ATOM   1526 O OH  . TYR A 1 231 ? 16.401  14.932  -9.355  1.00 93.41  ? 211 TYR A OH  1 
ATOM   1527 N N   . LEU A 1 232 ? 12.755  12.766  -15.421 1.00 89.17  ? 212 LEU A N   1 
ATOM   1528 C CA  . LEU A 1 232 ? 13.317  11.479  -15.818 1.00 87.92  ? 212 LEU A CA  1 
ATOM   1529 C C   . LEU A 1 232 ? 14.122  11.611  -17.091 1.00 88.44  ? 212 LEU A C   1 
ATOM   1530 O O   . LEU A 1 232 ? 15.232  11.128  -17.207 1.00 89.26  ? 212 LEU A O   1 
ATOM   1531 C CB  . LEU A 1 232 ? 12.195  10.464  -15.994 1.00 85.17  ? 212 LEU A CB  1 
ATOM   1532 C CG  . LEU A 1 232 ? 12.554  9.050   -16.446 1.00 80.59  ? 212 LEU A CG  1 
ATOM   1533 C CD1 . LEU A 1 232 ? 12.778  8.977   -17.941 1.00 80.11  ? 212 LEU A CD1 1 
ATOM   1534 C CD2 . LEU A 1 232 ? 13.771  8.586   -15.670 1.00 77.01  ? 212 LEU A CD2 1 
ATOM   1535 N N   . LYS A 1 233 ? 13.543  12.307  -18.053 1.00 88.42  ? 213 LYS A N   1 
ATOM   1536 C CA  . LYS A 1 233 ? 14.188  12.523  -19.341 1.00 88.02  ? 213 LYS A CA  1 
ATOM   1537 C C   . LYS A 1 233 ? 15.338  13.521  -19.137 1.00 87.73  ? 213 LYS A C   1 
ATOM   1538 O O   . LYS A 1 233 ? 16.397  13.384  -19.755 1.00 85.94  ? 213 LYS A O   1 
ATOM   1539 C CB  . LYS A 1 233 ? 13.192  13.118  -20.360 1.00 86.93  ? 213 LYS A CB  1 
ATOM   1540 C CG  . LYS A 1 233 ? 12.263  12.095  -20.989 1.00 87.65  ? 213 LYS A CG  1 
ATOM   1541 C CD  . LYS A 1 233 ? 11.632  12.674  -22.237 1.00 86.79  ? 213 LYS A CD  1 
ATOM   1542 C CE  . LYS A 1 233 ? 10.226  13.176  -21.952 1.00 88.51  ? 213 LYS A CE  1 
ATOM   1543 N NZ  . LYS A 1 233 ? 10.294  14.392  -21.072 1.00 92.44  ? 213 LYS A NZ  1 
ATOM   1544 N N   . GLN A 1 234 ? 15.104  14.506  -18.276 1.00 88.11  ? 214 GLN A N   1 
ATOM   1545 C CA  . GLN A 1 234 ? 16.088  15.522  -17.948 1.00 88.15  ? 214 GLN A CA  1 
ATOM   1546 C C   . GLN A 1 234 ? 17.355  14.867  -17.389 1.00 87.30  ? 214 GLN A C   1 
ATOM   1547 O O   . GLN A 1 234 ? 18.423  15.468  -17.360 1.00 83.72  ? 214 GLN A O   1 
ATOM   1548 C CB  . GLN A 1 234 ? 15.508  16.498  -16.932 1.00 89.59  ? 214 GLN A CB  1 
ATOM   1549 C CG  . GLN A 1 234 ? 15.300  17.892  -17.532 1.00 93.93  ? 214 GLN A CG  1 
ATOM   1550 C CD  . GLN A 1 234 ? 14.244  17.901  -18.612 1.00 96.30  ? 214 GLN A CD  1 
ATOM   1551 O OE1 . GLN A 1 234 ? 13.045  17.921  -18.347 1.00 98.61  ? 214 GLN A OE1 1 
ATOM   1552 N NE2 . GLN A 1 234 ? 14.693  17.828  -19.838 1.00 96.18  ? 214 GLN A NE2 1 
ATOM   1553 N N   . LEU A 1 235 ? 17.210  13.629  -16.929 1.00 89.71  ? 215 LEU A N   1 
ATOM   1554 C CA  . LEU A 1 235 ? 18.321  12.871  -16.397 1.00 92.14  ? 215 LEU A CA  1 
ATOM   1555 C C   . LEU A 1 235 ? 19.054  12.149  -17.515 1.00 94.21  ? 215 LEU A C   1 
ATOM   1556 O O   . LEU A 1 235 ? 19.687  11.116  -17.287 1.00 94.65  ? 215 LEU A O   1 
ATOM   1557 C CB  . LEU A 1 235 ? 17.840  11.825  -15.378 1.00 90.98  ? 215 LEU A CB  1 
ATOM   1558 C CG  . LEU A 1 235 ? 18.119  12.036  -13.908 1.00 91.07  ? 215 LEU A CG  1 
ATOM   1559 C CD1 . LEU A 1 235 ? 17.393  10.967  -13.096 1.00 90.58  ? 215 LEU A CD1 1 
ATOM   1560 C CD2 . LEU A 1 235 ? 19.618  11.917  -13.672 1.00 89.23  ? 215 LEU A CD2 1 
ATOM   1561 N N   . GLN A 1 236 ? 18.935  12.695  -18.716 1.00 95.78  ? 216 GLN A N   1 
ATOM   1562 C CA  . GLN A 1 236 ? 19.562  12.142  -19.894 1.00 96.83  ? 216 GLN A CA  1 
ATOM   1563 C C   . GLN A 1 236 ? 20.405  13.191  -20.623 1.00 97.64  ? 216 GLN A C   1 
ATOM   1564 O O   . GLN A 1 236 ? 21.635  12.995  -20.724 1.00 97.69  ? 216 GLN A O   1 
ATOM   1565 C CB  . GLN A 1 236 ? 18.481  11.596  -20.817 1.00 98.48  ? 216 GLN A CB  1 
ATOM   1566 C CG  . GLN A 1 236 ? 18.715  10.146  -21.221 1.00 98.94  ? 216 GLN A CG  1 
ATOM   1567 C CD  . GLN A 1 236 ? 17.433  9.425   -21.363 1.00 99.18  ? 216 GLN A CD  1 
ATOM   1568 O OE1 . GLN A 1 236 ? 16.509  9.933   -21.930 1.00 97.14  ? 216 GLN A OE1 1 
ATOM   1569 N NE2 . GLN A 1 236 ? 17.363  8.229   -20.866 1.00 98.21  ? 216 GLN A NE2 1 
HETATM 1570 O O   . HOH B 2 .   ? -2.469  -17.584 31.379  1.00 72.41  ? 226 HOH A O   1 
# 
loop_
_pdbx_poly_seq_scheme.asym_id 
_pdbx_poly_seq_scheme.entity_id 
_pdbx_poly_seq_scheme.seq_id 
_pdbx_poly_seq_scheme.mon_id 
_pdbx_poly_seq_scheme.ndb_seq_num 
_pdbx_poly_seq_scheme.pdb_seq_num 
_pdbx_poly_seq_scheme.auth_seq_num 
_pdbx_poly_seq_scheme.pdb_mon_id 
_pdbx_poly_seq_scheme.auth_mon_id 
_pdbx_poly_seq_scheme.pdb_strand_id 
_pdbx_poly_seq_scheme.pdb_ins_code 
_pdbx_poly_seq_scheme.hetero 
A 1 1   MET 1   -19 ?   ?   ?   A . n 
A 1 2   GLY 2   -18 ?   ?   ?   A . n 
A 1 3   SER 3   -17 ?   ?   ?   A . n 
A 1 4   SER 4   -16 ?   ?   ?   A . n 
A 1 5   HIS 5   -15 ?   ?   ?   A . n 
A 1 6   HIS 6   -14 ?   ?   ?   A . n 
A 1 7   HIS 7   -13 ?   ?   ?   A . n 
A 1 8   HIS 8   -12 ?   ?   ?   A . n 
A 1 9   HIS 9   -11 ?   ?   ?   A . n 
A 1 10  HIS 10  -10 ?   ?   ?   A . n 
A 1 11  SER 11  -9  ?   ?   ?   A . n 
A 1 12  SER 12  -8  ?   ?   ?   A . n 
A 1 13  GLY 13  -7  ?   ?   ?   A . n 
A 1 14  LEU 14  -6  ?   ?   ?   A . n 
A 1 15  VAL 15  -5  ?   ?   ?   A . n 
A 1 16  PRO 16  -4  ?   ?   ?   A . n 
A 1 17  ARG 17  -3  ?   ?   ?   A . n 
A 1 18  GLY 18  -2  ?   ?   ?   A . n 
A 1 19  SER 19  -1  ?   ?   ?   A . n 
A 1 20  HIS 20  0   ?   ?   ?   A . n 
A 1 21  MET 21  1   ?   ?   ?   A . n 
A 1 22  GLU 22  2   ?   ?   ?   A . n 
A 1 23  THR 23  3   ?   ?   ?   A . n 
A 1 24  LEU 24  4   ?   ?   ?   A . n 
A 1 25  SER 25  5   ?   ?   ?   A . n 
A 1 26  TYR 26  6   ?   ?   ?   A . n 
A 1 27  SER 27  7   ?   ?   ?   A . n 
A 1 28  GLN 28  8   ?   ?   ?   A . n 
A 1 29  ILE 29  9   ?   ?   ?   A . n 
A 1 30  LYS 30  10  ?   ?   ?   A . n 
A 1 31  LYS 31  11  ?   ?   ?   A . n 
A 1 32  ARG 32  12  ?   ?   ?   A . n 
A 1 33  LYS 33  13  ?   ?   ?   A . n 
A 1 34  ALA 34  14  ?   ?   ?   A . n 
A 1 35  ASP 35  15  ?   ?   ?   A . n 
A 1 36  PHE 36  16  ?   ?   ?   A . n 
A 1 37  ASP 37  17  ?   ?   ?   A . n 
A 1 38  GLU 38  18  ?   ?   ?   A . n 
A 1 39  ASP 39  19  ?   ?   ?   A . n 
A 1 40  ILE 40  20  ?   ?   ?   A . n 
A 1 41  SER 41  21  ?   ?   ?   A . n 
A 1 42  LYS 42  22  ?   ?   ?   A . n 
A 1 43  ARG 43  23  ?   ?   ?   A . n 
A 1 44  ALA 44  24  24  ALA ALA A . n 
A 1 45  ARG 45  25  25  ARG ARG A . n 
A 1 46  GLN 46  26  26  GLN GLN A . n 
A 1 47  LEU 47  27  27  LEU LEU A . n 
A 1 48  PRO 48  28  28  PRO PRO A . n 
A 1 49  VAL 49  29  29  VAL VAL A . n 
A 1 50  GLY 50  30  30  GLY GLY A . n 
A 1 51  GLU 51  31  31  GLU GLU A . n 
A 1 52  GLN 52  32  32  GLN GLN A . n 
A 1 53  LEU 53  33  33  LEU LEU A . n 
A 1 54  PRO 54  34  34  PRO PRO A . n 
A 1 55  LEU 55  35  35  LEU LEU A . n 
A 1 56  SER 56  36  36  SER SER A . n 
A 1 57  ARG 57  37  37  ARG ARG A . n 
A 1 58  LEU 58  38  38  LEU LEU A . n 
A 1 59  LEU 59  39  39  LEU LEU A . n 
A 1 60  GLN 60  40  40  GLN ASN A . n 
A 1 61  TYR 61  41  41  TYR TYR A . n 
A 1 62  SER 62  42  42  SER SER A . n 
A 1 63  ASP 63  43  43  ASP ASP A . n 
A 1 64  LYS 64  44  44  LYS LYS A . n 
A 1 65  GLN 65  45  45  GLN GLN A . n 
A 1 66  GLN 66  46  46  GLN GLN A . n 
A 1 67  LEU 67  47  47  LEU LEU A . n 
A 1 68  PHE 68  48  48  PHE PHE A . n 
A 1 69  THR 69  49  49  THR THR A . n 
A 1 70  ILE 70  50  50  ILE ILE A . n 
A 1 71  LEU 71  51  51  LEU LEU A . n 
A 1 72  LEU 72  52  52  LEU LEU A . n 
A 1 73  GLN 73  53  53  GLN GLN A . n 
A 1 74  CYS 74  54  54  CYS CYS A . n 
A 1 75  VAL 75  55  55  VAL VAL A . n 
A 1 76  GLU 76  56  56  GLU GLU A . n 
A 1 77  LYS 77  57  57  LYS LYS A . n 
A 1 78  HIS 78  58  58  HIS HIS A . n 
A 1 79  PRO 79  59  59  PRO PRO A . n 
A 1 80  ASP 80  60  60  ASP ASP A . n 
A 1 81  LEU 81  61  61  LEU LEU A . n 
A 1 82  ALA 82  62  62  ALA ALA A . n 
A 1 83  ARG 83  63  63  ARG ARG A . n 
A 1 84  ASP 84  64  64  ASP ASP A . n 
A 1 85  ILE 85  65  65  ILE ILE A . n 
A 1 86  ARG 86  66  66  ARG ARG A . n 
A 1 87  GLY 87  67  67  GLY GLY A . n 
A 1 88  ILE 88  68  68  ILE ILE A . n 
A 1 89  LEU 89  69  69  LEU LEU A . n 
A 1 90  PRO 90  70  70  PRO PRO A . n 
A 1 91  ALA 91  71  71  ALA ALA A . n 
A 1 92  PRO 92  72  72  PRO PRO A . n 
A 1 93  SER 93  73  73  SER SER A . n 
A 1 94  MET 94  74  74  MET MET A . n 
A 1 95  ASP 95  75  75  ASP ASP A . n 
A 1 96  THR 96  76  76  THR THR A . n 
A 1 97  CYS 97  77  77  CYS CYS A . n 
A 1 98  VAL 98  78  78  VAL VAL A . n 
A 1 99  GLU 99  79  79  GLU GLU A . n 
A 1 100 THR 100 80  80  THR THR A . n 
A 1 101 LEU 101 81  81  LEU LEU A . n 
A 1 102 ARG 102 82  82  ARG ARG A . n 
A 1 103 LYS 103 83  83  LYS LYS A . n 
A 1 104 LEU 104 84  84  LEU LEU A . n 
A 1 105 LEU 105 85  85  LEU LEU A . n 
A 1 106 ILE 106 86  86  ILE ILE A . n 
A 1 107 ASN 107 87  87  ASN ASN A . n 
A 1 108 LEU 108 88  88  LEU LEU A . n 
A 1 109 ASN 109 89  89  ASN ASN A . n 
A 1 110 ASP 110 90  90  ASP ASP A . n 
A 1 111 SER 111 91  91  SER SER A . n 
A 1 112 PHE 112 92  92  PHE PHE A . n 
A 1 113 PRO 113 93  93  PRO PRO A . n 
A 1 114 TYR 114 94  94  TYR TYR A . n 
A 1 115 GLY 115 95  95  GLY GLY A . n 
A 1 116 GLY 116 96  96  GLY GLY A . n 
A 1 117 ASP 117 97  97  ASP ASP A . n 
A 1 118 LYS 118 98  98  LYS LYS A . n 
A 1 119 ARG 119 99  99  ARG ARG A . n 
A 1 120 GLY 120 100 100 GLY GLY A . n 
A 1 121 ASP 121 101 101 ASP ASP A . n 
A 1 122 TYR 122 102 102 TYR TYR A . n 
A 1 123 ALA 123 103 103 ALA ALA A . n 
A 1 124 PHE 124 104 104 PHE PHE A . n 
A 1 125 ASN 125 105 105 ASN ASN A . n 
A 1 126 ARG 126 106 106 ARG ARG A . n 
A 1 127 ILE 127 107 107 ILE ILE A . n 
A 1 128 ARG 128 108 108 ARG ARG A . n 
A 1 129 GLU 129 109 109 GLU GLU A . n 
A 1 130 LYS 130 110 110 LYS LYS A . n 
A 1 131 TYR 131 111 111 TYR TYR A . n 
A 1 132 MET 132 112 112 MET MET A . n 
A 1 133 ALA 133 113 113 ALA ALA A . n 
A 1 134 VAL 134 114 114 VAL VAL A . n 
A 1 135 LEU 135 115 115 LEU LEU A . n 
A 1 136 HIS 136 116 116 HIS HIS A . n 
A 1 137 ALA 137 117 117 ALA ALA A . n 
A 1 138 LEU 138 118 118 LEU LEU A . n 
A 1 139 ASN 139 119 119 ASN ASN A . n 
A 1 140 ASP 140 120 120 ASP ASP A . n 
A 1 141 MET 141 121 121 MET MET A . n 
A 1 142 VAL 142 122 122 VAL VAL A . n 
A 1 143 PRO 143 123 123 PRO PRO A . n 
A 1 144 CYS 144 124 124 CYS CYS A . n 
A 1 145 TYR 145 125 125 TYR TYR A . n 
A 1 146 LEU 146 126 126 LEU LEU A . n 
A 1 147 PRO 147 127 127 PRO PRO A . n 
A 1 148 PRO 148 128 128 PRO PRO A . n 
A 1 149 TYR 149 129 129 TYR TYR A . n 
A 1 150 SER 150 130 130 SER SER A . n 
A 1 151 THR 151 131 131 THR THR A . n 
A 1 152 CYS 152 132 132 CYS CYS A . n 
A 1 153 PHE 153 133 133 PHE PHE A . n 
A 1 154 GLU 154 134 134 GLU GLU A . n 
A 1 155 LYS 155 135 135 LYS LYS A . n 
A 1 156 ASN 156 136 136 ASN ASN A . n 
A 1 157 ILE 157 137 137 ILE ILE A . n 
A 1 158 THR 158 138 138 THR THR A . n 
A 1 159 PHE 159 139 139 PHE PHE A . n 
A 1 160 LEU 160 140 140 LEU LEU A . n 
A 1 161 ASP 161 141 141 ASP ASP A . n 
A 1 162 ALA 162 142 142 ALA ALA A . n 
A 1 163 ALA 163 143 143 ALA ALA A . n 
A 1 164 THR 164 144 144 THR THR A . n 
A 1 165 ASN 165 145 145 ASN ASN A . n 
A 1 166 VAL 166 146 146 VAL VAL A . n 
A 1 167 VAL 167 147 147 VAL VAL A . n 
A 1 168 HIS 168 148 148 HIS HIS A . n 
A 1 169 GLU 169 149 149 GLU GLU A . n 
A 1 170 LEU 170 150 150 LEU LEU A . n 
A 1 171 PRO 171 151 151 PRO PRO A . n 
A 1 172 GLU 172 152 152 GLU ASP A . n 
A 1 173 PHE 173 153 153 PHE PHE A . n 
A 1 174 HIS 174 154 154 HIS HIS A . n 
A 1 175 ASN 175 155 155 ASN ASN A . n 
A 1 176 PRO 176 156 156 PRO PRO A . n 
A 1 177 ASN 177 157 157 ASN ASN A . n 
A 1 178 HIS 178 158 158 HIS HIS A . n 
A 1 179 ASN 179 159 159 ASN ASN A . n 
A 1 180 VAL 180 160 160 VAL VAL A . n 
A 1 181 TYR 181 161 161 TYR TYR A . n 
A 1 182 LYS 182 162 162 LYS LYS A . n 
A 1 183 SER 183 163 163 SER SER A . n 
A 1 184 GLN 184 164 164 GLN GLN A . n 
A 1 185 ALA 185 165 165 ALA ALA A . n 
A 1 186 TYR 186 166 166 TYR TYR A . n 
A 1 187 TYR 187 167 167 TYR TYR A . n 
A 1 188 GLU 188 168 168 GLU GLU A . n 
A 1 189 LEU 189 169 169 LEU LEU A . n 
A 1 190 THR 190 170 170 THR THR A . n 
A 1 191 GLY 191 171 171 GLY GLY A . n 
A 1 192 ALA 192 172 172 ALA ALA A . n 
A 1 193 TRP 193 173 173 TRP TRP A . n 
A 1 194 LEU 194 174 174 LEU LEU A . n 
A 1 195 VAL 195 175 175 VAL VAL A . n 
A 1 196 VAL 196 176 176 VAL VAL A . n 
A 1 197 LEU 197 177 177 LEU LEU A . n 
A 1 198 ARG 198 178 178 ARG ARG A . n 
A 1 199 GLN 199 179 179 GLN GLN A . n 
A 1 200 LEU 200 180 180 LEU LEU A . n 
A 1 201 GLU 201 181 181 GLU GLU A . n 
A 1 202 ASP 202 182 182 ASP ASP A . n 
A 1 203 ARG 203 183 183 ARG ARG A . n 
A 1 204 PRO 204 184 184 PRO PRO A . n 
A 1 205 VAL 205 185 185 VAL VAL A . n 
A 1 206 VAL 206 186 186 VAL VAL A . n 
A 1 207 PRO 207 187 187 PRO PRO A . n 
A 1 208 LEU 208 188 188 LEU LEU A . n 
A 1 209 LEU 209 189 189 LEU LEU A . n 
A 1 210 PRO 210 190 190 PRO PRO A . n 
A 1 211 LEU 211 191 191 LEU LEU A . n 
A 1 212 GLU 212 192 192 GLU GLU A . n 
A 1 213 GLU 213 193 193 GLU GLU A . n 
A 1 214 LEU 214 194 194 LEU LEU A . n 
A 1 215 GLU 215 195 195 GLU GLU A . n 
A 1 216 GLU 216 196 196 GLU GLU A . n 
A 1 217 HIS 217 197 197 HIS HIS A . n 
A 1 218 ASN 218 198 198 ASN ASN A . n 
A 1 219 LYS 219 199 199 LYS LYS A . n 
A 1 220 THR 220 200 200 THR THR A . n 
A 1 221 SER 221 201 201 SER SER A . n 
A 1 222 GLN 222 202 202 GLN GLN A . n 
A 1 223 ASN 223 203 203 ASN ASN A . n 
A 1 224 ARG 224 204 204 ARG ARG A . n 
A 1 225 MET 225 205 205 MET MET A . n 
A 1 226 GLU 226 206 206 GLU GLU A . n 
A 1 227 GLU 227 207 207 GLU GLU A . n 
A 1 228 ALA 228 208 208 ALA ALA A . n 
A 1 229 LEU 229 209 209 LEU LEU A . n 
A 1 230 ASN 230 210 210 ASN ASN A . n 
A 1 231 TYR 231 211 211 TYR TYR A . n 
A 1 232 LEU 232 212 212 LEU LEU A . n 
A 1 233 LYS 233 213 213 LYS LYS A . n 
A 1 234 GLN 234 214 214 GLN GLN A . n 
A 1 235 LEU 235 215 215 LEU LEU A . n 
A 1 236 GLN 236 216 216 GLN GLN A . n 
A 1 237 LYS 237 217 ?   ?   ?   A . n 
A 1 238 ASN 238 218 ?   ?   ?   A . n 
A 1 239 GLU 239 219 ?   ?   ?   A . n 
A 1 240 PRO 240 220 ?   ?   ?   A . n 
A 1 241 LEU 241 221 ?   ?   ?   A . n 
A 1 242 VAL 242 222 ?   ?   ?   A . n 
A 1 243 HIS 243 223 ?   ?   ?   A . n 
A 1 244 GLU 244 224 ?   ?   ?   A . n 
A 1 245 ARG 245 225 ?   ?   ?   A . n 
# 
_pdbx_nonpoly_scheme.asym_id         B 
_pdbx_nonpoly_scheme.entity_id       2 
_pdbx_nonpoly_scheme.mon_id          HOH 
_pdbx_nonpoly_scheme.ndb_seq_num     1 
_pdbx_nonpoly_scheme.pdb_seq_num     226 
_pdbx_nonpoly_scheme.auth_seq_num    10 
_pdbx_nonpoly_scheme.pdb_mon_id      HOH 
_pdbx_nonpoly_scheme.auth_mon_id     TIP 
_pdbx_nonpoly_scheme.pdb_strand_id   A 
_pdbx_nonpoly_scheme.pdb_ins_code    . 
# 
_pdbx_struct_assembly.id                   1 
_pdbx_struct_assembly.details              author_and_software_defined_assembly 
_pdbx_struct_assembly.method_details       PISA 
_pdbx_struct_assembly.oligomeric_details   dimeric 
_pdbx_struct_assembly.oligomeric_count     2 
# 
_pdbx_struct_assembly_gen.assembly_id       1 
_pdbx_struct_assembly_gen.oper_expression   1,2 
_pdbx_struct_assembly_gen.asym_id_list      A,B 
# 
loop_
_pdbx_struct_assembly_prop.biol_id 
_pdbx_struct_assembly_prop.type 
_pdbx_struct_assembly_prop.value 
_pdbx_struct_assembly_prop.details 
1 'ABSA (A^2)' 5710  ? 
1 MORE         -43   ? 
1 'SSA (A^2)'  21120 ? 
# 
loop_
_pdbx_struct_oper_list.id 
_pdbx_struct_oper_list.type 
_pdbx_struct_oper_list.name 
_pdbx_struct_oper_list.symmetry_operation 
_pdbx_struct_oper_list.matrix[1][1] 
_pdbx_struct_oper_list.matrix[1][2] 
_pdbx_struct_oper_list.matrix[1][3] 
_pdbx_struct_oper_list.vector[1] 
_pdbx_struct_oper_list.matrix[2][1] 
_pdbx_struct_oper_list.matrix[2][2] 
_pdbx_struct_oper_list.matrix[2][3] 
_pdbx_struct_oper_list.vector[2] 
_pdbx_struct_oper_list.matrix[3][1] 
_pdbx_struct_oper_list.matrix[3][2] 
_pdbx_struct_oper_list.matrix[3][3] 
_pdbx_struct_oper_list.vector[3] 
1 'identity operation'         1_555 x,y,z       1.0000000000  0.0000000000 0.0000000000 0.0000000000  0.0000000000 1.0000000000  0.0000000000 0.0000000000   0.0000000000 0.0000000000 1.0000000000  0.0000000000  
2 'crystal symmetry operation' 2_656 -x+1,y,-z+1 -0.5750238135 0.5266314556 0.6261045630 -9.2163045815 0.5266314556 -0.3473971039 0.7758701967 -28.7184476298 0.6261045630 0.7758701967 -0.0775790826 30.4114503846 
# 
loop_
_pdbx_audit_revision_history.ordinal 
_pdbx_audit_revision_history.data_content_type 
_pdbx_audit_revision_history.major_revision 
_pdbx_audit_revision_history.minor_revision 
_pdbx_audit_revision_history.revision_date 
1 'Structure model' 1 0 2011-10-19 
2 'Structure model' 1 1 2023-09-13 
# 
_pdbx_audit_revision_details.ordinal             1 
_pdbx_audit_revision_details.revision_ordinal    1 
_pdbx_audit_revision_details.data_content_type   'Structure model' 
_pdbx_audit_revision_details.provider            repository 
_pdbx_audit_revision_details.type                'Initial release' 
_pdbx_audit_revision_details.description         ? 
_pdbx_audit_revision_details.details             ? 
# 
loop_
_pdbx_audit_revision_group.ordinal 
_pdbx_audit_revision_group.revision_ordinal 
_pdbx_audit_revision_group.data_content_type 
_pdbx_audit_revision_group.group 
1 2 'Structure model' 'Data collection'        
2 2 'Structure model' 'Database references'    
3 2 'Structure model' 'Refinement description' 
# 
loop_
_pdbx_audit_revision_category.ordinal 
_pdbx_audit_revision_category.revision_ordinal 
_pdbx_audit_revision_category.data_content_type 
_pdbx_audit_revision_category.category 
1 2 'Structure model' chem_comp_atom                
2 2 'Structure model' chem_comp_bond                
3 2 'Structure model' database_2                    
4 2 'Structure model' pdbx_initial_refinement_model 
5 2 'Structure model' struct_ref_seq_dif            
# 
loop_
_pdbx_audit_revision_item.ordinal 
_pdbx_audit_revision_item.revision_ordinal 
_pdbx_audit_revision_item.data_content_type 
_pdbx_audit_revision_item.item 
1 2 'Structure model' '_database_2.pdbx_DOI'                
2 2 'Structure model' '_database_2.pdbx_database_accession' 
3 2 'Structure model' '_struct_ref_seq_dif.details'         
# 
loop_
_software.name 
_software.classification 
_software.version 
_software.citation_id 
_software.pdbx_ordinal 
ADSC         'data collection' Quantum ? 1 
MOLREP       phasing           .       ? 2 
CNS          refinement        1.2     ? 3 
CrystalClear 'data reduction'  .       ? 4 
CrystalClear 'data scaling'    .       ? 5 
# 
loop_
_pdbx_validate_close_contact.id 
_pdbx_validate_close_contact.PDB_model_num 
_pdbx_validate_close_contact.auth_atom_id_1 
_pdbx_validate_close_contact.auth_asym_id_1 
_pdbx_validate_close_contact.auth_comp_id_1 
_pdbx_validate_close_contact.auth_seq_id_1 
_pdbx_validate_close_contact.PDB_ins_code_1 
_pdbx_validate_close_contact.label_alt_id_1 
_pdbx_validate_close_contact.auth_atom_id_2 
_pdbx_validate_close_contact.auth_asym_id_2 
_pdbx_validate_close_contact.auth_comp_id_2 
_pdbx_validate_close_contact.auth_seq_id_2 
_pdbx_validate_close_contact.PDB_ins_code_2 
_pdbx_validate_close_contact.label_alt_id_2 
_pdbx_validate_close_contact.dist 
1 1 N  A LEU 35  ? ? O  A HOH 226 ? ? 1.95 
2 1 SG A CYS 132 ? ? CD A LYS 135 ? ? 2.17 
# 
loop_
_pdbx_validate_rmsd_bond.id 
_pdbx_validate_rmsd_bond.PDB_model_num 
_pdbx_validate_rmsd_bond.auth_atom_id_1 
_pdbx_validate_rmsd_bond.auth_asym_id_1 
_pdbx_validate_rmsd_bond.auth_comp_id_1 
_pdbx_validate_rmsd_bond.auth_seq_id_1 
_pdbx_validate_rmsd_bond.PDB_ins_code_1 
_pdbx_validate_rmsd_bond.label_alt_id_1 
_pdbx_validate_rmsd_bond.auth_atom_id_2 
_pdbx_validate_rmsd_bond.auth_asym_id_2 
_pdbx_validate_rmsd_bond.auth_comp_id_2 
_pdbx_validate_rmsd_bond.auth_seq_id_2 
_pdbx_validate_rmsd_bond.PDB_ins_code_2 
_pdbx_validate_rmsd_bond.label_alt_id_2 
_pdbx_validate_rmsd_bond.bond_value 
_pdbx_validate_rmsd_bond.bond_target_value 
_pdbx_validate_rmsd_bond.bond_deviation 
_pdbx_validate_rmsd_bond.bond_standard_deviation 
_pdbx_validate_rmsd_bond.linker_flag 
1 1 CD A GLU 196 ? ? OE1 A GLU 196 ? ? 1.176 1.252 -0.076 0.011 N 
2 1 CD A GLU 196 ? ? OE2 A GLU 196 ? ? 1.176 1.252 -0.076 0.011 N 
# 
loop_
_pdbx_validate_rmsd_angle.id 
_pdbx_validate_rmsd_angle.PDB_model_num 
_pdbx_validate_rmsd_angle.auth_atom_id_1 
_pdbx_validate_rmsd_angle.auth_asym_id_1 
_pdbx_validate_rmsd_angle.auth_comp_id_1 
_pdbx_validate_rmsd_angle.auth_seq_id_1 
_pdbx_validate_rmsd_angle.PDB_ins_code_1 
_pdbx_validate_rmsd_angle.label_alt_id_1 
_pdbx_validate_rmsd_angle.auth_atom_id_2 
_pdbx_validate_rmsd_angle.auth_asym_id_2 
_pdbx_validate_rmsd_angle.auth_comp_id_2 
_pdbx_validate_rmsd_angle.auth_seq_id_2 
_pdbx_validate_rmsd_angle.PDB_ins_code_2 
_pdbx_validate_rmsd_angle.label_alt_id_2 
_pdbx_validate_rmsd_angle.auth_atom_id_3 
_pdbx_validate_rmsd_angle.auth_asym_id_3 
_pdbx_validate_rmsd_angle.auth_comp_id_3 
_pdbx_validate_rmsd_angle.auth_seq_id_3 
_pdbx_validate_rmsd_angle.PDB_ins_code_3 
_pdbx_validate_rmsd_angle.label_alt_id_3 
_pdbx_validate_rmsd_angle.angle_value 
_pdbx_validate_rmsd_angle.angle_target_value 
_pdbx_validate_rmsd_angle.angle_deviation 
_pdbx_validate_rmsd_angle.angle_standard_deviation 
_pdbx_validate_rmsd_angle.linker_flag 
1 1 CB A LEU 85  ? ? CA A LEU 85  ? ? C   A LEU 85  ? ? 121.84 110.20 11.64  1.90 N 
2 1 C  A LEU 126 ? ? N  A PRO 127 ? ? CA  A PRO 127 ? ? 134.14 119.30 14.84  1.50 Y 
3 1 CA A PRO 127 ? ? N  A PRO 127 ? ? CD  A PRO 127 ? ? 100.47 111.70 -11.23 1.40 N 
4 1 CB A ASP 141 ? ? CG A ASP 141 ? ? OD1 A ASP 141 ? ? 124.87 118.30 6.57   0.90 N 
# 
loop_
_pdbx_validate_torsion.id 
_pdbx_validate_torsion.PDB_model_num 
_pdbx_validate_torsion.auth_comp_id 
_pdbx_validate_torsion.auth_asym_id 
_pdbx_validate_torsion.auth_seq_id 
_pdbx_validate_torsion.PDB_ins_code 
_pdbx_validate_torsion.label_alt_id 
_pdbx_validate_torsion.phi 
_pdbx_validate_torsion.psi 
1  1 PRO A 59  ? ? -34.20  -29.36 
2  1 MET A 74  ? ? -37.33  -38.01 
3  1 TYR A 94  ? ? -37.31  -21.75 
4  1 ASP A 97  ? ? -57.48  105.68 
5  1 LYS A 98  ? ? -65.39  14.65  
6  1 PRO A 127 ? ? -14.22  -48.79 
7  1 CYS A 132 ? ? -69.95  72.40  
8  1 GLU A 181 ? ? -62.66  -92.01 
9  1 ARG A 183 ? ? -50.05  104.04 
10 1 VAL A 185 ? ? 64.10   117.49 
11 1 ARG A 204 ? ? -82.66  39.13  
12 1 MET A 205 ? ? -147.23 24.27  
# 
loop_
_pdbx_unobs_or_zero_occ_atoms.id 
_pdbx_unobs_or_zero_occ_atoms.PDB_model_num 
_pdbx_unobs_or_zero_occ_atoms.polymer_flag 
_pdbx_unobs_or_zero_occ_atoms.occupancy_flag 
_pdbx_unobs_or_zero_occ_atoms.auth_asym_id 
_pdbx_unobs_or_zero_occ_atoms.auth_comp_id 
_pdbx_unobs_or_zero_occ_atoms.auth_seq_id 
_pdbx_unobs_or_zero_occ_atoms.PDB_ins_code 
_pdbx_unobs_or_zero_occ_atoms.auth_atom_id 
_pdbx_unobs_or_zero_occ_atoms.label_alt_id 
_pdbx_unobs_or_zero_occ_atoms.label_asym_id 
_pdbx_unobs_or_zero_occ_atoms.label_comp_id 
_pdbx_unobs_or_zero_occ_atoms.label_seq_id 
_pdbx_unobs_or_zero_occ_atoms.label_atom_id 
1 1 Y 1 A GLN 40  ? CD  ? A GLN 60  CD  
2 1 Y 1 A GLN 40  ? OE1 ? A GLN 60  OE1 
3 1 Y 1 A GLN 40  ? NE2 ? A GLN 60  NE2 
4 1 Y 1 A GLU 152 ? CD  ? A GLU 172 CD  
5 1 Y 1 A GLU 152 ? OE1 ? A GLU 172 OE1 
6 1 Y 1 A GLU 152 ? OE2 ? A GLU 172 OE2 
# 
loop_
_pdbx_unobs_or_zero_occ_residues.id 
_pdbx_unobs_or_zero_occ_residues.PDB_model_num 
_pdbx_unobs_or_zero_occ_residues.polymer_flag 
_pdbx_unobs_or_zero_occ_residues.occupancy_flag 
_pdbx_unobs_or_zero_occ_residues.auth_asym_id 
_pdbx_unobs_or_zero_occ_residues.auth_comp_id 
_pdbx_unobs_or_zero_occ_residues.auth_seq_id 
_pdbx_unobs_or_zero_occ_residues.PDB_ins_code 
_pdbx_unobs_or_zero_occ_residues.label_asym_id 
_pdbx_unobs_or_zero_occ_residues.label_comp_id 
_pdbx_unobs_or_zero_occ_residues.label_seq_id 
1  1 Y 1 A MET -19 ? A MET 1   
2  1 Y 1 A GLY -18 ? A GLY 2   
3  1 Y 1 A SER -17 ? A SER 3   
4  1 Y 1 A SER -16 ? A SER 4   
5  1 Y 1 A HIS -15 ? A HIS 5   
6  1 Y 1 A HIS -14 ? A HIS 6   
7  1 Y 1 A HIS -13 ? A HIS 7   
8  1 Y 1 A HIS -12 ? A HIS 8   
9  1 Y 1 A HIS -11 ? A HIS 9   
10 1 Y 1 A HIS -10 ? A HIS 10  
11 1 Y 1 A SER -9  ? A SER 11  
12 1 Y 1 A SER -8  ? A SER 12  
13 1 Y 1 A GLY -7  ? A GLY 13  
14 1 Y 1 A LEU -6  ? A LEU 14  
15 1 Y 1 A VAL -5  ? A VAL 15  
16 1 Y 1 A PRO -4  ? A PRO 16  
17 1 Y 1 A ARG -3  ? A ARG 17  
18 1 Y 1 A GLY -2  ? A GLY 18  
19 1 Y 1 A SER -1  ? A SER 19  
20 1 Y 1 A HIS 0   ? A HIS 20  
21 1 Y 1 A MET 1   ? A MET 21  
22 1 Y 1 A GLU 2   ? A GLU 22  
23 1 Y 1 A THR 3   ? A THR 23  
24 1 Y 1 A LEU 4   ? A LEU 24  
25 1 Y 1 A SER 5   ? A SER 25  
26 1 Y 1 A TYR 6   ? A TYR 26  
27 1 Y 1 A SER 7   ? A SER 27  
28 1 Y 1 A GLN 8   ? A GLN 28  
29 1 Y 1 A ILE 9   ? A ILE 29  
30 1 Y 1 A LYS 10  ? A LYS 30  
31 1 Y 1 A LYS 11  ? A LYS 31  
32 1 Y 1 A ARG 12  ? A ARG 32  
33 1 Y 1 A LYS 13  ? A LYS 33  
34 1 Y 1 A ALA 14  ? A ALA 34  
35 1 Y 1 A ASP 15  ? A ASP 35  
36 1 Y 1 A PHE 16  ? A PHE 36  
37 1 Y 1 A ASP 17  ? A ASP 37  
38 1 Y 1 A GLU 18  ? A GLU 38  
39 1 Y 1 A ASP 19  ? A ASP 39  
40 1 Y 1 A ILE 20  ? A ILE 40  
41 1 Y 1 A SER 21  ? A SER 41  
42 1 Y 1 A LYS 22  ? A LYS 42  
43 1 Y 1 A ARG 23  ? A ARG 43  
44 1 Y 1 A LYS 217 ? A LYS 237 
45 1 Y 1 A ASN 218 ? A ASN 238 
46 1 Y 1 A GLU 219 ? A GLU 239 
47 1 Y 1 A PRO 220 ? A PRO 240 
48 1 Y 1 A LEU 221 ? A LEU 241 
49 1 Y 1 A VAL 222 ? A VAL 242 
50 1 Y 1 A HIS 223 ? A HIS 243 
51 1 Y 1 A GLU 224 ? A GLU 244 
52 1 Y 1 A ARG 225 ? A ARG 245 
# 
loop_
_chem_comp_atom.comp_id 
_chem_comp_atom.atom_id 
_chem_comp_atom.type_symbol 
_chem_comp_atom.pdbx_aromatic_flag 
_chem_comp_atom.pdbx_stereo_config 
_chem_comp_atom.pdbx_ordinal 
ALA N    N N N 1   
ALA CA   C N S 2   
ALA C    C N N 3   
ALA O    O N N 4   
ALA CB   C N N 5   
ALA OXT  O N N 6   
ALA H    H N N 7   
ALA H2   H N N 8   
ALA HA   H N N 9   
ALA HB1  H N N 10  
ALA HB2  H N N 11  
ALA HB3  H N N 12  
ALA HXT  H N N 13  
ARG N    N N N 14  
ARG CA   C N S 15  
ARG C    C N N 16  
ARG O    O N N 17  
ARG CB   C N N 18  
ARG CG   C N N 19  
ARG CD   C N N 20  
ARG NE   N N N 21  
ARG CZ   C N N 22  
ARG NH1  N N N 23  
ARG NH2  N N N 24  
ARG OXT  O N N 25  
ARG H    H N N 26  
ARG H2   H N N 27  
ARG HA   H N N 28  
ARG HB2  H N N 29  
ARG HB3  H N N 30  
ARG HG2  H N N 31  
ARG HG3  H N N 32  
ARG HD2  H N N 33  
ARG HD3  H N N 34  
ARG HE   H N N 35  
ARG HH11 H N N 36  
ARG HH12 H N N 37  
ARG HH21 H N N 38  
ARG HH22 H N N 39  
ARG HXT  H N N 40  
ASN N    N N N 41  
ASN CA   C N S 42  
ASN C    C N N 43  
ASN O    O N N 44  
ASN CB   C N N 45  
ASN CG   C N N 46  
ASN OD1  O N N 47  
ASN ND2  N N N 48  
ASN OXT  O N N 49  
ASN H    H N N 50  
ASN H2   H N N 51  
ASN HA   H N N 52  
ASN HB2  H N N 53  
ASN HB3  H N N 54  
ASN HD21 H N N 55  
ASN HD22 H N N 56  
ASN HXT  H N N 57  
ASP N    N N N 58  
ASP CA   C N S 59  
ASP C    C N N 60  
ASP O    O N N 61  
ASP CB   C N N 62  
ASP CG   C N N 63  
ASP OD1  O N N 64  
ASP OD2  O N N 65  
ASP OXT  O N N 66  
ASP H    H N N 67  
ASP H2   H N N 68  
ASP HA   H N N 69  
ASP HB2  H N N 70  
ASP HB3  H N N 71  
ASP HD2  H N N 72  
ASP HXT  H N N 73  
CYS N    N N N 74  
CYS CA   C N R 75  
CYS C    C N N 76  
CYS O    O N N 77  
CYS CB   C N N 78  
CYS SG   S N N 79  
CYS OXT  O N N 80  
CYS H    H N N 81  
CYS H2   H N N 82  
CYS HA   H N N 83  
CYS HB2  H N N 84  
CYS HB3  H N N 85  
CYS HG   H N N 86  
CYS HXT  H N N 87  
GLN N    N N N 88  
GLN CA   C N S 89  
GLN C    C N N 90  
GLN O    O N N 91  
GLN CB   C N N 92  
GLN CG   C N N 93  
GLN CD   C N N 94  
GLN OE1  O N N 95  
GLN NE2  N N N 96  
GLN OXT  O N N 97  
GLN H    H N N 98  
GLN H2   H N N 99  
GLN HA   H N N 100 
GLN HB2  H N N 101 
GLN HB3  H N N 102 
GLN HG2  H N N 103 
GLN HG3  H N N 104 
GLN HE21 H N N 105 
GLN HE22 H N N 106 
GLN HXT  H N N 107 
GLU N    N N N 108 
GLU CA   C N S 109 
GLU C    C N N 110 
GLU O    O N N 111 
GLU CB   C N N 112 
GLU CG   C N N 113 
GLU CD   C N N 114 
GLU OE1  O N N 115 
GLU OE2  O N N 116 
GLU OXT  O N N 117 
GLU H    H N N 118 
GLU H2   H N N 119 
GLU HA   H N N 120 
GLU HB2  H N N 121 
GLU HB3  H N N 122 
GLU HG2  H N N 123 
GLU HG3  H N N 124 
GLU HE2  H N N 125 
GLU HXT  H N N 126 
GLY N    N N N 127 
GLY CA   C N N 128 
GLY C    C N N 129 
GLY O    O N N 130 
GLY OXT  O N N 131 
GLY H    H N N 132 
GLY H2   H N N 133 
GLY HA2  H N N 134 
GLY HA3  H N N 135 
GLY HXT  H N N 136 
HIS N    N N N 137 
HIS CA   C N S 138 
HIS C    C N N 139 
HIS O    O N N 140 
HIS CB   C N N 141 
HIS CG   C Y N 142 
HIS ND1  N Y N 143 
HIS CD2  C Y N 144 
HIS CE1  C Y N 145 
HIS NE2  N Y N 146 
HIS OXT  O N N 147 
HIS H    H N N 148 
HIS H2   H N N 149 
HIS HA   H N N 150 
HIS HB2  H N N 151 
HIS HB3  H N N 152 
HIS HD1  H N N 153 
HIS HD2  H N N 154 
HIS HE1  H N N 155 
HIS HE2  H N N 156 
HIS HXT  H N N 157 
HOH O    O N N 158 
HOH H1   H N N 159 
HOH H2   H N N 160 
ILE N    N N N 161 
ILE CA   C N S 162 
ILE C    C N N 163 
ILE O    O N N 164 
ILE CB   C N S 165 
ILE CG1  C N N 166 
ILE CG2  C N N 167 
ILE CD1  C N N 168 
ILE OXT  O N N 169 
ILE H    H N N 170 
ILE H2   H N N 171 
ILE HA   H N N 172 
ILE HB   H N N 173 
ILE HG12 H N N 174 
ILE HG13 H N N 175 
ILE HG21 H N N 176 
ILE HG22 H N N 177 
ILE HG23 H N N 178 
ILE HD11 H N N 179 
ILE HD12 H N N 180 
ILE HD13 H N N 181 
ILE HXT  H N N 182 
LEU N    N N N 183 
LEU CA   C N S 184 
LEU C    C N N 185 
LEU O    O N N 186 
LEU CB   C N N 187 
LEU CG   C N N 188 
LEU CD1  C N N 189 
LEU CD2  C N N 190 
LEU OXT  O N N 191 
LEU H    H N N 192 
LEU H2   H N N 193 
LEU HA   H N N 194 
LEU HB2  H N N 195 
LEU HB3  H N N 196 
LEU HG   H N N 197 
LEU HD11 H N N 198 
LEU HD12 H N N 199 
LEU HD13 H N N 200 
LEU HD21 H N N 201 
LEU HD22 H N N 202 
LEU HD23 H N N 203 
LEU HXT  H N N 204 
LYS N    N N N 205 
LYS CA   C N S 206 
LYS C    C N N 207 
LYS O    O N N 208 
LYS CB   C N N 209 
LYS CG   C N N 210 
LYS CD   C N N 211 
LYS CE   C N N 212 
LYS NZ   N N N 213 
LYS OXT  O N N 214 
LYS H    H N N 215 
LYS H2   H N N 216 
LYS HA   H N N 217 
LYS HB2  H N N 218 
LYS HB3  H N N 219 
LYS HG2  H N N 220 
LYS HG3  H N N 221 
LYS HD2  H N N 222 
LYS HD3  H N N 223 
LYS HE2  H N N 224 
LYS HE3  H N N 225 
LYS HZ1  H N N 226 
LYS HZ2  H N N 227 
LYS HZ3  H N N 228 
LYS HXT  H N N 229 
MET N    N N N 230 
MET CA   C N S 231 
MET C    C N N 232 
MET O    O N N 233 
MET CB   C N N 234 
MET CG   C N N 235 
MET SD   S N N 236 
MET CE   C N N 237 
MET OXT  O N N 238 
MET H    H N N 239 
MET H2   H N N 240 
MET HA   H N N 241 
MET HB2  H N N 242 
MET HB3  H N N 243 
MET HG2  H N N 244 
MET HG3  H N N 245 
MET HE1  H N N 246 
MET HE2  H N N 247 
MET HE3  H N N 248 
MET HXT  H N N 249 
PHE N    N N N 250 
PHE CA   C N S 251 
PHE C    C N N 252 
PHE O    O N N 253 
PHE CB   C N N 254 
PHE CG   C Y N 255 
PHE CD1  C Y N 256 
PHE CD2  C Y N 257 
PHE CE1  C Y N 258 
PHE CE2  C Y N 259 
PHE CZ   C Y N 260 
PHE OXT  O N N 261 
PHE H    H N N 262 
PHE H2   H N N 263 
PHE HA   H N N 264 
PHE HB2  H N N 265 
PHE HB3  H N N 266 
PHE HD1  H N N 267 
PHE HD2  H N N 268 
PHE HE1  H N N 269 
PHE HE2  H N N 270 
PHE HZ   H N N 271 
PHE HXT  H N N 272 
PRO N    N N N 273 
PRO CA   C N S 274 
PRO C    C N N 275 
PRO O    O N N 276 
PRO CB   C N N 277 
PRO CG   C N N 278 
PRO CD   C N N 279 
PRO OXT  O N N 280 
PRO H    H N N 281 
PRO HA   H N N 282 
PRO HB2  H N N 283 
PRO HB3  H N N 284 
PRO HG2  H N N 285 
PRO HG3  H N N 286 
PRO HD2  H N N 287 
PRO HD3  H N N 288 
PRO HXT  H N N 289 
SER N    N N N 290 
SER CA   C N S 291 
SER C    C N N 292 
SER O    O N N 293 
SER CB   C N N 294 
SER OG   O N N 295 
SER OXT  O N N 296 
SER H    H N N 297 
SER H2   H N N 298 
SER HA   H N N 299 
SER HB2  H N N 300 
SER HB3  H N N 301 
SER HG   H N N 302 
SER HXT  H N N 303 
THR N    N N N 304 
THR CA   C N S 305 
THR C    C N N 306 
THR O    O N N 307 
THR CB   C N R 308 
THR OG1  O N N 309 
THR CG2  C N N 310 
THR OXT  O N N 311 
THR H    H N N 312 
THR H2   H N N 313 
THR HA   H N N 314 
THR HB   H N N 315 
THR HG1  H N N 316 
THR HG21 H N N 317 
THR HG22 H N N 318 
THR HG23 H N N 319 
THR HXT  H N N 320 
TRP N    N N N 321 
TRP CA   C N S 322 
TRP C    C N N 323 
TRP O    O N N 324 
TRP CB   C N N 325 
TRP CG   C Y N 326 
TRP CD1  C Y N 327 
TRP CD2  C Y N 328 
TRP NE1  N Y N 329 
TRP CE2  C Y N 330 
TRP CE3  C Y N 331 
TRP CZ2  C Y N 332 
TRP CZ3  C Y N 333 
TRP CH2  C Y N 334 
TRP OXT  O N N 335 
TRP H    H N N 336 
TRP H2   H N N 337 
TRP HA   H N N 338 
TRP HB2  H N N 339 
TRP HB3  H N N 340 
TRP HD1  H N N 341 
TRP HE1  H N N 342 
TRP HE3  H N N 343 
TRP HZ2  H N N 344 
TRP HZ3  H N N 345 
TRP HH2  H N N 346 
TRP HXT  H N N 347 
TYR N    N N N 348 
TYR CA   C N S 349 
TYR C    C N N 350 
TYR O    O N N 351 
TYR CB   C N N 352 
TYR CG   C Y N 353 
TYR CD1  C Y N 354 
TYR CD2  C Y N 355 
TYR CE1  C Y N 356 
TYR CE2  C Y N 357 
TYR CZ   C Y N 358 
TYR OH   O N N 359 
TYR OXT  O N N 360 
TYR H    H N N 361 
TYR H2   H N N 362 
TYR HA   H N N 363 
TYR HB2  H N N 364 
TYR HB3  H N N 365 
TYR HD1  H N N 366 
TYR HD2  H N N 367 
TYR HE1  H N N 368 
TYR HE2  H N N 369 
TYR HH   H N N 370 
TYR HXT  H N N 371 
VAL N    N N N 372 
VAL CA   C N S 373 
VAL C    C N N 374 
VAL O    O N N 375 
VAL CB   C N N 376 
VAL CG1  C N N 377 
VAL CG2  C N N 378 
VAL OXT  O N N 379 
VAL H    H N N 380 
VAL H2   H N N 381 
VAL HA   H N N 382 
VAL HB   H N N 383 
VAL HG11 H N N 384 
VAL HG12 H N N 385 
VAL HG13 H N N 386 
VAL HG21 H N N 387 
VAL HG22 H N N 388 
VAL HG23 H N N 389 
VAL HXT  H N N 390 
# 
loop_
_chem_comp_bond.comp_id 
_chem_comp_bond.atom_id_1 
_chem_comp_bond.atom_id_2 
_chem_comp_bond.value_order 
_chem_comp_bond.pdbx_aromatic_flag 
_chem_comp_bond.pdbx_stereo_config 
_chem_comp_bond.pdbx_ordinal 
ALA N   CA   sing N N 1   
ALA N   H    sing N N 2   
ALA N   H2   sing N N 3   
ALA CA  C    sing N N 4   
ALA CA  CB   sing N N 5   
ALA CA  HA   sing N N 6   
ALA C   O    doub N N 7   
ALA C   OXT  sing N N 8   
ALA CB  HB1  sing N N 9   
ALA CB  HB2  sing N N 10  
ALA CB  HB3  sing N N 11  
ALA OXT HXT  sing N N 12  
ARG N   CA   sing N N 13  
ARG N   H    sing N N 14  
ARG N   H2   sing N N 15  
ARG CA  C    sing N N 16  
ARG CA  CB   sing N N 17  
ARG CA  HA   sing N N 18  
ARG C   O    doub N N 19  
ARG C   OXT  sing N N 20  
ARG CB  CG   sing N N 21  
ARG CB  HB2  sing N N 22  
ARG CB  HB3  sing N N 23  
ARG CG  CD   sing N N 24  
ARG CG  HG2  sing N N 25  
ARG CG  HG3  sing N N 26  
ARG CD  NE   sing N N 27  
ARG CD  HD2  sing N N 28  
ARG CD  HD3  sing N N 29  
ARG NE  CZ   sing N N 30  
ARG NE  HE   sing N N 31  
ARG CZ  NH1  sing N N 32  
ARG CZ  NH2  doub N N 33  
ARG NH1 HH11 sing N N 34  
ARG NH1 HH12 sing N N 35  
ARG NH2 HH21 sing N N 36  
ARG NH2 HH22 sing N N 37  
ARG OXT HXT  sing N N 38  
ASN N   CA   sing N N 39  
ASN N   H    sing N N 40  
ASN N   H2   sing N N 41  
ASN CA  C    sing N N 42  
ASN CA  CB   sing N N 43  
ASN CA  HA   sing N N 44  
ASN C   O    doub N N 45  
ASN C   OXT  sing N N 46  
ASN CB  CG   sing N N 47  
ASN CB  HB2  sing N N 48  
ASN CB  HB3  sing N N 49  
ASN CG  OD1  doub N N 50  
ASN CG  ND2  sing N N 51  
ASN ND2 HD21 sing N N 52  
ASN ND2 HD22 sing N N 53  
ASN OXT HXT  sing N N 54  
ASP N   CA   sing N N 55  
ASP N   H    sing N N 56  
ASP N   H2   sing N N 57  
ASP CA  C    sing N N 58  
ASP CA  CB   sing N N 59  
ASP CA  HA   sing N N 60  
ASP C   O    doub N N 61  
ASP C   OXT  sing N N 62  
ASP CB  CG   sing N N 63  
ASP CB  HB2  sing N N 64  
ASP CB  HB3  sing N N 65  
ASP CG  OD1  doub N N 66  
ASP CG  OD2  sing N N 67  
ASP OD2 HD2  sing N N 68  
ASP OXT HXT  sing N N 69  
CYS N   CA   sing N N 70  
CYS N   H    sing N N 71  
CYS N   H2   sing N N 72  
CYS CA  C    sing N N 73  
CYS CA  CB   sing N N 74  
CYS CA  HA   sing N N 75  
CYS C   O    doub N N 76  
CYS C   OXT  sing N N 77  
CYS CB  SG   sing N N 78  
CYS CB  HB2  sing N N 79  
CYS CB  HB3  sing N N 80  
CYS SG  HG   sing N N 81  
CYS OXT HXT  sing N N 82  
GLN N   CA   sing N N 83  
GLN N   H    sing N N 84  
GLN N   H2   sing N N 85  
GLN CA  C    sing N N 86  
GLN CA  CB   sing N N 87  
GLN CA  HA   sing N N 88  
GLN C   O    doub N N 89  
GLN C   OXT  sing N N 90  
GLN CB  CG   sing N N 91  
GLN CB  HB2  sing N N 92  
GLN CB  HB3  sing N N 93  
GLN CG  CD   sing N N 94  
GLN CG  HG2  sing N N 95  
GLN CG  HG3  sing N N 96  
GLN CD  OE1  doub N N 97  
GLN CD  NE2  sing N N 98  
GLN NE2 HE21 sing N N 99  
GLN NE2 HE22 sing N N 100 
GLN OXT HXT  sing N N 101 
GLU N   CA   sing N N 102 
GLU N   H    sing N N 103 
GLU N   H2   sing N N 104 
GLU CA  C    sing N N 105 
GLU CA  CB   sing N N 106 
GLU CA  HA   sing N N 107 
GLU C   O    doub N N 108 
GLU C   OXT  sing N N 109 
GLU CB  CG   sing N N 110 
GLU CB  HB2  sing N N 111 
GLU CB  HB3  sing N N 112 
GLU CG  CD   sing N N 113 
GLU CG  HG2  sing N N 114 
GLU CG  HG3  sing N N 115 
GLU CD  OE1  doub N N 116 
GLU CD  OE2  sing N N 117 
GLU OE2 HE2  sing N N 118 
GLU OXT HXT  sing N N 119 
GLY N   CA   sing N N 120 
GLY N   H    sing N N 121 
GLY N   H2   sing N N 122 
GLY CA  C    sing N N 123 
GLY CA  HA2  sing N N 124 
GLY CA  HA3  sing N N 125 
GLY C   O    doub N N 126 
GLY C   OXT  sing N N 127 
GLY OXT HXT  sing N N 128 
HIS N   CA   sing N N 129 
HIS N   H    sing N N 130 
HIS N   H2   sing N N 131 
HIS CA  C    sing N N 132 
HIS CA  CB   sing N N 133 
HIS CA  HA   sing N N 134 
HIS C   O    doub N N 135 
HIS C   OXT  sing N N 136 
HIS CB  CG   sing N N 137 
HIS CB  HB2  sing N N 138 
HIS CB  HB3  sing N N 139 
HIS CG  ND1  sing Y N 140 
HIS CG  CD2  doub Y N 141 
HIS ND1 CE1  doub Y N 142 
HIS ND1 HD1  sing N N 143 
HIS CD2 NE2  sing Y N 144 
HIS CD2 HD2  sing N N 145 
HIS CE1 NE2  sing Y N 146 
HIS CE1 HE1  sing N N 147 
HIS NE2 HE2  sing N N 148 
HIS OXT HXT  sing N N 149 
HOH O   H1   sing N N 150 
HOH O   H2   sing N N 151 
ILE N   CA   sing N N 152 
ILE N   H    sing N N 153 
ILE N   H2   sing N N 154 
ILE CA  C    sing N N 155 
ILE CA  CB   sing N N 156 
ILE CA  HA   sing N N 157 
ILE C   O    doub N N 158 
ILE C   OXT  sing N N 159 
ILE CB  CG1  sing N N 160 
ILE CB  CG2  sing N N 161 
ILE CB  HB   sing N N 162 
ILE CG1 CD1  sing N N 163 
ILE CG1 HG12 sing N N 164 
ILE CG1 HG13 sing N N 165 
ILE CG2 HG21 sing N N 166 
ILE CG2 HG22 sing N N 167 
ILE CG2 HG23 sing N N 168 
ILE CD1 HD11 sing N N 169 
ILE CD1 HD12 sing N N 170 
ILE CD1 HD13 sing N N 171 
ILE OXT HXT  sing N N 172 
LEU N   CA   sing N N 173 
LEU N   H    sing N N 174 
LEU N   H2   sing N N 175 
LEU CA  C    sing N N 176 
LEU CA  CB   sing N N 177 
LEU CA  HA   sing N N 178 
LEU C   O    doub N N 179 
LEU C   OXT  sing N N 180 
LEU CB  CG   sing N N 181 
LEU CB  HB2  sing N N 182 
LEU CB  HB3  sing N N 183 
LEU CG  CD1  sing N N 184 
LEU CG  CD2  sing N N 185 
LEU CG  HG   sing N N 186 
LEU CD1 HD11 sing N N 187 
LEU CD1 HD12 sing N N 188 
LEU CD1 HD13 sing N N 189 
LEU CD2 HD21 sing N N 190 
LEU CD2 HD22 sing N N 191 
LEU CD2 HD23 sing N N 192 
LEU OXT HXT  sing N N 193 
LYS N   CA   sing N N 194 
LYS N   H    sing N N 195 
LYS N   H2   sing N N 196 
LYS CA  C    sing N N 197 
LYS CA  CB   sing N N 198 
LYS CA  HA   sing N N 199 
LYS C   O    doub N N 200 
LYS C   OXT  sing N N 201 
LYS CB  CG   sing N N 202 
LYS CB  HB2  sing N N 203 
LYS CB  HB3  sing N N 204 
LYS CG  CD   sing N N 205 
LYS CG  HG2  sing N N 206 
LYS CG  HG3  sing N N 207 
LYS CD  CE   sing N N 208 
LYS CD  HD2  sing N N 209 
LYS CD  HD3  sing N N 210 
LYS CE  NZ   sing N N 211 
LYS CE  HE2  sing N N 212 
LYS CE  HE3  sing N N 213 
LYS NZ  HZ1  sing N N 214 
LYS NZ  HZ2  sing N N 215 
LYS NZ  HZ3  sing N N 216 
LYS OXT HXT  sing N N 217 
MET N   CA   sing N N 218 
MET N   H    sing N N 219 
MET N   H2   sing N N 220 
MET CA  C    sing N N 221 
MET CA  CB   sing N N 222 
MET CA  HA   sing N N 223 
MET C   O    doub N N 224 
MET C   OXT  sing N N 225 
MET CB  CG   sing N N 226 
MET CB  HB2  sing N N 227 
MET CB  HB3  sing N N 228 
MET CG  SD   sing N N 229 
MET CG  HG2  sing N N 230 
MET CG  HG3  sing N N 231 
MET SD  CE   sing N N 232 
MET CE  HE1  sing N N 233 
MET CE  HE2  sing N N 234 
MET CE  HE3  sing N N 235 
MET OXT HXT  sing N N 236 
PHE N   CA   sing N N 237 
PHE N   H    sing N N 238 
PHE N   H2   sing N N 239 
PHE CA  C    sing N N 240 
PHE CA  CB   sing N N 241 
PHE CA  HA   sing N N 242 
PHE C   O    doub N N 243 
PHE C   OXT  sing N N 244 
PHE CB  CG   sing N N 245 
PHE CB  HB2  sing N N 246 
PHE CB  HB3  sing N N 247 
PHE CG  CD1  doub Y N 248 
PHE CG  CD2  sing Y N 249 
PHE CD1 CE1  sing Y N 250 
PHE CD1 HD1  sing N N 251 
PHE CD2 CE2  doub Y N 252 
PHE CD2 HD2  sing N N 253 
PHE CE1 CZ   doub Y N 254 
PHE CE1 HE1  sing N N 255 
PHE CE2 CZ   sing Y N 256 
PHE CE2 HE2  sing N N 257 
PHE CZ  HZ   sing N N 258 
PHE OXT HXT  sing N N 259 
PRO N   CA   sing N N 260 
PRO N   CD   sing N N 261 
PRO N   H    sing N N 262 
PRO CA  C    sing N N 263 
PRO CA  CB   sing N N 264 
PRO CA  HA   sing N N 265 
PRO C   O    doub N N 266 
PRO C   OXT  sing N N 267 
PRO CB  CG   sing N N 268 
PRO CB  HB2  sing N N 269 
PRO CB  HB3  sing N N 270 
PRO CG  CD   sing N N 271 
PRO CG  HG2  sing N N 272 
PRO CG  HG3  sing N N 273 
PRO CD  HD2  sing N N 274 
PRO CD  HD3  sing N N 275 
PRO OXT HXT  sing N N 276 
SER N   CA   sing N N 277 
SER N   H    sing N N 278 
SER N   H2   sing N N 279 
SER CA  C    sing N N 280 
SER CA  CB   sing N N 281 
SER CA  HA   sing N N 282 
SER C   O    doub N N 283 
SER C   OXT  sing N N 284 
SER CB  OG   sing N N 285 
SER CB  HB2  sing N N 286 
SER CB  HB3  sing N N 287 
SER OG  HG   sing N N 288 
SER OXT HXT  sing N N 289 
THR N   CA   sing N N 290 
THR N   H    sing N N 291 
THR N   H2   sing N N 292 
THR CA  C    sing N N 293 
THR CA  CB   sing N N 294 
THR CA  HA   sing N N 295 
THR C   O    doub N N 296 
THR C   OXT  sing N N 297 
THR CB  OG1  sing N N 298 
THR CB  CG2  sing N N 299 
THR CB  HB   sing N N 300 
THR OG1 HG1  sing N N 301 
THR CG2 HG21 sing N N 302 
THR CG2 HG22 sing N N 303 
THR CG2 HG23 sing N N 304 
THR OXT HXT  sing N N 305 
TRP N   CA   sing N N 306 
TRP N   H    sing N N 307 
TRP N   H2   sing N N 308 
TRP CA  C    sing N N 309 
TRP CA  CB   sing N N 310 
TRP CA  HA   sing N N 311 
TRP C   O    doub N N 312 
TRP C   OXT  sing N N 313 
TRP CB  CG   sing N N 314 
TRP CB  HB2  sing N N 315 
TRP CB  HB3  sing N N 316 
TRP CG  CD1  doub Y N 317 
TRP CG  CD2  sing Y N 318 
TRP CD1 NE1  sing Y N 319 
TRP CD1 HD1  sing N N 320 
TRP CD2 CE2  doub Y N 321 
TRP CD2 CE3  sing Y N 322 
TRP NE1 CE2  sing Y N 323 
TRP NE1 HE1  sing N N 324 
TRP CE2 CZ2  sing Y N 325 
TRP CE3 CZ3  doub Y N 326 
TRP CE3 HE3  sing N N 327 
TRP CZ2 CH2  doub Y N 328 
TRP CZ2 HZ2  sing N N 329 
TRP CZ3 CH2  sing Y N 330 
TRP CZ3 HZ3  sing N N 331 
TRP CH2 HH2  sing N N 332 
TRP OXT HXT  sing N N 333 
TYR N   CA   sing N N 334 
TYR N   H    sing N N 335 
TYR N   H2   sing N N 336 
TYR CA  C    sing N N 337 
TYR CA  CB   sing N N 338 
TYR CA  HA   sing N N 339 
TYR C   O    doub N N 340 
TYR C   OXT  sing N N 341 
TYR CB  CG   sing N N 342 
TYR CB  HB2  sing N N 343 
TYR CB  HB3  sing N N 344 
TYR CG  CD1  doub Y N 345 
TYR CG  CD2  sing Y N 346 
TYR CD1 CE1  sing Y N 347 
TYR CD1 HD1  sing N N 348 
TYR CD2 CE2  doub Y N 349 
TYR CD2 HD2  sing N N 350 
TYR CE1 CZ   doub Y N 351 
TYR CE1 HE1  sing N N 352 
TYR CE2 CZ   sing Y N 353 
TYR CE2 HE2  sing N N 354 
TYR CZ  OH   sing N N 355 
TYR OH  HH   sing N N 356 
TYR OXT HXT  sing N N 357 
VAL N   CA   sing N N 358 
VAL N   H    sing N N 359 
VAL N   H2   sing N N 360 
VAL CA  C    sing N N 361 
VAL CA  CB   sing N N 362 
VAL CA  HA   sing N N 363 
VAL C   O    doub N N 364 
VAL C   OXT  sing N N 365 
VAL CB  CG1  sing N N 366 
VAL CB  CG2  sing N N 367 
VAL CB  HB   sing N N 368 
VAL CG1 HG11 sing N N 369 
VAL CG1 HG12 sing N N 370 
VAL CG1 HG13 sing N N 371 
VAL CG2 HG21 sing N N 372 
VAL CG2 HG22 sing N N 373 
VAL CG2 HG23 sing N N 374 
VAL OXT HXT  sing N N 375 
# 
_pdbx_entity_nonpoly.entity_id   2 
_pdbx_entity_nonpoly.name        water 
_pdbx_entity_nonpoly.comp_id     HOH 
# 
_pdbx_initial_refinement_model.id               1 
_pdbx_initial_refinement_model.entity_id_list   ? 
_pdbx_initial_refinement_model.type             'experimental model' 
_pdbx_initial_refinement_model.source_name      PDB 
_pdbx_initial_refinement_model.accession_code   3KRH 
_pdbx_initial_refinement_model.details          'PDB entry 3KRH' 
# 
